data_1LGP
# 
_entry.id   1LGP 
# 
_audit_conform.dict_name       mmcif_pdbx.dic 
_audit_conform.dict_version    5.392 
_audit_conform.dict_location   http://mmcif.pdb.org/dictionaries/ascii/mmcif_pdbx.dic 
# 
loop_
_database_2.database_id 
_database_2.database_code 
_database_2.pdbx_database_accession 
_database_2.pdbx_DOI 
PDB   1LGP         pdb_00001lgp 10.2210/pdb1lgp/pdb 
RCSB  RCSB015935   ?            ?                   
WWPDB D_1000015935 ?            ?                   
# 
loop_
_pdbx_audit_revision_history.ordinal 
_pdbx_audit_revision_history.data_content_type 
_pdbx_audit_revision_history.major_revision 
_pdbx_audit_revision_history.minor_revision 
_pdbx_audit_revision_history.revision_date 
1 'Structure model' 1 0 2002-05-08 
2 'Structure model' 1 1 2008-04-28 
3 'Structure model' 1 2 2011-07-13 
4 'Structure model' 1 3 2017-10-11 
5 'Structure model' 1 4 2022-12-21 
6 'Structure model' 1 5 2024-05-22 
# 
_pdbx_audit_revision_details.ordinal             1 
_pdbx_audit_revision_details.revision_ordinal    1 
_pdbx_audit_revision_details.data_content_type   'Structure model' 
_pdbx_audit_revision_details.provider            repository 
_pdbx_audit_revision_details.type                'Initial release' 
_pdbx_audit_revision_details.description         ? 
_pdbx_audit_revision_details.details             ? 
# 
loop_
_pdbx_audit_revision_group.ordinal 
_pdbx_audit_revision_group.revision_ordinal 
_pdbx_audit_revision_group.data_content_type 
_pdbx_audit_revision_group.group 
1 2 'Structure model' 'Version format compliance' 
2 3 'Structure model' 'Derived calculations'      
3 3 'Structure model' 'Version format compliance' 
4 4 'Structure model' 'Refinement description'    
5 5 'Structure model' 'Database references'       
6 5 'Structure model' 'Derived calculations'      
7 6 'Structure model' 'Data collection'           
# 
loop_
_pdbx_audit_revision_category.ordinal 
_pdbx_audit_revision_category.revision_ordinal 
_pdbx_audit_revision_category.data_content_type 
_pdbx_audit_revision_category.category 
1 4 'Structure model' software           
2 5 'Structure model' database_2         
3 5 'Structure model' struct_ref_seq_dif 
4 5 'Structure model' struct_site        
5 6 'Structure model' chem_comp_atom     
6 6 'Structure model' chem_comp_bond     
# 
loop_
_pdbx_audit_revision_item.ordinal 
_pdbx_audit_revision_item.revision_ordinal 
_pdbx_audit_revision_item.data_content_type 
_pdbx_audit_revision_item.item 
1 5 'Structure model' '_database_2.pdbx_DOI'                
2 5 'Structure model' '_database_2.pdbx_database_accession' 
3 5 'Structure model' '_struct_ref_seq_dif.details'         
4 5 'Structure model' '_struct_site.pdbx_auth_asym_id'      
5 5 'Structure model' '_struct_site.pdbx_auth_comp_id'      
6 5 'Structure model' '_struct_site.pdbx_auth_seq_id'       
# 
_pdbx_database_status.status_code                     REL 
_pdbx_database_status.entry_id                        1LGP 
_pdbx_database_status.recvd_initial_deposition_date   2002-04-16 
_pdbx_database_status.deposit_site                    RCSB 
_pdbx_database_status.process_site                    RCSB 
_pdbx_database_status.status_code_sf                  REL 
_pdbx_database_status.SG_entry                        . 
_pdbx_database_status.pdb_format_compatible           Y 
_pdbx_database_status.status_code_mr                  ? 
_pdbx_database_status.status_code_cs                  ? 
_pdbx_database_status.methods_development_category    ? 
_pdbx_database_status.status_code_nmr_data            ? 
# 
_pdbx_database_related.db_name        PDB 
_pdbx_database_related.db_id          1LGQ 
_pdbx_database_related.details        
'Crystal structure of the FHA domain of the Chfr mitotic checkpoint protein complexed with tungstate' 
_pdbx_database_related.content_type   unspecified 
# 
loop_
_audit_author.name 
_audit_author.pdbx_ordinal 
'Stavridi, E.S.'    1 
'Huyen, Y.'         2 
'Loreto, I.R.'      3 
'Scolnick, D.M.'    4 
'Halazonetis, T.D.' 5 
'Pavletich, N.P.'   6 
'Jeffrey, P.D.'     7 
# 
_citation.id                        primary 
_citation.title                     
'Crystal structure of the FHA domain of the Chfr mitotic checkpoint protein and its complex with tungstate.' 
_citation.journal_abbrev            Structure 
_citation.journal_volume            10 
_citation.page_first                891 
_citation.page_last                 899 
_citation.year                      2002 
_citation.journal_id_ASTM           STRUE6 
_citation.country                   UK 
_citation.journal_id_ISSN           0969-2126 
_citation.journal_id_CSD            2005 
_citation.book_publisher            ? 
_citation.pdbx_database_id_PubMed   12121644 
_citation.pdbx_database_id_DOI      '10.1016/S0969-2126(02)00776-1' 
# 
loop_
_citation_author.citation_id 
_citation_author.name 
_citation_author.ordinal 
_citation_author.identifier_ORCID 
primary 'Stavridi, E.S.'    1 ? 
primary 'Huyen, Y.'         2 ? 
primary 'Loreto, I.R.'      3 ? 
primary 'Scolnick, D.M.'    4 ? 
primary 'Halazonetis, T.D.' 5 ? 
primary 'Pavletich, N.P.'   6 ? 
primary 'Jeffrey, P.D.'     7 ? 
# 
loop_
_entity.id 
_entity.type 
_entity.src_method 
_entity.pdbx_description 
_entity.formula_weight 
_entity.pdbx_number_of_molecules 
_entity.pdbx_ec 
_entity.pdbx_mutation 
_entity.pdbx_fragment 
_entity.details 
1 polymer     man 'cell cycle checkpoint protein CHFR' 13203.084 1  ? ? 'fha domain' ? 
2 non-polymer syn 'TUNGSTATE(VI)ION'                   247.838   1  ? ? ?            ? 
3 water       nat water                                18.015    63 ? ? ?            ? 
# 
_entity_poly.entity_id                      1 
_entity_poly.type                           'polypeptide(L)' 
_entity_poly.nstd_linkage                   no 
_entity_poly.nstd_monomer                   no 
_entity_poly.pdbx_seq_one_letter_code       
;MQPWGRLLRLGAEEGEPHVLLRKREWTIGRRRGCDLSFPSNKLVSGDHCRIVVDEKSGQVTLEDTSTSGTVINKLKVVKK
QTCPLQTGDVIYLVYRKNEPEHNVAYLYESLSEKQG
;
_entity_poly.pdbx_seq_one_letter_code_can   
;MQPWGRLLRLGAEEGEPHVLLRKREWTIGRRRGCDLSFPSNKLVSGDHCRIVVDEKSGQVTLEDTSTSGTVINKLKVVKK
QTCPLQTGDVIYLVYRKNEPEHNVAYLYESLSEKQG
;
_entity_poly.pdbx_strand_id                 A 
_entity_poly.pdbx_target_identifier         ? 
# 
loop_
_pdbx_entity_nonpoly.entity_id 
_pdbx_entity_nonpoly.name 
_pdbx_entity_nonpoly.comp_id 
2 'TUNGSTATE(VI)ION' WO4 
3 water              HOH 
# 
loop_
_entity_poly_seq.entity_id 
_entity_poly_seq.num 
_entity_poly_seq.mon_id 
_entity_poly_seq.hetero 
1 1   MET n 
1 2   GLN n 
1 3   PRO n 
1 4   TRP n 
1 5   GLY n 
1 6   ARG n 
1 7   LEU n 
1 8   LEU n 
1 9   ARG n 
1 10  LEU n 
1 11  GLY n 
1 12  ALA n 
1 13  GLU n 
1 14  GLU n 
1 15  GLY n 
1 16  GLU n 
1 17  PRO n 
1 18  HIS n 
1 19  VAL n 
1 20  LEU n 
1 21  LEU n 
1 22  ARG n 
1 23  LYS n 
1 24  ARG n 
1 25  GLU n 
1 26  TRP n 
1 27  THR n 
1 28  ILE n 
1 29  GLY n 
1 30  ARG n 
1 31  ARG n 
1 32  ARG n 
1 33  GLY n 
1 34  CYS n 
1 35  ASP n 
1 36  LEU n 
1 37  SER n 
1 38  PHE n 
1 39  PRO n 
1 40  SER n 
1 41  ASN n 
1 42  LYS n 
1 43  LEU n 
1 44  VAL n 
1 45  SER n 
1 46  GLY n 
1 47  ASP n 
1 48  HIS n 
1 49  CYS n 
1 50  ARG n 
1 51  ILE n 
1 52  VAL n 
1 53  VAL n 
1 54  ASP n 
1 55  GLU n 
1 56  LYS n 
1 57  SER n 
1 58  GLY n 
1 59  GLN n 
1 60  VAL n 
1 61  THR n 
1 62  LEU n 
1 63  GLU n 
1 64  ASP n 
1 65  THR n 
1 66  SER n 
1 67  THR n 
1 68  SER n 
1 69  GLY n 
1 70  THR n 
1 71  VAL n 
1 72  ILE n 
1 73  ASN n 
1 74  LYS n 
1 75  LEU n 
1 76  LYS n 
1 77  VAL n 
1 78  VAL n 
1 79  LYS n 
1 80  LYS n 
1 81  GLN n 
1 82  THR n 
1 83  CYS n 
1 84  PRO n 
1 85  LEU n 
1 86  GLN n 
1 87  THR n 
1 88  GLY n 
1 89  ASP n 
1 90  VAL n 
1 91  ILE n 
1 92  TYR n 
1 93  LEU n 
1 94  VAL n 
1 95  TYR n 
1 96  ARG n 
1 97  LYS n 
1 98  ASN n 
1 99  GLU n 
1 100 PRO n 
1 101 GLU n 
1 102 HIS n 
1 103 ASN n 
1 104 VAL n 
1 105 ALA n 
1 106 TYR n 
1 107 LEU n 
1 108 TYR n 
1 109 GLU n 
1 110 SER n 
1 111 LEU n 
1 112 SER n 
1 113 GLU n 
1 114 LYS n 
1 115 GLN n 
1 116 GLY n 
# 
_entity_src_gen.entity_id                          1 
_entity_src_gen.pdbx_src_id                        1 
_entity_src_gen.pdbx_alt_source_flag               sample 
_entity_src_gen.pdbx_seq_type                      ? 
_entity_src_gen.pdbx_beg_seq_num                   ? 
_entity_src_gen.pdbx_end_seq_num                   ? 
_entity_src_gen.gene_src_common_name               human 
_entity_src_gen.gene_src_genus                     Homo 
_entity_src_gen.pdbx_gene_src_gene                 ? 
_entity_src_gen.gene_src_species                   ? 
_entity_src_gen.gene_src_strain                    ? 
_entity_src_gen.gene_src_tissue                    ? 
_entity_src_gen.gene_src_tissue_fraction           ? 
_entity_src_gen.gene_src_details                   ? 
_entity_src_gen.pdbx_gene_src_fragment             ? 
_entity_src_gen.pdbx_gene_src_scientific_name      'Homo sapiens' 
_entity_src_gen.pdbx_gene_src_ncbi_taxonomy_id     9606 
_entity_src_gen.pdbx_gene_src_variant              ? 
_entity_src_gen.pdbx_gene_src_cell_line            ? 
_entity_src_gen.pdbx_gene_src_atcc                 ? 
_entity_src_gen.pdbx_gene_src_organ                ? 
_entity_src_gen.pdbx_gene_src_organelle            ? 
_entity_src_gen.pdbx_gene_src_cell                 ? 
_entity_src_gen.pdbx_gene_src_cellular_location    ? 
_entity_src_gen.host_org_common_name               ? 
_entity_src_gen.pdbx_host_org_scientific_name      'Escherichia coli BL21' 
_entity_src_gen.pdbx_host_org_ncbi_taxonomy_id     511693 
_entity_src_gen.host_org_genus                     Escherichia 
_entity_src_gen.pdbx_host_org_gene                 ? 
_entity_src_gen.pdbx_host_org_organ                ? 
_entity_src_gen.host_org_species                   'Escherichia coli' 
_entity_src_gen.pdbx_host_org_tissue               ? 
_entity_src_gen.pdbx_host_org_tissue_fraction      ? 
_entity_src_gen.pdbx_host_org_strain               BL21 
_entity_src_gen.pdbx_host_org_variant              ? 
_entity_src_gen.pdbx_host_org_cell_line            ? 
_entity_src_gen.pdbx_host_org_atcc                 ? 
_entity_src_gen.pdbx_host_org_culture_collection   ? 
_entity_src_gen.pdbx_host_org_cell                 ? 
_entity_src_gen.pdbx_host_org_organelle            ? 
_entity_src_gen.pdbx_host_org_cellular_location    ? 
_entity_src_gen.pdbx_host_org_vector_type          ? 
_entity_src_gen.pdbx_host_org_vector               ? 
_entity_src_gen.host_org_details                   ? 
_entity_src_gen.expression_system_id               ? 
_entity_src_gen.plasmid_name                       ? 
_entity_src_gen.plasmid_details                    ? 
_entity_src_gen.pdbx_description                   ? 
# 
loop_
_chem_comp.id 
_chem_comp.type 
_chem_comp.mon_nstd_flag 
_chem_comp.name 
_chem_comp.pdbx_synonyms 
_chem_comp.formula 
_chem_comp.formula_weight 
ALA 'L-peptide linking' y ALANINE            ? 'C3 H7 N O2'     89.093  
ARG 'L-peptide linking' y ARGININE           ? 'C6 H15 N4 O2 1' 175.209 
ASN 'L-peptide linking' y ASPARAGINE         ? 'C4 H8 N2 O3'    132.118 
ASP 'L-peptide linking' y 'ASPARTIC ACID'    ? 'C4 H7 N O4'     133.103 
CYS 'L-peptide linking' y CYSTEINE           ? 'C3 H7 N O2 S'   121.158 
GLN 'L-peptide linking' y GLUTAMINE          ? 'C5 H10 N2 O3'   146.144 
GLU 'L-peptide linking' y 'GLUTAMIC ACID'    ? 'C5 H9 N O4'     147.129 
GLY 'peptide linking'   y GLYCINE            ? 'C2 H5 N O2'     75.067  
HIS 'L-peptide linking' y HISTIDINE          ? 'C6 H10 N3 O2 1' 156.162 
HOH non-polymer         . WATER              ? 'H2 O'           18.015  
ILE 'L-peptide linking' y ISOLEUCINE         ? 'C6 H13 N O2'    131.173 
LEU 'L-peptide linking' y LEUCINE            ? 'C6 H13 N O2'    131.173 
LYS 'L-peptide linking' y LYSINE             ? 'C6 H15 N2 O2 1' 147.195 
MET 'L-peptide linking' y METHIONINE         ? 'C5 H11 N O2 S'  149.211 
PHE 'L-peptide linking' y PHENYLALANINE      ? 'C9 H11 N O2'    165.189 
PRO 'L-peptide linking' y PROLINE            ? 'C5 H9 N O2'     115.130 
SER 'L-peptide linking' y SERINE             ? 'C3 H7 N O3'     105.093 
THR 'L-peptide linking' y THREONINE          ? 'C4 H9 N O3'     119.119 
TRP 'L-peptide linking' y TRYPTOPHAN         ? 'C11 H12 N2 O2'  204.225 
TYR 'L-peptide linking' y TYROSINE           ? 'C9 H11 N O3'    181.189 
VAL 'L-peptide linking' y VALINE             ? 'C5 H11 N O2'    117.146 
WO4 non-polymer         . 'TUNGSTATE(VI)ION' ? 'O4 W -2'        247.838 
# 
loop_
_pdbx_poly_seq_scheme.asym_id 
_pdbx_poly_seq_scheme.entity_id 
_pdbx_poly_seq_scheme.seq_id 
_pdbx_poly_seq_scheme.mon_id 
_pdbx_poly_seq_scheme.ndb_seq_num 
_pdbx_poly_seq_scheme.pdb_seq_num 
_pdbx_poly_seq_scheme.auth_seq_num 
_pdbx_poly_seq_scheme.pdb_mon_id 
_pdbx_poly_seq_scheme.auth_mon_id 
_pdbx_poly_seq_scheme.pdb_strand_id 
_pdbx_poly_seq_scheme.pdb_ins_code 
_pdbx_poly_seq_scheme.hetero 
A 1 1   MET 1   13  13  MET MET A . n 
A 1 2   GLN 2   14  14  GLN GLN A . n 
A 1 3   PRO 3   15  15  PRO PRO A . n 
A 1 4   TRP 4   16  16  TRP TRP A . n 
A 1 5   GLY 5   17  17  GLY GLY A . n 
A 1 6   ARG 6   18  18  ARG ARG A . n 
A 1 7   LEU 7   19  19  LEU LEU A . n 
A 1 8   LEU 8   20  20  LEU LEU A . n 
A 1 9   ARG 9   21  21  ARG ARG A . n 
A 1 10  LEU 10  22  22  LEU LEU A . n 
A 1 11  GLY 11  23  23  GLY GLY A . n 
A 1 12  ALA 12  24  24  ALA ALA A . n 
A 1 13  GLU 13  25  25  GLU GLU A . n 
A 1 14  GLU 14  26  26  GLU GLU A . n 
A 1 15  GLY 15  27  27  GLY GLY A . n 
A 1 16  GLU 16  28  28  GLU GLU A . n 
A 1 17  PRO 17  29  29  PRO PRO A . n 
A 1 18  HIS 18  30  30  HIS HIS A . n 
A 1 19  VAL 19  31  31  VAL VAL A . n 
A 1 20  LEU 20  32  32  LEU LEU A . n 
A 1 21  LEU 21  33  33  LEU LEU A . n 
A 1 22  ARG 22  34  34  ARG ARG A . n 
A 1 23  LYS 23  35  35  LYS LYS A . n 
A 1 24  ARG 24  36  36  ARG ARG A . n 
A 1 25  GLU 25  37  37  GLU GLU A . n 
A 1 26  TRP 26  38  38  TRP TRP A . n 
A 1 27  THR 27  39  39  THR THR A . n 
A 1 28  ILE 28  40  40  ILE ILE A . n 
A 1 29  GLY 29  41  41  GLY GLY A . n 
A 1 30  ARG 30  42  42  ARG ARG A . n 
A 1 31  ARG 31  43  43  ARG ARG A . n 
A 1 32  ARG 32  44  44  ARG ARG A . n 
A 1 33  GLY 33  45  45  GLY GLY A . n 
A 1 34  CYS 34  46  46  CYS CYS A . n 
A 1 35  ASP 35  47  47  ASP ASP A . n 
A 1 36  LEU 36  48  48  LEU LEU A . n 
A 1 37  SER 37  49  49  SER SER A . n 
A 1 38  PHE 38  50  50  PHE PHE A . n 
A 1 39  PRO 39  51  51  PRO PRO A . n 
A 1 40  SER 40  52  52  SER SER A . n 
A 1 41  ASN 41  53  53  ASN ASN A . n 
A 1 42  LYS 42  54  54  LYS LYS A . n 
A 1 43  LEU 43  55  55  LEU LEU A . n 
A 1 44  VAL 44  56  56  VAL VAL A . n 
A 1 45  SER 45  57  57  SER SER A . n 
A 1 46  GLY 46  58  58  GLY GLY A . n 
A 1 47  ASP 47  59  59  ASP ASP A . n 
A 1 48  HIS 48  60  60  HIS HIS A . n 
A 1 49  CYS 49  61  61  CYS CYS A . n 
A 1 50  ARG 50  62  62  ARG ARG A . n 
A 1 51  ILE 51  63  63  ILE ILE A . n 
A 1 52  VAL 52  64  64  VAL VAL A . n 
A 1 53  VAL 53  65  65  VAL VAL A . n 
A 1 54  ASP 54  66  66  ASP ASP A . n 
A 1 55  GLU 55  67  67  GLU GLU A . n 
A 1 56  LYS 56  68  68  LYS LYS A . n 
A 1 57  SER 57  69  69  SER SER A . n 
A 1 58  GLY 58  70  70  GLY GLY A . n 
A 1 59  GLN 59  71  71  GLN GLN A . n 
A 1 60  VAL 60  72  72  VAL VAL A . n 
A 1 61  THR 61  73  73  THR THR A . n 
A 1 62  LEU 62  74  74  LEU LEU A . n 
A 1 63  GLU 63  75  75  GLU GLU A . n 
A 1 64  ASP 64  76  76  ASP ASP A . n 
A 1 65  THR 65  77  77  THR THR A . n 
A 1 66  SER 66  78  78  SER SER A . n 
A 1 67  THR 67  79  79  THR THR A . n 
A 1 68  SER 68  80  80  SER SER A . n 
A 1 69  GLY 69  81  81  GLY GLY A . n 
A 1 70  THR 70  82  82  THR THR A . n 
A 1 71  VAL 71  83  83  VAL VAL A . n 
A 1 72  ILE 72  84  84  ILE ILE A . n 
A 1 73  ASN 73  85  85  ASN ASN A . n 
A 1 74  LYS 74  86  86  LYS LYS A . n 
A 1 75  LEU 75  87  87  LEU LEU A . n 
A 1 76  LYS 76  88  88  LYS LYS A . n 
A 1 77  VAL 77  89  89  VAL VAL A . n 
A 1 78  VAL 78  90  90  VAL VAL A . n 
A 1 79  LYS 79  91  91  LYS LYS A . n 
A 1 80  LYS 80  92  92  LYS LYS A . n 
A 1 81  GLN 81  93  93  GLN GLN A . n 
A 1 82  THR 82  94  94  THR THR A . n 
A 1 83  CYS 83  95  95  CYS CYS A . n 
A 1 84  PRO 84  96  96  PRO PRO A . n 
A 1 85  LEU 85  97  97  LEU LEU A . n 
A 1 86  GLN 86  98  98  GLN GLN A . n 
A 1 87  THR 87  99  99  THR THR A . n 
A 1 88  GLY 88  100 100 GLY GLY A . n 
A 1 89  ASP 89  101 101 ASP ASP A . n 
A 1 90  VAL 90  102 102 VAL VAL A . n 
A 1 91  ILE 91  103 103 ILE ILE A . n 
A 1 92  TYR 92  104 104 TYR TYR A . n 
A 1 93  LEU 93  105 105 LEU LEU A . n 
A 1 94  VAL 94  106 106 VAL VAL A . n 
A 1 95  TYR 95  107 107 TYR TYR A . n 
A 1 96  ARG 96  108 108 ARG ARG A . n 
A 1 97  LYS 97  109 109 LYS LYS A . n 
A 1 98  ASN 98  110 110 ASN ASN A . n 
A 1 99  GLU 99  111 111 GLU GLU A . n 
A 1 100 PRO 100 112 112 PRO PRO A . n 
A 1 101 GLU 101 113 113 GLU GLU A . n 
A 1 102 HIS 102 114 114 HIS HIS A . n 
A 1 103 ASN 103 115 115 ASN ASN A . n 
A 1 104 VAL 104 116 116 VAL VAL A . n 
A 1 105 ALA 105 117 117 ALA ALA A . n 
A 1 106 TYR 106 118 118 TYR TYR A . n 
A 1 107 LEU 107 119 119 LEU LEU A . n 
A 1 108 TYR 108 120 120 TYR TYR A . n 
A 1 109 GLU 109 121 121 GLU GLU A . n 
A 1 110 SER 110 122 122 SER SER A . n 
A 1 111 LEU 111 123 123 LEU LEU A . n 
A 1 112 SER 112 124 124 SER SER A . n 
A 1 113 GLU 113 125 125 GLU GLU A . n 
A 1 114 LYS 114 126 ?   ?   ?   A . n 
A 1 115 GLN 115 127 ?   ?   ?   A . n 
A 1 116 GLY 116 128 ?   ?   ?   A . n 
# 
loop_
_pdbx_nonpoly_scheme.asym_id 
_pdbx_nonpoly_scheme.entity_id 
_pdbx_nonpoly_scheme.mon_id 
_pdbx_nonpoly_scheme.ndb_seq_num 
_pdbx_nonpoly_scheme.pdb_seq_num 
_pdbx_nonpoly_scheme.auth_seq_num 
_pdbx_nonpoly_scheme.pdb_mon_id 
_pdbx_nonpoly_scheme.auth_mon_id 
_pdbx_nonpoly_scheme.pdb_strand_id 
_pdbx_nonpoly_scheme.pdb_ins_code 
B 2 WO4 1  201 1  WO4 WO4 A . 
C 3 HOH 1  202 1  HOH TIP A . 
C 3 HOH 2  203 2  HOH TIP A . 
C 3 HOH 3  204 3  HOH TIP A . 
C 3 HOH 4  205 4  HOH TIP A . 
C 3 HOH 5  206 5  HOH TIP A . 
C 3 HOH 6  207 6  HOH TIP A . 
C 3 HOH 7  208 7  HOH TIP A . 
C 3 HOH 8  209 8  HOH TIP A . 
C 3 HOH 9  210 9  HOH TIP A . 
C 3 HOH 10 211 10 HOH TIP A . 
C 3 HOH 11 212 11 HOH TIP A . 
C 3 HOH 12 213 12 HOH TIP A . 
C 3 HOH 13 214 13 HOH TIP A . 
C 3 HOH 14 215 14 HOH TIP A . 
C 3 HOH 15 216 15 HOH TIP A . 
C 3 HOH 16 217 16 HOH TIP A . 
C 3 HOH 17 218 17 HOH TIP A . 
C 3 HOH 18 219 18 HOH TIP A . 
C 3 HOH 19 220 19 HOH TIP A . 
C 3 HOH 20 221 20 HOH TIP A . 
C 3 HOH 21 222 21 HOH TIP A . 
C 3 HOH 22 223 22 HOH TIP A . 
C 3 HOH 23 224 23 HOH TIP A . 
C 3 HOH 24 225 24 HOH TIP A . 
C 3 HOH 25 226 25 HOH TIP A . 
C 3 HOH 26 227 26 HOH TIP A . 
C 3 HOH 27 228 27 HOH TIP A . 
C 3 HOH 28 229 28 HOH TIP A . 
C 3 HOH 29 230 29 HOH TIP A . 
C 3 HOH 30 231 30 HOH TIP A . 
C 3 HOH 31 232 31 HOH TIP A . 
C 3 HOH 32 233 32 HOH TIP A . 
C 3 HOH 33 234 33 HOH TIP A . 
C 3 HOH 34 235 34 HOH TIP A . 
C 3 HOH 35 236 35 HOH TIP A . 
C 3 HOH 36 237 36 HOH TIP A . 
C 3 HOH 37 238 37 HOH TIP A . 
C 3 HOH 38 239 38 HOH TIP A . 
C 3 HOH 39 240 39 HOH TIP A . 
C 3 HOH 40 241 40 HOH TIP A . 
C 3 HOH 41 242 41 HOH TIP A . 
C 3 HOH 42 243 42 HOH TIP A . 
C 3 HOH 43 244 43 HOH TIP A . 
C 3 HOH 44 245 44 HOH TIP A . 
C 3 HOH 45 246 45 HOH TIP A . 
C 3 HOH 46 247 46 HOH TIP A . 
C 3 HOH 47 248 47 HOH TIP A . 
C 3 HOH 48 249 48 HOH TIP A . 
C 3 HOH 49 250 49 HOH TIP A . 
C 3 HOH 50 251 50 HOH TIP A . 
C 3 HOH 51 252 51 HOH TIP A . 
C 3 HOH 52 253 52 HOH TIP A . 
C 3 HOH 53 254 53 HOH TIP A . 
C 3 HOH 54 255 54 HOH TIP A . 
C 3 HOH 55 256 55 HOH TIP A . 
C 3 HOH 56 257 56 HOH TIP A . 
C 3 HOH 57 258 57 HOH TIP A . 
C 3 HOH 58 259 58 HOH TIP A . 
C 3 HOH 59 260 59 HOH TIP A . 
C 3 HOH 60 261 60 HOH TIP A . 
C 3 HOH 61 262 61 HOH TIP A . 
C 3 HOH 62 263 62 HOH TIP A . 
C 3 HOH 63 264 63 HOH TIP A . 
# 
loop_
_software.name 
_software.classification 
_software.version 
_software.citation_id 
_software.pdbx_ordinal 
CNS       refinement     . ? 1 
SCALEPACK 'data scaling' . ? 2 
CNS       phasing        . ? 3 
# 
_cell.entry_id           1LGP 
_cell.length_a           62.210 
_cell.length_b           62.210 
_cell.length_c           54.110 
_cell.angle_alpha        90.00 
_cell.angle_beta         90.00 
_cell.angle_gamma        120.00 
_cell.Z_PDB              6 
_cell.pdbx_unique_axis   ? 
# 
_symmetry.entry_id                         1LGP 
_symmetry.space_group_name_H-M             'P 32 2 1' 
_symmetry.pdbx_full_space_group_name_H-M   ? 
_symmetry.cell_setting                     ? 
_symmetry.Int_Tables_number                154 
# 
_exptl.entry_id          1LGP 
_exptl.method            'X-RAY DIFFRACTION' 
_exptl.crystals_number   1 
# 
_exptl_crystal.id                    1 
_exptl_crystal.density_meas          ? 
_exptl_crystal.density_percent_sol   46.25 
_exptl_crystal.density_Matthews      2.29 
_exptl_crystal.description           ? 
# 
_exptl_crystal_grow.crystal_id      1 
_exptl_crystal_grow.method          'VAPOR DIFFUSION, HANGING DROP' 
_exptl_crystal_grow.temp            277.16 
_exptl_crystal_grow.temp_details    ? 
_exptl_crystal_grow.pH              6.5 
_exptl_crystal_grow.pdbx_details    'PEG 8000, Bis-Tris 6.5, DTT, Tungstate, VAPOR DIFFUSION, HANGING DROP, temperature 277.16K' 
_exptl_crystal_grow.pdbx_pH_range   . 
# 
_diffrn.id                     1 
_diffrn.ambient_temp           ? 
_diffrn.ambient_temp_details   ? 
_diffrn.crystal_id             1 
# 
_diffrn_detector.diffrn_id              1 
_diffrn_detector.detector               'IMAGE PLATE' 
_diffrn_detector.type                   'RIGAKU RAXIS IV' 
_diffrn_detector.pdbx_collection_date   2001-10-23 
_diffrn_detector.details                ? 
# 
_diffrn_radiation.diffrn_id                        1 
_diffrn_radiation.wavelength_id                    1 
_diffrn_radiation.pdbx_monochromatic_or_laue_m_l   M 
_diffrn_radiation.monochromator                    'Yale Mirrors' 
_diffrn_radiation.pdbx_diffrn_protocol             'SINGLE WAVELENGTH' 
_diffrn_radiation.pdbx_scattering_type             x-ray 
# 
_diffrn_radiation_wavelength.id           1 
_diffrn_radiation_wavelength.wavelength   1.5418 
_diffrn_radiation_wavelength.wt           1.0 
# 
_diffrn_source.diffrn_id                   1 
_diffrn_source.source                      'ROTATING ANODE' 
_diffrn_source.type                        RIGAKU 
_diffrn_source.pdbx_synchrotron_site       ? 
_diffrn_source.pdbx_synchrotron_beamline   ? 
_diffrn_source.pdbx_wavelength             ? 
_diffrn_source.pdbx_wavelength_list        1.5418 
# 
_reflns.entry_id                     1LGP 
_reflns.observed_criterion_sigma_I   1.0 
_reflns.observed_criterion_sigma_F   1.0 
_reflns.d_resolution_low             20.0 
_reflns.d_resolution_high            2.0 
_reflns.number_obs                   8015 
_reflns.number_all                   ? 
_reflns.percent_possible_obs         99.5 
_reflns.pdbx_Rmerge_I_obs            ? 
_reflns.pdbx_Rsym_value              ? 
_reflns.pdbx_netI_over_sigmaI        ? 
_reflns.B_iso_Wilson_estimate        35.2 
_reflns.pdbx_redundancy              ? 
_reflns.R_free_details               ? 
_reflns.limit_h_max                  ? 
_reflns.limit_h_min                  ? 
_reflns.limit_k_max                  ? 
_reflns.limit_k_min                  ? 
_reflns.limit_l_max                  ? 
_reflns.limit_l_min                  ? 
_reflns.observed_criterion_F_max     ? 
_reflns.observed_criterion_F_min     ? 
_reflns.pdbx_ordinal                 1 
_reflns.pdbx_diffrn_id               1 
# 
_reflns_shell.d_res_high             2.00 
_reflns_shell.d_res_low              2.07 
_reflns_shell.percent_possible_all   99.2 
_reflns_shell.Rmerge_I_obs           ? 
_reflns_shell.pdbx_Rsym_value        ? 
_reflns_shell.meanI_over_sigI_obs    ? 
_reflns_shell.pdbx_redundancy        ? 
_reflns_shell.percent_possible_obs   ? 
_reflns_shell.number_unique_all      ? 
_reflns_shell.pdbx_ordinal           1 
_reflns_shell.pdbx_diffrn_id         1 
# 
_refine.entry_id                                 1LGP 
_refine.ls_number_reflns_obs                     6719 
_refine.ls_number_reflns_all                     8468 
_refine.pdbx_ls_sigma_I                          ? 
_refine.pdbx_ls_sigma_F                          1.5 
_refine.pdbx_data_cutoff_high_absF               354428.62 
_refine.pdbx_data_cutoff_low_absF                0.000000 
_refine.ls_d_res_low                             18.0 
_refine.ls_d_res_high                            2.00 
_refine.ls_percent_reflns_obs                    81.9 
_refine.ls_R_factor_obs                          ? 
_refine.ls_R_factor_all                          ? 
_refine.ls_R_factor_R_work                       0.2320000 
_refine.ls_R_factor_R_free                       0.2890000 
_refine.ls_R_factor_R_free_error                 0.011 
_refine.ls_R_factor_R_free_error_details         ? 
_refine.ls_percent_reflns_R_free                 10.7 
_refine.ls_number_reflns_R_free                  720 
_refine.ls_number_parameters                     ? 
_refine.ls_number_restraints                     ? 
_refine.occupancy_min                            ? 
_refine.occupancy_max                            ? 
_refine.correlation_coeff_Fo_to_Fc               ? 
_refine.correlation_coeff_Fo_to_Fc_free          ? 
_refine.B_iso_mean                               41.0 
_refine.aniso_B[1][1]                            -1.35 
_refine.aniso_B[2][2]                            -1.35 
_refine.aniso_B[3][3]                            2.71 
_refine.aniso_B[1][2]                            3.27 
_refine.aniso_B[1][3]                            0.00 
_refine.aniso_B[2][3]                            0.00 
_refine.solvent_model_details                    'FLAT MODEL' 
_refine.solvent_model_param_ksol                 0.317249 
_refine.solvent_model_param_bsol                 52.4503 
_refine.pdbx_solvent_vdw_probe_radii             ? 
_refine.pdbx_solvent_ion_probe_radii             ? 
_refine.pdbx_solvent_shrinkage_radii             ? 
_refine.pdbx_ls_cross_valid_method               THROUGHOUT 
_refine.details                                  ? 
_refine.pdbx_starting_model                      ? 
_refine.pdbx_method_to_determine_struct          'MOLECULAR REPLACEMENT' 
_refine.pdbx_isotropic_thermal_model             ? 
_refine.pdbx_stereochemistry_target_values       'Engh & Huber' 
_refine.pdbx_stereochem_target_val_spec_case     ? 
_refine.pdbx_R_Free_selection_details            RANDOM 
_refine.pdbx_overall_ESU_R_Free                  ? 
_refine.overall_SU_B                             ? 
_refine.ls_redundancy_reflns_obs                 ? 
_refine.B_iso_min                                ? 
_refine.B_iso_max                                ? 
_refine.overall_SU_R_Cruickshank_DPI             ? 
_refine.overall_SU_R_free                        ? 
_refine.overall_SU_ML                            ? 
_refine.pdbx_overall_ESU_R                       ? 
_refine.pdbx_data_cutoff_high_rms_absF           ? 
_refine.pdbx_refine_id                           'X-RAY DIFFRACTION' 
_refine.pdbx_diffrn_id                           1 
_refine.pdbx_TLS_residual_ADP_flag               ? 
_refine.pdbx_overall_phase_error                 ? 
_refine.pdbx_overall_SU_R_free_Cruickshank_DPI   ? 
_refine.pdbx_overall_SU_R_Blow_DPI               ? 
_refine.pdbx_overall_SU_R_free_Blow_DPI          ? 
# 
_refine_analyze.entry_id                        1LGP 
_refine_analyze.Luzzati_coordinate_error_obs    0.27 
_refine_analyze.Luzzati_d_res_low_obs           18.00 
_refine_analyze.Luzzati_coordinate_error_free   0.33 
_refine_analyze.Luzzati_d_res_low_free          ? 
_refine_analyze.Luzzati_sigma_a_obs             0.17 
_refine_analyze.Luzzati_sigma_a_free            0.16 
_refine_analyze.number_disordered_residues      ? 
_refine_analyze.occupancy_sum_non_hydrogen      ? 
_refine_analyze.occupancy_sum_hydrogen          ? 
_refine_analyze.pdbx_Luzzati_d_res_high_obs     ? 
_refine_analyze.pdbx_refine_id                  'X-RAY DIFFRACTION' 
# 
_refine_hist.pdbx_refine_id                   'X-RAY DIFFRACTION' 
_refine_hist.cycle_id                         LAST 
_refine_hist.pdbx_number_atoms_protein        903 
_refine_hist.pdbx_number_atoms_nucleic_acid   0 
_refine_hist.pdbx_number_atoms_ligand         5 
_refine_hist.number_atoms_solvent             63 
_refine_hist.number_atoms_total               971 
_refine_hist.d_res_high                       2.00 
_refine_hist.d_res_low                        18.0 
# 
loop_
_refine_ls_restr.type 
_refine_ls_restr.dev_ideal 
_refine_ls_restr.dev_ideal_target 
_refine_ls_restr.weight 
_refine_ls_restr.number 
_refine_ls_restr.pdbx_refine_id 
_refine_ls_restr.pdbx_restraint_function 
c_bond_d    0.006 ? ? ? 'X-RAY DIFFRACTION' ? 
c_angle_deg 1.463 ? ? ? 'X-RAY DIFFRACTION' ? 
# 
_refine_ls_shell.pdbx_total_number_of_bins_used   6 
_refine_ls_shell.d_res_high                       2.00 
_refine_ls_shell.d_res_low                        2.13 
_refine_ls_shell.number_reflns_R_work             483 
_refine_ls_shell.R_factor_R_work                  0.2680000 
_refine_ls_shell.percent_reflns_obs               38.9 
_refine_ls_shell.R_factor_R_free                  0.3150000 
_refine_ls_shell.R_factor_R_free_error            0.044 
_refine_ls_shell.percent_reflns_R_free            9.7 
_refine_ls_shell.number_reflns_R_free             52 
_refine_ls_shell.number_reflns_obs                ? 
_refine_ls_shell.redundancy_reflns_obs            ? 
_refine_ls_shell.number_reflns_all                ? 
_refine_ls_shell.pdbx_refine_id                   'X-RAY DIFFRACTION' 
_refine_ls_shell.R_factor_all                     ? 
# 
loop_
_pdbx_xplor_file.serial_no 
_pdbx_xplor_file.param_file 
_pdbx_xplor_file.topol_file 
_pdbx_xplor_file.pdbx_refine_id 
1 PROTEIN_REP.PARAM PROTEIN.TOP 'X-RAY DIFFRACTION' 
2 ION.PARAM         ?           'X-RAY DIFFRACTION' 
3 WATER_REP.PARAM   ?           'X-RAY DIFFRACTION' 
# 
_struct.entry_id                  1LGP 
_struct.title                     
'Crystal structure of the FHA domain of the Chfr mitotic checkpoint protein complexed with tungstate' 
_struct.pdbx_model_details        ? 
_struct.pdbx_CASP_flag            ? 
_struct.pdbx_model_type_details   ? 
# 
_struct_keywords.entry_id        1LGP 
_struct_keywords.pdbx_keywords   'CELL CYCLE' 
_struct_keywords.text            'Chfr, FHA, Tungstate, Domain Swapping, Checkpoint, CELL CYCLE' 
# 
loop_
_struct_asym.id 
_struct_asym.pdbx_blank_PDB_chainid_flag 
_struct_asym.pdbx_modified 
_struct_asym.entity_id 
_struct_asym.details 
A N N 1 ? 
B N N 2 ? 
C N N 3 ? 
# 
_struct_ref.id                         1 
_struct_ref.db_name                    UNP 
_struct_ref.db_code                    CHFR_HUMAN 
_struct_ref.entity_id                  1 
_struct_ref.pdbx_seq_one_letter_code   
;QPWGRLLRLGAEEGEPHVLLRKREWTIGRRRGCDLSFPSNKLVSGDHCRIVVDEKSGQVTLEDTSTSGTVINKLKVVKKQ
TCPLQTGDVIYLVYRKNEPEHNVAYLYESLSEKQG
;
_struct_ref.pdbx_align_begin           14 
_struct_ref.pdbx_db_accession          Q96EP1 
_struct_ref.pdbx_db_isoform            ? 
# 
_struct_ref_seq.align_id                      1 
_struct_ref_seq.ref_id                        1 
_struct_ref_seq.pdbx_PDB_id_code              1LGP 
_struct_ref_seq.pdbx_strand_id                A 
_struct_ref_seq.seq_align_beg                 2 
_struct_ref_seq.pdbx_seq_align_beg_ins_code   ? 
_struct_ref_seq.seq_align_end                 116 
_struct_ref_seq.pdbx_seq_align_end_ins_code   ? 
_struct_ref_seq.pdbx_db_accession             Q96EP1 
_struct_ref_seq.db_align_beg                  14 
_struct_ref_seq.pdbx_db_align_beg_ins_code    ? 
_struct_ref_seq.db_align_end                  128 
_struct_ref_seq.pdbx_db_align_end_ins_code    ? 
_struct_ref_seq.pdbx_auth_seq_align_beg       14 
_struct_ref_seq.pdbx_auth_seq_align_end       128 
# 
_struct_ref_seq_dif.align_id                     1 
_struct_ref_seq_dif.pdbx_pdb_id_code             1LGP 
_struct_ref_seq_dif.mon_id                       MET 
_struct_ref_seq_dif.pdbx_pdb_strand_id           A 
_struct_ref_seq_dif.seq_num                      1 
_struct_ref_seq_dif.pdbx_pdb_ins_code            ? 
_struct_ref_seq_dif.pdbx_seq_db_name             UNP 
_struct_ref_seq_dif.pdbx_seq_db_accession_code   Q96EP1 
_struct_ref_seq_dif.db_mon_id                    ? 
_struct_ref_seq_dif.pdbx_seq_db_seq_num          ? 
_struct_ref_seq_dif.details                      'initiating methionine' 
_struct_ref_seq_dif.pdbx_auth_seq_num            13 
_struct_ref_seq_dif.pdbx_ordinal                 1 
# 
_pdbx_struct_assembly.id                   1 
_pdbx_struct_assembly.details              author_and_software_defined_assembly 
_pdbx_struct_assembly.method_details       PISA,PQS 
_pdbx_struct_assembly.oligomeric_details   dimeric 
_pdbx_struct_assembly.oligomeric_count     2 
# 
loop_
_pdbx_struct_assembly_prop.biol_id 
_pdbx_struct_assembly_prop.type 
_pdbx_struct_assembly_prop.value 
_pdbx_struct_assembly_prop.details 
1 'ABSA (A^2)' 6770  ? 
1 MORE         -35   ? 
1 'SSA (A^2)'  13690 ? 
# 
_pdbx_struct_assembly_gen.assembly_id       1 
_pdbx_struct_assembly_gen.oper_expression   1,2 
_pdbx_struct_assembly_gen.asym_id_list      A,B,C 
# 
loop_
_pdbx_struct_oper_list.id 
_pdbx_struct_oper_list.type 
_pdbx_struct_oper_list.name 
_pdbx_struct_oper_list.symmetry_operation 
_pdbx_struct_oper_list.matrix[1][1] 
_pdbx_struct_oper_list.matrix[1][2] 
_pdbx_struct_oper_list.matrix[1][3] 
_pdbx_struct_oper_list.vector[1] 
_pdbx_struct_oper_list.matrix[2][1] 
_pdbx_struct_oper_list.matrix[2][2] 
_pdbx_struct_oper_list.matrix[2][3] 
_pdbx_struct_oper_list.vector[2] 
_pdbx_struct_oper_list.matrix[3][1] 
_pdbx_struct_oper_list.matrix[3][2] 
_pdbx_struct_oper_list.matrix[3][3] 
_pdbx_struct_oper_list.vector[3] 
1 'identity operation'         1_555 x,y,z          1.0000000000  0.0000000000  0.0000000000 0.0000000000  0.0000000000  1.0000000000  0.0000000000  0.0000000000   0.0000000000 0.0000000000  1.0000000000 0.0000000000  
2 'crystal symmetry operation' 6_555 -x,-x+y,-z+2/3 -0.4787795460 -0.3313310125 0.8130128575 -7.7837698839 -0.3313310125 -0.7893784885 -0.5168185001 -15.1138435266 0.8130128575 -0.5168185001 0.2681580346 -1.1692619572 
# 
_struct_biol.id                    1 
_struct_biol.pdbx_parent_biol_id   ? 
_struct_biol.details               ? 
# 
_struct_conf.conf_type_id            HELX_P 
_struct_conf.id                      HELX_P1 
_struct_conf.pdbx_PDB_helix_id       1 
_struct_conf.beg_label_comp_id       GLU 
_struct_conf.beg_label_asym_id       A 
_struct_conf.beg_label_seq_id        99 
_struct_conf.pdbx_beg_PDB_ins_code   ? 
_struct_conf.end_label_comp_id       ASN 
_struct_conf.end_label_asym_id       A 
_struct_conf.end_label_seq_id        103 
_struct_conf.pdbx_end_PDB_ins_code   ? 
_struct_conf.beg_auth_comp_id        GLU 
_struct_conf.beg_auth_asym_id        A 
_struct_conf.beg_auth_seq_id         111 
_struct_conf.end_auth_comp_id        ASN 
_struct_conf.end_auth_asym_id        A 
_struct_conf.end_auth_seq_id         115 
_struct_conf.pdbx_PDB_helix_class    5 
_struct_conf.details                 ? 
_struct_conf.pdbx_PDB_helix_length   5 
# 
_struct_conf_type.id          HELX_P 
_struct_conf_type.criteria    ? 
_struct_conf_type.reference   ? 
# 
loop_
_struct_sheet.id 
_struct_sheet.type 
_struct_sheet.number_strands 
_struct_sheet.details 
A ? 2 ? 
B ? 4 ? 
C ? 2 ? 
# 
loop_
_struct_sheet_order.sheet_id 
_struct_sheet_order.range_id_1 
_struct_sheet_order.range_id_2 
_struct_sheet_order.offset 
_struct_sheet_order.sense 
A 1 2 ? anti-parallel 
B 1 2 ? parallel      
B 2 3 ? anti-parallel 
B 3 4 ? anti-parallel 
C 1 2 ? anti-parallel 
# 
loop_
_struct_sheet_range.sheet_id 
_struct_sheet_range.id 
_struct_sheet_range.beg_label_comp_id 
_struct_sheet_range.beg_label_asym_id 
_struct_sheet_range.beg_label_seq_id 
_struct_sheet_range.pdbx_beg_PDB_ins_code 
_struct_sheet_range.end_label_comp_id 
_struct_sheet_range.end_label_asym_id 
_struct_sheet_range.end_label_seq_id 
_struct_sheet_range.pdbx_end_PDB_ins_code 
_struct_sheet_range.beg_auth_comp_id 
_struct_sheet_range.beg_auth_asym_id 
_struct_sheet_range.beg_auth_seq_id 
_struct_sheet_range.end_auth_comp_id 
_struct_sheet_range.end_auth_asym_id 
_struct_sheet_range.end_auth_seq_id 
A 1 GLY A 5   ? LEU A 7   ? GLY A 17  LEU A 19  
A 2 VAL A 19  ? LEU A 21  ? VAL A 31  LEU A 33  
B 1 LEU A 36  ? SER A 37  ? LEU A 48  SER A 49  
B 2 GLU A 25  ? GLY A 29  ? GLU A 37  GLY A 41  
B 3 CYS A 49  ? VAL A 53  ? CYS A 61  VAL A 65  
B 4 VAL A 60  ? ASP A 64  ? VAL A 72  ASP A 76  
C 1 VAL A 90  ? VAL A 94  ? VAL A 102 VAL A 106 
C 2 VAL A 104 ? LEU A 107 ? VAL A 116 LEU A 119 
# 
loop_
_pdbx_struct_sheet_hbond.sheet_id 
_pdbx_struct_sheet_hbond.range_id_1 
_pdbx_struct_sheet_hbond.range_id_2 
_pdbx_struct_sheet_hbond.range_1_label_atom_id 
_pdbx_struct_sheet_hbond.range_1_label_comp_id 
_pdbx_struct_sheet_hbond.range_1_label_asym_id 
_pdbx_struct_sheet_hbond.range_1_label_seq_id 
_pdbx_struct_sheet_hbond.range_1_PDB_ins_code 
_pdbx_struct_sheet_hbond.range_1_auth_atom_id 
_pdbx_struct_sheet_hbond.range_1_auth_comp_id 
_pdbx_struct_sheet_hbond.range_1_auth_asym_id 
_pdbx_struct_sheet_hbond.range_1_auth_seq_id 
_pdbx_struct_sheet_hbond.range_2_label_atom_id 
_pdbx_struct_sheet_hbond.range_2_label_comp_id 
_pdbx_struct_sheet_hbond.range_2_label_asym_id 
_pdbx_struct_sheet_hbond.range_2_label_seq_id 
_pdbx_struct_sheet_hbond.range_2_PDB_ins_code 
_pdbx_struct_sheet_hbond.range_2_auth_atom_id 
_pdbx_struct_sheet_hbond.range_2_auth_comp_id 
_pdbx_struct_sheet_hbond.range_2_auth_asym_id 
_pdbx_struct_sheet_hbond.range_2_auth_seq_id 
A 1 2 N LEU A 7  ? N LEU A 19  O VAL A 19  ? O VAL A 31  
B 1 2 O LEU A 36 ? O LEU A 48  N GLY A 29  ? N GLY A 41  
B 2 3 N TRP A 26 ? N TRP A 38  O ILE A 51  ? O ILE A 63  
B 3 4 N VAL A 52 ? N VAL A 64  O THR A 61  ? O THR A 73  
C 1 2 N ILE A 91 ? N ILE A 103 O TYR A 106 ? O TYR A 118 
# 
_struct_site.id                   AC1 
_struct_site.pdbx_evidence_code   Software 
_struct_site.pdbx_auth_asym_id    A 
_struct_site.pdbx_auth_comp_id    WO4 
_struct_site.pdbx_auth_seq_id     201 
_struct_site.pdbx_auth_ins_code   ? 
_struct_site.pdbx_num_residues    8 
_struct_site.details              'BINDING SITE FOR RESIDUE WO4 A 201' 
# 
loop_
_struct_site_gen.id 
_struct_site_gen.site_id 
_struct_site_gen.pdbx_num_res 
_struct_site_gen.label_comp_id 
_struct_site_gen.label_asym_id 
_struct_site_gen.label_seq_id 
_struct_site_gen.pdbx_auth_ins_code 
_struct_site_gen.auth_comp_id 
_struct_site_gen.auth_asym_id 
_struct_site_gen.auth_seq_id 
_struct_site_gen.label_atom_id 
_struct_site_gen.label_alt_id 
_struct_site_gen.symmetry 
_struct_site_gen.details 
1 AC1 8 ARG A 6  ? ARG A 18  . ? 4_456 ? 
2 AC1 8 ARG A 30 ? ARG A 42  . ? 1_555 ? 
3 AC1 8 ARG A 31 ? ARG A 43  . ? 1_555 ? 
4 AC1 8 SER A 45 ? SER A 57  . ? 1_555 ? 
5 AC1 8 GLY A 46 ? GLY A 58  . ? 1_555 ? 
6 AC1 8 THR A 67 ? THR A 79  . ? 1_555 ? 
7 AC1 8 HOH C .  ? HOH A 226 . ? 1_555 ? 
8 AC1 8 HOH C .  ? HOH A 228 . ? 4_456 ? 
# 
_pdbx_validate_close_contact.id               1 
_pdbx_validate_close_contact.PDB_model_num    1 
_pdbx_validate_close_contact.auth_atom_id_1   OE1 
_pdbx_validate_close_contact.auth_asym_id_1   A 
_pdbx_validate_close_contact.auth_comp_id_1   GLU 
_pdbx_validate_close_contact.auth_seq_id_1    26 
_pdbx_validate_close_contact.PDB_ins_code_1   ? 
_pdbx_validate_close_contact.label_alt_id_1   ? 
_pdbx_validate_close_contact.auth_atom_id_2   O 
_pdbx_validate_close_contact.auth_asym_id_2   A 
_pdbx_validate_close_contact.auth_comp_id_2   HOH 
_pdbx_validate_close_contact.auth_seq_id_2    228 
_pdbx_validate_close_contact.PDB_ins_code_2   ? 
_pdbx_validate_close_contact.label_alt_id_2   ? 
_pdbx_validate_close_contact.dist             2.00 
# 
loop_
_pdbx_validate_torsion.id 
_pdbx_validate_torsion.PDB_model_num 
_pdbx_validate_torsion.auth_comp_id 
_pdbx_validate_torsion.auth_asym_id 
_pdbx_validate_torsion.auth_seq_id 
_pdbx_validate_torsion.PDB_ins_code 
_pdbx_validate_torsion.label_alt_id 
_pdbx_validate_torsion.phi 
_pdbx_validate_torsion.psi 
1 1 GLU A 25  ? ? -79.20  -163.39 
2 1 LYS A 35  ? ? -116.75 -153.85 
3 1 LEU A 123 ? ? -103.52 58.48   
4 1 SER A 124 ? ? -158.29 -72.92  
# 
loop_
_pdbx_unobs_or_zero_occ_residues.id 
_pdbx_unobs_or_zero_occ_residues.PDB_model_num 
_pdbx_unobs_or_zero_occ_residues.polymer_flag 
_pdbx_unobs_or_zero_occ_residues.occupancy_flag 
_pdbx_unobs_or_zero_occ_residues.auth_asym_id 
_pdbx_unobs_or_zero_occ_residues.auth_comp_id 
_pdbx_unobs_or_zero_occ_residues.auth_seq_id 
_pdbx_unobs_or_zero_occ_residues.PDB_ins_code 
_pdbx_unobs_or_zero_occ_residues.label_asym_id 
_pdbx_unobs_or_zero_occ_residues.label_comp_id 
_pdbx_unobs_or_zero_occ_residues.label_seq_id 
1 1 Y 1 A LYS 126 ? A LYS 114 
2 1 Y 1 A GLN 127 ? A GLN 115 
3 1 Y 1 A GLY 128 ? A GLY 116 
# 
loop_
_chem_comp_atom.comp_id 
_chem_comp_atom.atom_id 
_chem_comp_atom.type_symbol 
_chem_comp_atom.pdbx_aromatic_flag 
_chem_comp_atom.pdbx_stereo_config 
_chem_comp_atom.pdbx_ordinal 
ALA N    N N N 1   
ALA CA   C N S 2   
ALA C    C N N 3   
ALA O    O N N 4   
ALA CB   C N N 5   
ALA OXT  O N N 6   
ALA H    H N N 7   
ALA H2   H N N 8   
ALA HA   H N N 9   
ALA HB1  H N N 10  
ALA HB2  H N N 11  
ALA HB3  H N N 12  
ALA HXT  H N N 13  
ARG N    N N N 14  
ARG CA   C N S 15  
ARG C    C N N 16  
ARG O    O N N 17  
ARG CB   C N N 18  
ARG CG   C N N 19  
ARG CD   C N N 20  
ARG NE   N N N 21  
ARG CZ   C N N 22  
ARG NH1  N N N 23  
ARG NH2  N N N 24  
ARG OXT  O N N 25  
ARG H    H N N 26  
ARG H2   H N N 27  
ARG HA   H N N 28  
ARG HB2  H N N 29  
ARG HB3  H N N 30  
ARG HG2  H N N 31  
ARG HG3  H N N 32  
ARG HD2  H N N 33  
ARG HD3  H N N 34  
ARG HE   H N N 35  
ARG HH11 H N N 36  
ARG HH12 H N N 37  
ARG HH21 H N N 38  
ARG HH22 H N N 39  
ARG HXT  H N N 40  
ASN N    N N N 41  
ASN CA   C N S 42  
ASN C    C N N 43  
ASN O    O N N 44  
ASN CB   C N N 45  
ASN CG   C N N 46  
ASN OD1  O N N 47  
ASN ND2  N N N 48  
ASN OXT  O N N 49  
ASN H    H N N 50  
ASN H2   H N N 51  
ASN HA   H N N 52  
ASN HB2  H N N 53  
ASN HB3  H N N 54  
ASN HD21 H N N 55  
ASN HD22 H N N 56  
ASN HXT  H N N 57  
ASP N    N N N 58  
ASP CA   C N S 59  
ASP C    C N N 60  
ASP O    O N N 61  
ASP CB   C N N 62  
ASP CG   C N N 63  
ASP OD1  O N N 64  
ASP OD2  O N N 65  
ASP OXT  O N N 66  
ASP H    H N N 67  
ASP H2   H N N 68  
ASP HA   H N N 69  
ASP HB2  H N N 70  
ASP HB3  H N N 71  
ASP HD2  H N N 72  
ASP HXT  H N N 73  
CYS N    N N N 74  
CYS CA   C N R 75  
CYS C    C N N 76  
CYS O    O N N 77  
CYS CB   C N N 78  
CYS SG   S N N 79  
CYS OXT  O N N 80  
CYS H    H N N 81  
CYS H2   H N N 82  
CYS HA   H N N 83  
CYS HB2  H N N 84  
CYS HB3  H N N 85  
CYS HG   H N N 86  
CYS HXT  H N N 87  
GLN N    N N N 88  
GLN CA   C N S 89  
GLN C    C N N 90  
GLN O    O N N 91  
GLN CB   C N N 92  
GLN CG   C N N 93  
GLN CD   C N N 94  
GLN OE1  O N N 95  
GLN NE2  N N N 96  
GLN OXT  O N N 97  
GLN H    H N N 98  
GLN H2   H N N 99  
GLN HA   H N N 100 
GLN HB2  H N N 101 
GLN HB3  H N N 102 
GLN HG2  H N N 103 
GLN HG3  H N N 104 
GLN HE21 H N N 105 
GLN HE22 H N N 106 
GLN HXT  H N N 107 
GLU N    N N N 108 
GLU CA   C N S 109 
GLU C    C N N 110 
GLU O    O N N 111 
GLU CB   C N N 112 
GLU CG   C N N 113 
GLU CD   C N N 114 
GLU OE1  O N N 115 
GLU OE2  O N N 116 
GLU OXT  O N N 117 
GLU H    H N N 118 
GLU H2   H N N 119 
GLU HA   H N N 120 
GLU HB2  H N N 121 
GLU HB3  H N N 122 
GLU HG2  H N N 123 
GLU HG3  H N N 124 
GLU HE2  H N N 125 
GLU HXT  H N N 126 
GLY N    N N N 127 
GLY CA   C N N 128 
GLY C    C N N 129 
GLY O    O N N 130 
GLY OXT  O N N 131 
GLY H    H N N 132 
GLY H2   H N N 133 
GLY HA2  H N N 134 
GLY HA3  H N N 135 
GLY HXT  H N N 136 
HIS N    N N N 137 
HIS CA   C N S 138 
HIS C    C N N 139 
HIS O    O N N 140 
HIS CB   C N N 141 
HIS CG   C Y N 142 
HIS ND1  N Y N 143 
HIS CD2  C Y N 144 
HIS CE1  C Y N 145 
HIS NE2  N Y N 146 
HIS OXT  O N N 147 
HIS H    H N N 148 
HIS H2   H N N 149 
HIS HA   H N N 150 
HIS HB2  H N N 151 
HIS HB3  H N N 152 
HIS HD1  H N N 153 
HIS HD2  H N N 154 
HIS HE1  H N N 155 
HIS HE2  H N N 156 
HIS HXT  H N N 157 
HOH O    O N N 158 
HOH H1   H N N 159 
HOH H2   H N N 160 
ILE N    N N N 161 
ILE CA   C N S 162 
ILE C    C N N 163 
ILE O    O N N 164 
ILE CB   C N S 165 
ILE CG1  C N N 166 
ILE CG2  C N N 167 
ILE CD1  C N N 168 
ILE OXT  O N N 169 
ILE H    H N N 170 
ILE H2   H N N 171 
ILE HA   H N N 172 
ILE HB   H N N 173 
ILE HG12 H N N 174 
ILE HG13 H N N 175 
ILE HG21 H N N 176 
ILE HG22 H N N 177 
ILE HG23 H N N 178 
ILE HD11 H N N 179 
ILE HD12 H N N 180 
ILE HD13 H N N 181 
ILE HXT  H N N 182 
LEU N    N N N 183 
LEU CA   C N S 184 
LEU C    C N N 185 
LEU O    O N N 186 
LEU CB   C N N 187 
LEU CG   C N N 188 
LEU CD1  C N N 189 
LEU CD2  C N N 190 
LEU OXT  O N N 191 
LEU H    H N N 192 
LEU H2   H N N 193 
LEU HA   H N N 194 
LEU HB2  H N N 195 
LEU HB3  H N N 196 
LEU HG   H N N 197 
LEU HD11 H N N 198 
LEU HD12 H N N 199 
LEU HD13 H N N 200 
LEU HD21 H N N 201 
LEU HD22 H N N 202 
LEU HD23 H N N 203 
LEU HXT  H N N 204 
LYS N    N N N 205 
LYS CA   C N S 206 
LYS C    C N N 207 
LYS O    O N N 208 
LYS CB   C N N 209 
LYS CG   C N N 210 
LYS CD   C N N 211 
LYS CE   C N N 212 
LYS NZ   N N N 213 
LYS OXT  O N N 214 
LYS H    H N N 215 
LYS H2   H N N 216 
LYS HA   H N N 217 
LYS HB2  H N N 218 
LYS HB3  H N N 219 
LYS HG2  H N N 220 
LYS HG3  H N N 221 
LYS HD2  H N N 222 
LYS HD3  H N N 223 
LYS HE2  H N N 224 
LYS HE3  H N N 225 
LYS HZ1  H N N 226 
LYS HZ2  H N N 227 
LYS HZ3  H N N 228 
LYS HXT  H N N 229 
MET N    N N N 230 
MET CA   C N S 231 
MET C    C N N 232 
MET O    O N N 233 
MET CB   C N N 234 
MET CG   C N N 235 
MET SD   S N N 236 
MET CE   C N N 237 
MET OXT  O N N 238 
MET H    H N N 239 
MET H2   H N N 240 
MET HA   H N N 241 
MET HB2  H N N 242 
MET HB3  H N N 243 
MET HG2  H N N 244 
MET HG3  H N N 245 
MET HE1  H N N 246 
MET HE2  H N N 247 
MET HE3  H N N 248 
MET HXT  H N N 249 
PHE N    N N N 250 
PHE CA   C N S 251 
PHE C    C N N 252 
PHE O    O N N 253 
PHE CB   C N N 254 
PHE CG   C Y N 255 
PHE CD1  C Y N 256 
PHE CD2  C Y N 257 
PHE CE1  C Y N 258 
PHE CE2  C Y N 259 
PHE CZ   C Y N 260 
PHE OXT  O N N 261 
PHE H    H N N 262 
PHE H2   H N N 263 
PHE HA   H N N 264 
PHE HB2  H N N 265 
PHE HB3  H N N 266 
PHE HD1  H N N 267 
PHE HD2  H N N 268 
PHE HE1  H N N 269 
PHE HE2  H N N 270 
PHE HZ   H N N 271 
PHE HXT  H N N 272 
PRO N    N N N 273 
PRO CA   C N S 274 
PRO C    C N N 275 
PRO O    O N N 276 
PRO CB   C N N 277 
PRO CG   C N N 278 
PRO CD   C N N 279 
PRO OXT  O N N 280 
PRO H    H N N 281 
PRO HA   H N N 282 
PRO HB2  H N N 283 
PRO HB3  H N N 284 
PRO HG2  H N N 285 
PRO HG3  H N N 286 
PRO HD2  H N N 287 
PRO HD3  H N N 288 
PRO HXT  H N N 289 
SER N    N N N 290 
SER CA   C N S 291 
SER C    C N N 292 
SER O    O N N 293 
SER CB   C N N 294 
SER OG   O N N 295 
SER OXT  O N N 296 
SER H    H N N 297 
SER H2   H N N 298 
SER HA   H N N 299 
SER HB2  H N N 300 
SER HB3  H N N 301 
SER HG   H N N 302 
SER HXT  H N N 303 
THR N    N N N 304 
THR CA   C N S 305 
THR C    C N N 306 
THR O    O N N 307 
THR CB   C N R 308 
THR OG1  O N N 309 
THR CG2  C N N 310 
THR OXT  O N N 311 
THR H    H N N 312 
THR H2   H N N 313 
THR HA   H N N 314 
THR HB   H N N 315 
THR HG1  H N N 316 
THR HG21 H N N 317 
THR HG22 H N N 318 
THR HG23 H N N 319 
THR HXT  H N N 320 
TRP N    N N N 321 
TRP CA   C N S 322 
TRP C    C N N 323 
TRP O    O N N 324 
TRP CB   C N N 325 
TRP CG   C Y N 326 
TRP CD1  C Y N 327 
TRP CD2  C Y N 328 
TRP NE1  N Y N 329 
TRP CE2  C Y N 330 
TRP CE3  C Y N 331 
TRP CZ2  C Y N 332 
TRP CZ3  C Y N 333 
TRP CH2  C Y N 334 
TRP OXT  O N N 335 
TRP H    H N N 336 
TRP H2   H N N 337 
TRP HA   H N N 338 
TRP HB2  H N N 339 
TRP HB3  H N N 340 
TRP HD1  H N N 341 
TRP HE1  H N N 342 
TRP HE3  H N N 343 
TRP HZ2  H N N 344 
TRP HZ3  H N N 345 
TRP HH2  H N N 346 
TRP HXT  H N N 347 
TYR N    N N N 348 
TYR CA   C N S 349 
TYR C    C N N 350 
TYR O    O N N 351 
TYR CB   C N N 352 
TYR CG   C Y N 353 
TYR CD1  C Y N 354 
TYR CD2  C Y N 355 
TYR CE1  C Y N 356 
TYR CE2  C Y N 357 
TYR CZ   C Y N 358 
TYR OH   O N N 359 
TYR OXT  O N N 360 
TYR H    H N N 361 
TYR H2   H N N 362 
TYR HA   H N N 363 
TYR HB2  H N N 364 
TYR HB3  H N N 365 
TYR HD1  H N N 366 
TYR HD2  H N N 367 
TYR HE1  H N N 368 
TYR HE2  H N N 369 
TYR HH   H N N 370 
TYR HXT  H N N 371 
VAL N    N N N 372 
VAL CA   C N S 373 
VAL C    C N N 374 
VAL O    O N N 375 
VAL CB   C N N 376 
VAL CG1  C N N 377 
VAL CG2  C N N 378 
VAL OXT  O N N 379 
VAL H    H N N 380 
VAL H2   H N N 381 
VAL HA   H N N 382 
VAL HB   H N N 383 
VAL HG11 H N N 384 
VAL HG12 H N N 385 
VAL HG13 H N N 386 
VAL HG21 H N N 387 
VAL HG22 H N N 388 
VAL HG23 H N N 389 
VAL HXT  H N N 390 
WO4 W    W N N 391 
WO4 O1   O N N 392 
WO4 O2   O N N 393 
WO4 O3   O N N 394 
WO4 O4   O N N 395 
# 
loop_
_chem_comp_bond.comp_id 
_chem_comp_bond.atom_id_1 
_chem_comp_bond.atom_id_2 
_chem_comp_bond.value_order 
_chem_comp_bond.pdbx_aromatic_flag 
_chem_comp_bond.pdbx_stereo_config 
_chem_comp_bond.pdbx_ordinal 
ALA N   CA   sing N N 1   
ALA N   H    sing N N 2   
ALA N   H2   sing N N 3   
ALA CA  C    sing N N 4   
ALA CA  CB   sing N N 5   
ALA CA  HA   sing N N 6   
ALA C   O    doub N N 7   
ALA C   OXT  sing N N 8   
ALA CB  HB1  sing N N 9   
ALA CB  HB2  sing N N 10  
ALA CB  HB3  sing N N 11  
ALA OXT HXT  sing N N 12  
ARG N   CA   sing N N 13  
ARG N   H    sing N N 14  
ARG N   H2   sing N N 15  
ARG CA  C    sing N N 16  
ARG CA  CB   sing N N 17  
ARG CA  HA   sing N N 18  
ARG C   O    doub N N 19  
ARG C   OXT  sing N N 20  
ARG CB  CG   sing N N 21  
ARG CB  HB2  sing N N 22  
ARG CB  HB3  sing N N 23  
ARG CG  CD   sing N N 24  
ARG CG  HG2  sing N N 25  
ARG CG  HG3  sing N N 26  
ARG CD  NE   sing N N 27  
ARG CD  HD2  sing N N 28  
ARG CD  HD3  sing N N 29  
ARG NE  CZ   sing N N 30  
ARG NE  HE   sing N N 31  
ARG CZ  NH1  sing N N 32  
ARG CZ  NH2  doub N N 33  
ARG NH1 HH11 sing N N 34  
ARG NH1 HH12 sing N N 35  
ARG NH2 HH21 sing N N 36  
ARG NH2 HH22 sing N N 37  
ARG OXT HXT  sing N N 38  
ASN N   CA   sing N N 39  
ASN N   H    sing N N 40  
ASN N   H2   sing N N 41  
ASN CA  C    sing N N 42  
ASN CA  CB   sing N N 43  
ASN CA  HA   sing N N 44  
ASN C   O    doub N N 45  
ASN C   OXT  sing N N 46  
ASN CB  CG   sing N N 47  
ASN CB  HB2  sing N N 48  
ASN CB  HB3  sing N N 49  
ASN CG  OD1  doub N N 50  
ASN CG  ND2  sing N N 51  
ASN ND2 HD21 sing N N 52  
ASN ND2 HD22 sing N N 53  
ASN OXT HXT  sing N N 54  
ASP N   CA   sing N N 55  
ASP N   H    sing N N 56  
ASP N   H2   sing N N 57  
ASP CA  C    sing N N 58  
ASP CA  CB   sing N N 59  
ASP CA  HA   sing N N 60  
ASP C   O    doub N N 61  
ASP C   OXT  sing N N 62  
ASP CB  CG   sing N N 63  
ASP CB  HB2  sing N N 64  
ASP CB  HB3  sing N N 65  
ASP CG  OD1  doub N N 66  
ASP CG  OD2  sing N N 67  
ASP OD2 HD2  sing N N 68  
ASP OXT HXT  sing N N 69  
CYS N   CA   sing N N 70  
CYS N   H    sing N N 71  
CYS N   H2   sing N N 72  
CYS CA  C    sing N N 73  
CYS CA  CB   sing N N 74  
CYS CA  HA   sing N N 75  
CYS C   O    doub N N 76  
CYS C   OXT  sing N N 77  
CYS CB  SG   sing N N 78  
CYS CB  HB2  sing N N 79  
CYS CB  HB3  sing N N 80  
CYS SG  HG   sing N N 81  
CYS OXT HXT  sing N N 82  
GLN N   CA   sing N N 83  
GLN N   H    sing N N 84  
GLN N   H2   sing N N 85  
GLN CA  C    sing N N 86  
GLN CA  CB   sing N N 87  
GLN CA  HA   sing N N 88  
GLN C   O    doub N N 89  
GLN C   OXT  sing N N 90  
GLN CB  CG   sing N N 91  
GLN CB  HB2  sing N N 92  
GLN CB  HB3  sing N N 93  
GLN CG  CD   sing N N 94  
GLN CG  HG2  sing N N 95  
GLN CG  HG3  sing N N 96  
GLN CD  OE1  doub N N 97  
GLN CD  NE2  sing N N 98  
GLN NE2 HE21 sing N N 99  
GLN NE2 HE22 sing N N 100 
GLN OXT HXT  sing N N 101 
GLU N   CA   sing N N 102 
GLU N   H    sing N N 103 
GLU N   H2   sing N N 104 
GLU CA  C    sing N N 105 
GLU CA  CB   sing N N 106 
GLU CA  HA   sing N N 107 
GLU C   O    doub N N 108 
GLU C   OXT  sing N N 109 
GLU CB  CG   sing N N 110 
GLU CB  HB2  sing N N 111 
GLU CB  HB3  sing N N 112 
GLU CG  CD   sing N N 113 
GLU CG  HG2  sing N N 114 
GLU CG  HG3  sing N N 115 
GLU CD  OE1  doub N N 116 
GLU CD  OE2  sing N N 117 
GLU OE2 HE2  sing N N 118 
GLU OXT HXT  sing N N 119 
GLY N   CA   sing N N 120 
GLY N   H    sing N N 121 
GLY N   H2   sing N N 122 
GLY CA  C    sing N N 123 
GLY CA  HA2  sing N N 124 
GLY CA  HA3  sing N N 125 
GLY C   O    doub N N 126 
GLY C   OXT  sing N N 127 
GLY OXT HXT  sing N N 128 
HIS N   CA   sing N N 129 
HIS N   H    sing N N 130 
HIS N   H2   sing N N 131 
HIS CA  C    sing N N 132 
HIS CA  CB   sing N N 133 
HIS CA  HA   sing N N 134 
HIS C   O    doub N N 135 
HIS C   OXT  sing N N 136 
HIS CB  CG   sing N N 137 
HIS CB  HB2  sing N N 138 
HIS CB  HB3  sing N N 139 
HIS CG  ND1  sing Y N 140 
HIS CG  CD2  doub Y N 141 
HIS ND1 CE1  doub Y N 142 
HIS ND1 HD1  sing N N 143 
HIS CD2 NE2  sing Y N 144 
HIS CD2 HD2  sing N N 145 
HIS CE1 NE2  sing Y N 146 
HIS CE1 HE1  sing N N 147 
HIS NE2 HE2  sing N N 148 
HIS OXT HXT  sing N N 149 
HOH O   H1   sing N N 150 
HOH O   H2   sing N N 151 
ILE N   CA   sing N N 152 
ILE N   H    sing N N 153 
ILE N   H2   sing N N 154 
ILE CA  C    sing N N 155 
ILE CA  CB   sing N N 156 
ILE CA  HA   sing N N 157 
ILE C   O    doub N N 158 
ILE C   OXT  sing N N 159 
ILE CB  CG1  sing N N 160 
ILE CB  CG2  sing N N 161 
ILE CB  HB   sing N N 162 
ILE CG1 CD1  sing N N 163 
ILE CG1 HG12 sing N N 164 
ILE CG1 HG13 sing N N 165 
ILE CG2 HG21 sing N N 166 
ILE CG2 HG22 sing N N 167 
ILE CG2 HG23 sing N N 168 
ILE CD1 HD11 sing N N 169 
ILE CD1 HD12 sing N N 170 
ILE CD1 HD13 sing N N 171 
ILE OXT HXT  sing N N 172 
LEU N   CA   sing N N 173 
LEU N   H    sing N N 174 
LEU N   H2   sing N N 175 
LEU CA  C    sing N N 176 
LEU CA  CB   sing N N 177 
LEU CA  HA   sing N N 178 
LEU C   O    doub N N 179 
LEU C   OXT  sing N N 180 
LEU CB  CG   sing N N 181 
LEU CB  HB2  sing N N 182 
LEU CB  HB3  sing N N 183 
LEU CG  CD1  sing N N 184 
LEU CG  CD2  sing N N 185 
LEU CG  HG   sing N N 186 
LEU CD1 HD11 sing N N 187 
LEU CD1 HD12 sing N N 188 
LEU CD1 HD13 sing N N 189 
LEU CD2 HD21 sing N N 190 
LEU CD2 HD22 sing N N 191 
LEU CD2 HD23 sing N N 192 
LEU OXT HXT  sing N N 193 
LYS N   CA   sing N N 194 
LYS N   H    sing N N 195 
LYS N   H2   sing N N 196 
LYS CA  C    sing N N 197 
LYS CA  CB   sing N N 198 
LYS CA  HA   sing N N 199 
LYS C   O    doub N N 200 
LYS C   OXT  sing N N 201 
LYS CB  CG   sing N N 202 
LYS CB  HB2  sing N N 203 
LYS CB  HB3  sing N N 204 
LYS CG  CD   sing N N 205 
LYS CG  HG2  sing N N 206 
LYS CG  HG3  sing N N 207 
LYS CD  CE   sing N N 208 
LYS CD  HD2  sing N N 209 
LYS CD  HD3  sing N N 210 
LYS CE  NZ   sing N N 211 
LYS CE  HE2  sing N N 212 
LYS CE  HE3  sing N N 213 
LYS NZ  HZ1  sing N N 214 
LYS NZ  HZ2  sing N N 215 
LYS NZ  HZ3  sing N N 216 
LYS OXT HXT  sing N N 217 
MET N   CA   sing N N 218 
MET N   H    sing N N 219 
MET N   H2   sing N N 220 
MET CA  C    sing N N 221 
MET CA  CB   sing N N 222 
MET CA  HA   sing N N 223 
MET C   O    doub N N 224 
MET C   OXT  sing N N 225 
MET CB  CG   sing N N 226 
MET CB  HB2  sing N N 227 
MET CB  HB3  sing N N 228 
MET CG  SD   sing N N 229 
MET CG  HG2  sing N N 230 
MET CG  HG3  sing N N 231 
MET SD  CE   sing N N 232 
MET CE  HE1  sing N N 233 
MET CE  HE2  sing N N 234 
MET CE  HE3  sing N N 235 
MET OXT HXT  sing N N 236 
PHE N   CA   sing N N 237 
PHE N   H    sing N N 238 
PHE N   H2   sing N N 239 
PHE CA  C    sing N N 240 
PHE CA  CB   sing N N 241 
PHE CA  HA   sing N N 242 
PHE C   O    doub N N 243 
PHE C   OXT  sing N N 244 
PHE CB  CG   sing N N 245 
PHE CB  HB2  sing N N 246 
PHE CB  HB3  sing N N 247 
PHE CG  CD1  doub Y N 248 
PHE CG  CD2  sing Y N 249 
PHE CD1 CE1  sing Y N 250 
PHE CD1 HD1  sing N N 251 
PHE CD2 CE2  doub Y N 252 
PHE CD2 HD2  sing N N 253 
PHE CE1 CZ   doub Y N 254 
PHE CE1 HE1  sing N N 255 
PHE CE2 CZ   sing Y N 256 
PHE CE2 HE2  sing N N 257 
PHE CZ  HZ   sing N N 258 
PHE OXT HXT  sing N N 259 
PRO N   CA   sing N N 260 
PRO N   CD   sing N N 261 
PRO N   H    sing N N 262 
PRO CA  C    sing N N 263 
PRO CA  CB   sing N N 264 
PRO CA  HA   sing N N 265 
PRO C   O    doub N N 266 
PRO C   OXT  sing N N 267 
PRO CB  CG   sing N N 268 
PRO CB  HB2  sing N N 269 
PRO CB  HB3  sing N N 270 
PRO CG  CD   sing N N 271 
PRO CG  HG2  sing N N 272 
PRO CG  HG3  sing N N 273 
PRO CD  HD2  sing N N 274 
PRO CD  HD3  sing N N 275 
PRO OXT HXT  sing N N 276 
SER N   CA   sing N N 277 
SER N   H    sing N N 278 
SER N   H2   sing N N 279 
SER CA  C    sing N N 280 
SER CA  CB   sing N N 281 
SER CA  HA   sing N N 282 
SER C   O    doub N N 283 
SER C   OXT  sing N N 284 
SER CB  OG   sing N N 285 
SER CB  HB2  sing N N 286 
SER CB  HB3  sing N N 287 
SER OG  HG   sing N N 288 
SER OXT HXT  sing N N 289 
THR N   CA   sing N N 290 
THR N   H    sing N N 291 
THR N   H2   sing N N 292 
THR CA  C    sing N N 293 
THR CA  CB   sing N N 294 
THR CA  HA   sing N N 295 
THR C   O    doub N N 296 
THR C   OXT  sing N N 297 
THR CB  OG1  sing N N 298 
THR CB  CG2  sing N N 299 
THR CB  HB   sing N N 300 
THR OG1 HG1  sing N N 301 
THR CG2 HG21 sing N N 302 
THR CG2 HG22 sing N N 303 
THR CG2 HG23 sing N N 304 
THR OXT HXT  sing N N 305 
TRP N   CA   sing N N 306 
TRP N   H    sing N N 307 
TRP N   H2   sing N N 308 
TRP CA  C    sing N N 309 
TRP CA  CB   sing N N 310 
TRP CA  HA   sing N N 311 
TRP C   O    doub N N 312 
TRP C   OXT  sing N N 313 
TRP CB  CG   sing N N 314 
TRP CB  HB2  sing N N 315 
TRP CB  HB3  sing N N 316 
TRP CG  CD1  doub Y N 317 
TRP CG  CD2  sing Y N 318 
TRP CD1 NE1  sing Y N 319 
TRP CD1 HD1  sing N N 320 
TRP CD2 CE2  doub Y N 321 
TRP CD2 CE3  sing Y N 322 
TRP NE1 CE2  sing Y N 323 
TRP NE1 HE1  sing N N 324 
TRP CE2 CZ2  sing Y N 325 
TRP CE3 CZ3  doub Y N 326 
TRP CE3 HE3  sing N N 327 
TRP CZ2 CH2  doub Y N 328 
TRP CZ2 HZ2  sing N N 329 
TRP CZ3 CH2  sing Y N 330 
TRP CZ3 HZ3  sing N N 331 
TRP CH2 HH2  sing N N 332 
TRP OXT HXT  sing N N 333 
TYR N   CA   sing N N 334 
TYR N   H    sing N N 335 
TYR N   H2   sing N N 336 
TYR CA  C    sing N N 337 
TYR CA  CB   sing N N 338 
TYR CA  HA   sing N N 339 
TYR C   O    doub N N 340 
TYR C   OXT  sing N N 341 
TYR CB  CG   sing N N 342 
TYR CB  HB2  sing N N 343 
TYR CB  HB3  sing N N 344 
TYR CG  CD1  doub Y N 345 
TYR CG  CD2  sing Y N 346 
TYR CD1 CE1  sing Y N 347 
TYR CD1 HD1  sing N N 348 
TYR CD2 CE2  doub Y N 349 
TYR CD2 HD2  sing N N 350 
TYR CE1 CZ   doub Y N 351 
TYR CE1 HE1  sing N N 352 
TYR CE2 CZ   sing Y N 353 
TYR CE2 HE2  sing N N 354 
TYR CZ  OH   sing N N 355 
TYR OH  HH   sing N N 356 
TYR OXT HXT  sing N N 357 
VAL N   CA   sing N N 358 
VAL N   H    sing N N 359 
VAL N   H2   sing N N 360 
VAL CA  C    sing N N 361 
VAL CA  CB   sing N N 362 
VAL CA  HA   sing N N 363 
VAL C   O    doub N N 364 
VAL C   OXT  sing N N 365 
VAL CB  CG1  sing N N 366 
VAL CB  CG2  sing N N 367 
VAL CB  HB   sing N N 368 
VAL CG1 HG11 sing N N 369 
VAL CG1 HG12 sing N N 370 
VAL CG1 HG13 sing N N 371 
VAL CG2 HG21 sing N N 372 
VAL CG2 HG22 sing N N 373 
VAL CG2 HG23 sing N N 374 
VAL OXT HXT  sing N N 375 
WO4 W   O1   doub N N 376 
WO4 W   O2   doub N N 377 
WO4 W   O3   sing N N 378 
WO4 W   O4   sing N N 379 
# 
_atom_sites.entry_id                    1LGP 
_atom_sites.fract_transf_matrix[1][1]   -0.01545074 
_atom_sites.fract_transf_matrix[1][2]   -0.00777303 
_atom_sites.fract_transf_matrix[1][3]   0.00673775 
_atom_sites.fract_transf_matrix[2][1]   0.00048090 
_atom_sites.fract_transf_matrix[2][2]   -0.00910269 
_atom_sites.fract_transf_matrix[2][3]   0.01616850 
_atom_sites.fract_transf_matrix[3][1]   -0.00398565 
_atom_sites.fract_transf_matrix[3][2]   0.01567432 
_atom_sites.fract_transf_matrix[3][3]   0.00894302 
_atom_sites.fract_transf_vector[1]      -0.114932 
_atom_sites.fract_transf_vector[2]      0.258164 
_atom_sites.fract_transf_vector[3]      0.441502 
# 
loop_
_atom_type.symbol 
C 
N 
O 
S 
W 
# 
loop_
_atom_site.group_PDB 
_atom_site.id 
_atom_site.type_symbol 
_atom_site.label_atom_id 
_atom_site.label_alt_id 
_atom_site.label_comp_id 
_atom_site.label_asym_id 
_atom_site.label_entity_id 
_atom_site.label_seq_id 
_atom_site.pdbx_PDB_ins_code 
_atom_site.Cartn_x 
_atom_site.Cartn_y 
_atom_site.Cartn_z 
_atom_site.occupancy 
_atom_site.B_iso_or_equiv 
_atom_site.pdbx_formal_charge 
_atom_site.auth_seq_id 
_atom_site.auth_comp_id 
_atom_site.auth_asym_id 
_atom_site.auth_atom_id 
_atom_site.pdbx_PDB_model_num 
ATOM   1   N N   . MET A 1 1   ? -2.138  22.341  5.262   1.00 78.11 ? 13  MET A N   1 
ATOM   2   C CA  . MET A 1 1   ? -3.069  21.179  5.344   1.00 77.19 ? 13  MET A CA  1 
ATOM   3   C C   . MET A 1 1   ? -2.760  20.353  6.588   1.00 76.71 ? 13  MET A C   1 
ATOM   4   O O   . MET A 1 1   ? -1.618  20.304  7.046   1.00 76.62 ? 13  MET A O   1 
ATOM   5   C CB  . MET A 1 1   ? -2.928  20.308  4.090   1.00 76.45 ? 13  MET A CB  1 
ATOM   6   C CG  . MET A 1 1   ? -3.864  19.106  4.047   1.00 75.81 ? 13  MET A CG  1 
ATOM   7   S SD  . MET A 1 1   ? -3.611  18.078  2.584   1.00 75.04 ? 13  MET A SD  1 
ATOM   8   C CE  . MET A 1 1   ? -5.019  18.540  1.566   1.00 72.54 ? 13  MET A CE  1 
ATOM   9   N N   . GLN A 1 2   ? -3.787  19.714  7.137   1.00 76.48 ? 14  GLN A N   1 
ATOM   10  C CA  . GLN A 1 2   ? -3.628  18.881  8.325   1.00 75.71 ? 14  GLN A CA  1 
ATOM   11  C C   . GLN A 1 2   ? -3.186  17.481  7.900   1.00 73.58 ? 14  GLN A C   1 
ATOM   12  O O   . GLN A 1 2   ? -3.518  17.020  6.806   1.00 73.51 ? 14  GLN A O   1 
ATOM   13  C CB  . GLN A 1 2   ? -4.948  18.805  9.096   1.00 78.20 ? 14  GLN A CB  1 
ATOM   14  C CG  . GLN A 1 2   ? -5.497  20.168  9.510   1.00 80.58 ? 14  GLN A CG  1 
ATOM   15  C CD  . GLN A 1 2   ? -4.524  20.952  10.375  1.00 81.95 ? 14  GLN A CD  1 
ATOM   16  O OE1 . GLN A 1 2   ? -4.165  20.521  11.471  1.00 82.57 ? 14  GLN A OE1 1 
ATOM   17  N NE2 . GLN A 1 2   ? -4.092  22.108  9.883   1.00 81.64 ? 14  GLN A NE2 1 
ATOM   18  N N   . PRO A 1 3   ? -2.432  16.785  8.764   1.00 71.16 ? 15  PRO A N   1 
ATOM   19  C CA  . PRO A 1 3   ? -1.939  15.434  8.473   1.00 67.96 ? 15  PRO A CA  1 
ATOM   20  C C   . PRO A 1 3   ? -3.039  14.408  8.194   1.00 64.19 ? 15  PRO A C   1 
ATOM   21  O O   . PRO A 1 3   ? -3.850  14.095  9.073   1.00 64.29 ? 15  PRO A O   1 
ATOM   22  C CB  . PRO A 1 3   ? -1.122  15.096  9.718   1.00 69.22 ? 15  PRO A CB  1 
ATOM   23  C CG  . PRO A 1 3   ? -1.850  15.835  10.803  1.00 70.67 ? 15  PRO A CG  1 
ATOM   24  C CD  . PRO A 1 3   ? -2.116  17.171  10.152  1.00 71.45 ? 15  PRO A CD  1 
ATOM   25  N N   . TRP A 1 4   ? -3.061  13.890  6.968   1.00 58.84 ? 16  TRP A N   1 
ATOM   26  C CA  . TRP A 1 4   ? -4.053  12.901  6.579   1.00 54.21 ? 16  TRP A CA  1 
ATOM   27  C C   . TRP A 1 4   ? -3.524  11.473  6.626   1.00 51.73 ? 16  TRP A C   1 
ATOM   28  O O   . TRP A 1 4   ? -4.307  10.520  6.679   1.00 52.78 ? 16  TRP A O   1 
ATOM   29  C CB  . TRP A 1 4   ? -4.603  13.198  5.177   1.00 54.23 ? 16  TRP A CB  1 
ATOM   30  C CG  . TRP A 1 4   ? -3.570  13.504  4.123   1.00 51.34 ? 16  TRP A CG  1 
ATOM   31  C CD1 . TRP A 1 4   ? -2.961  14.706  3.901   1.00 49.47 ? 16  TRP A CD1 1 
ATOM   32  C CD2 . TRP A 1 4   ? -3.064  12.609  3.118   1.00 50.07 ? 16  TRP A CD2 1 
ATOM   33  N NE1 . TRP A 1 4   ? -2.114  14.618  2.820   1.00 46.89 ? 16  TRP A NE1 1 
ATOM   34  C CE2 . TRP A 1 4   ? -2.157  13.344  2.321   1.00 47.23 ? 16  TRP A CE2 1 
ATOM   35  C CE3 . TRP A 1 4   ? -3.293  11.258  2.814   1.00 51.34 ? 16  TRP A CE3 1 
ATOM   36  C CZ2 . TRP A 1 4   ? -1.477  12.776  1.235   1.00 46.93 ? 16  TRP A CZ2 1 
ATOM   37  C CZ3 . TRP A 1 4   ? -2.614  10.690  1.732   1.00 48.30 ? 16  TRP A CZ3 1 
ATOM   38  C CH2 . TRP A 1 4   ? -1.717  11.453  0.956   1.00 48.34 ? 16  TRP A CH2 1 
ATOM   39  N N   . GLY A 1 5   ? -2.201  11.323  6.611   1.00 48.42 ? 17  GLY A N   1 
ATOM   40  C CA  . GLY A 1 5   ? -1.617  9.994   6.661   1.00 42.07 ? 17  GLY A CA  1 
ATOM   41  C C   . GLY A 1 5   ? -0.142  9.992   7.016   1.00 41.32 ? 17  GLY A C   1 
ATOM   42  O O   . GLY A 1 5   ? 0.451   11.043  7.287   1.00 41.07 ? 17  GLY A O   1 
ATOM   43  N N   . ARG A 1 6   ? 0.459   8.806   7.021   1.00 35.51 ? 18  ARG A N   1 
ATOM   44  C CA  . ARG A 1 6   ? 1.869   8.691   7.337   1.00 32.31 ? 18  ARG A CA  1 
ATOM   45  C C   . ARG A 1 6   ? 2.415   7.352   6.880   1.00 30.34 ? 18  ARG A C   1 
ATOM   46  O O   . ARG A 1 6   ? 1.658   6.408   6.647   1.00 28.22 ? 18  ARG A O   1 
ATOM   47  C CB  . ARG A 1 6   ? 2.105   8.832   8.844   1.00 32.85 ? 18  ARG A CB  1 
ATOM   48  C CG  . ARG A 1 6   ? 1.529   7.695   9.671   1.00 35.63 ? 18  ARG A CG  1 
ATOM   49  C CD  . ARG A 1 6   ? 2.120   7.665   11.070  1.00 37.78 ? 18  ARG A CD  1 
ATOM   50  N NE  . ARG A 1 6   ? 1.321   6.853   11.986  1.00 42.06 ? 18  ARG A NE  1 
ATOM   51  C CZ  . ARG A 1 6   ? 1.744   6.428   13.173  1.00 45.08 ? 18  ARG A CZ  1 
ATOM   52  N NH1 . ARG A 1 6   ? 2.965   6.738   13.593  1.00 45.08 ? 18  ARG A NH1 1 
ATOM   53  N NH2 . ARG A 1 6   ? 0.948   5.686   13.939  1.00 43.68 ? 18  ARG A NH2 1 
ATOM   54  N N   . LEU A 1 7   ? 3.737   7.281   6.768   1.00 28.00 ? 19  LEU A N   1 
ATOM   55  C CA  . LEU A 1 7   ? 4.409   6.057   6.365   1.00 27.82 ? 19  LEU A CA  1 
ATOM   56  C C   . LEU A 1 7   ? 5.415   5.667   7.442   1.00 28.06 ? 19  LEU A C   1 
ATOM   57  O O   . LEU A 1 7   ? 6.096   6.529   8.013   1.00 27.68 ? 19  LEU A O   1 
ATOM   58  C CB  . LEU A 1 7   ? 5.126   6.274   5.038   1.00 26.59 ? 19  LEU A CB  1 
ATOM   59  C CG  . LEU A 1 7   ? 4.215   6.738   3.903   1.00 29.55 ? 19  LEU A CG  1 
ATOM   60  C CD1 . LEU A 1 7   ? 5.063   7.267   2.752   1.00 32.69 ? 19  LEU A CD1 1 
ATOM   61  C CD2 . LEU A 1 7   ? 3.327   5.585   3.451   1.00 28.75 ? 19  LEU A CD2 1 
ATOM   62  N N   . LEU A 1 8   ? 5.479   4.372   7.736   1.00 24.80 ? 20  LEU A N   1 
ATOM   63  C CA  . LEU A 1 8   ? 6.414   3.849   8.719   1.00 27.47 ? 20  LEU A CA  1 
ATOM   64  C C   . LEU A 1 8   ? 7.158   2.709   8.035   1.00 26.02 ? 20  LEU A C   1 
ATOM   65  O O   . LEU A 1 8   ? 6.545   1.857   7.390   1.00 25.75 ? 20  LEU A O   1 
ATOM   66  C CB  . LEU A 1 8   ? 5.677   3.319   9.957   1.00 33.09 ? 20  LEU A CB  1 
ATOM   67  C CG  . LEU A 1 8   ? 6.041   3.955   11.309  1.00 37.76 ? 20  LEU A CG  1 
ATOM   68  C CD1 . LEU A 1 8   ? 5.063   3.503   12.384  1.00 38.30 ? 20  LEU A CD1 1 
ATOM   69  C CD2 . LEU A 1 8   ? 7.474   3.571   11.691  1.00 36.96 ? 20  LEU A CD2 1 
ATOM   70  N N   . ARG A 1 9   ? 8.479   2.715   8.152   1.00 24.18 ? 21  ARG A N   1 
ATOM   71  C CA  . ARG A 1 9   ? 9.308   1.678   7.543   1.00 25.88 ? 21  ARG A CA  1 
ATOM   72  C C   . ARG A 1 9   ? 8.879   0.322   8.134   1.00 24.72 ? 21  ARG A C   1 
ATOM   73  O O   . ARG A 1 9   ? 8.797   0.165   9.362   1.00 24.16 ? 21  ARG A O   1 
ATOM   74  C CB  . ARG A 1 9   ? 10.780  1.962   7.851   1.00 24.38 ? 21  ARG A CB  1 
ATOM   75  C CG  . ARG A 1 9   ? 11.771  1.128   7.065   1.00 28.86 ? 21  ARG A CG  1 
ATOM   76  C CD  . ARG A 1 9   ? 11.740  1.502   5.595   1.00 29.22 ? 21  ARG A CD  1 
ATOM   77  N NE  . ARG A 1 9   ? 12.637  0.678   4.780   1.00 29.23 ? 21  ARG A NE  1 
ATOM   78  C CZ  . ARG A 1 9   ? 13.815  1.072   4.300   1.00 27.07 ? 21  ARG A CZ  1 
ATOM   79  N NH1 . ARG A 1 9   ? 14.274  2.291   4.541   1.00 25.23 ? 21  ARG A NH1 1 
ATOM   80  N NH2 . ARG A 1 9   ? 14.529  0.238   3.563   1.00 27.50 ? 21  ARG A NH2 1 
ATOM   81  N N   . LEU A 1 10  ? 8.583   -0.640  7.267   1.00 24.12 ? 22  LEU A N   1 
ATOM   82  C CA  . LEU A 1 10  ? 8.144   -1.957  7.722   1.00 28.85 ? 22  LEU A CA  1 
ATOM   83  C C   . LEU A 1 10  ? 9.045   -2.517  8.817   1.00 30.23 ? 22  LEU A C   1 
ATOM   84  O O   . LEU A 1 10  ? 10.259  -2.560  8.658   1.00 29.81 ? 22  LEU A O   1 
ATOM   85  C CB  . LEU A 1 10  ? 8.107   -2.940  6.547   1.00 29.91 ? 22  LEU A CB  1 
ATOM   86  C CG  . LEU A 1 10  ? 7.507   -4.327  6.832   1.00 34.02 ? 22  LEU A CG  1 
ATOM   87  C CD1 . LEU A 1 10  ? 5.997   -4.209  6.999   1.00 29.30 ? 22  LEU A CD1 1 
ATOM   88  C CD2 . LEU A 1 10  ? 7.829   -5.283  5.693   1.00 30.78 ? 22  LEU A CD2 1 
ATOM   89  N N   . GLY A 1 11  ? 8.433   -2.921  9.929   1.00 34.31 ? 23  GLY A N   1 
ATOM   90  C CA  . GLY A 1 11  ? 9.165   -3.494  11.049  1.00 36.59 ? 23  GLY A CA  1 
ATOM   91  C C   . GLY A 1 11  ? 9.628   -2.532  12.134  1.00 40.51 ? 23  GLY A C   1 
ATOM   92  O O   . GLY A 1 11  ? 10.167  -2.956  13.163  1.00 40.22 ? 23  GLY A O   1 
ATOM   93  N N   . ALA A 1 12  ? 9.422   -1.238  11.919  1.00 40.83 ? 24  ALA A N   1 
ATOM   94  C CA  . ALA A 1 12  ? 9.857   -0.233  12.882  1.00 43.70 ? 24  ALA A CA  1 
ATOM   95  C C   . ALA A 1 12  ? 8.997   -0.192  14.139  1.00 46.03 ? 24  ALA A C   1 
ATOM   96  O O   . ALA A 1 12  ? 7.805   -0.496  14.099  1.00 45.66 ? 24  ALA A O   1 
ATOM   97  C CB  . ALA A 1 12  ? 9.871   1.134   12.222  1.00 43.59 ? 24  ALA A CB  1 
ATOM   98  N N   . GLU A 1 13  ? 9.611   0.181   15.259  1.00 50.77 ? 25  GLU A N   1 
ATOM   99  C CA  . GLU A 1 13  ? 8.885   0.275   16.520  1.00 56.55 ? 25  GLU A CA  1 
ATOM   100 C C   . GLU A 1 13  ? 8.111   1.585   16.520  1.00 60.20 ? 25  GLU A C   1 
ATOM   101 O O   . GLU A 1 13  ? 7.928   2.201   15.469  1.00 61.17 ? 25  GLU A O   1 
ATOM   102 C CB  . GLU A 1 13  ? 9.842   0.258   17.712  1.00 57.81 ? 25  GLU A CB  1 
ATOM   103 C CG  . GLU A 1 13  ? 10.776  -0.936  17.757  1.00 59.35 ? 25  GLU A CG  1 
ATOM   104 C CD  . GLU A 1 13  ? 11.198  -1.293  19.169  1.00 60.10 ? 25  GLU A CD  1 
ATOM   105 O OE1 . GLU A 1 13  ? 11.695  -0.408  19.896  1.00 61.56 ? 25  GLU A OE1 1 
ATOM   106 O OE2 . GLU A 1 13  ? 11.032  -2.466  19.553  1.00 62.75 ? 25  GLU A OE2 1 
ATOM   107 N N   . GLU A 1 14  ? 7.664   2.019   17.693  1.00 63.62 ? 26  GLU A N   1 
ATOM   108 C CA  . GLU A 1 14  ? 6.911   3.262   17.793  1.00 66.51 ? 26  GLU A CA  1 
ATOM   109 C C   . GLU A 1 14  ? 7.889   4.429   17.961  1.00 66.04 ? 26  GLU A C   1 
ATOM   110 O O   . GLU A 1 14  ? 7.600   5.558   17.554  1.00 65.95 ? 26  GLU A O   1 
ATOM   111 C CB  . GLU A 1 14  ? 5.949   3.214   18.983  1.00 70.48 ? 26  GLU A CB  1 
ATOM   112 C CG  . GLU A 1 14  ? 6.629   3.216   20.343  1.00 75.77 ? 26  GLU A CG  1 
ATOM   113 C CD  . GLU A 1 14  ? 5.657   2.951   21.471  1.00 79.84 ? 26  GLU A CD  1 
ATOM   114 O OE1 . GLU A 1 14  ? 4.466   2.767   21.175  1.00 81.59 ? 26  GLU A OE1 1 
ATOM   115 O OE2 . GLU A 1 14  ? 6.079   2.917   22.644  1.00 81.32 ? 26  GLU A OE2 1 
ATOM   116 N N   . GLY A 1 15  ? 9.047   4.151   18.558  1.00 65.26 ? 27  GLY A N   1 
ATOM   117 C CA  . GLY A 1 15  ? 10.045  5.191   18.755  1.00 63.57 ? 27  GLY A CA  1 
ATOM   118 C C   . GLY A 1 15  ? 10.862  5.482   17.506  1.00 61.60 ? 27  GLY A C   1 
ATOM   119 O O   . GLY A 1 15  ? 11.882  6.163   17.573  1.00 61.85 ? 27  GLY A O   1 
ATOM   120 N N   . GLU A 1 16  ? 10.415  4.968   16.364  1.00 59.07 ? 28  GLU A N   1 
ATOM   121 C CA  . GLU A 1 16  ? 11.111  5.178   15.098  1.00 55.10 ? 28  GLU A CA  1 
ATOM   122 C C   . GLU A 1 16  ? 10.494  6.326   14.311  1.00 51.17 ? 28  GLU A C   1 
ATOM   123 O O   . GLU A 1 16  ? 9.299   6.593   14.418  1.00 48.61 ? 28  GLU A O   1 
ATOM   124 C CB  . GLU A 1 16  ? 11.067  3.899   14.257  1.00 58.93 ? 28  GLU A CB  1 
ATOM   125 C CG  . GLU A 1 16  ? 12.098  2.862   14.661  1.00 65.70 ? 28  GLU A CG  1 
ATOM   126 C CD  . GLU A 1 16  ? 13.465  3.174   14.091  1.00 71.17 ? 28  GLU A CD  1 
ATOM   127 O OE1 . GLU A 1 16  ? 14.462  2.622   14.604  1.00 74.49 ? 28  GLU A OE1 1 
ATOM   128 O OE2 . GLU A 1 16  ? 13.538  3.964   13.121  1.00 73.51 ? 28  GLU A OE2 1 
ATOM   129 N N   . PRO A 1 17  ? 11.311  7.020   13.504  1.00 49.34 ? 29  PRO A N   1 
ATOM   130 C CA  . PRO A 1 17  ? 10.844  8.145   12.693  1.00 48.30 ? 29  PRO A CA  1 
ATOM   131 C C   . PRO A 1 17  ? 9.857   7.696   11.624  1.00 47.42 ? 29  PRO A C   1 
ATOM   132 O O   . PRO A 1 17  ? 10.019  6.631   11.033  1.00 47.16 ? 29  PRO A O   1 
ATOM   133 C CB  . PRO A 1 17  ? 12.134  8.680   12.071  1.00 48.91 ? 29  PRO A CB  1 
ATOM   134 C CG  . PRO A 1 17  ? 13.182  8.293   13.051  1.00 48.71 ? 29  PRO A CG  1 
ATOM   135 C CD  . PRO A 1 17  ? 12.774  6.894   13.415  1.00 49.13 ? 29  PRO A CD  1 
ATOM   136 N N   . HIS A 1 18  ? 8.830   8.500   11.383  1.00 47.06 ? 30  HIS A N   1 
ATOM   137 C CA  . HIS A 1 18  ? 7.853   8.175   10.356  1.00 47.56 ? 30  HIS A CA  1 
ATOM   138 C C   . HIS A 1 18  ? 7.758   9.335   9.369   1.00 46.14 ? 30  HIS A C   1 
ATOM   139 O O   . HIS A 1 18  ? 8.299   10.412  9.614   1.00 45.70 ? 30  HIS A O   1 
ATOM   140 C CB  . HIS A 1 18  ? 6.481   7.871   10.970  1.00 50.90 ? 30  HIS A CB  1 
ATOM   141 C CG  . HIS A 1 18  ? 5.943   8.959   11.843  1.00 54.55 ? 30  HIS A CG  1 
ATOM   142 N ND1 . HIS A 1 18  ? 6.531   9.314   13.039  1.00 57.53 ? 30  HIS A ND1 1 
ATOM   143 C CD2 . HIS A 1 18  ? 4.861   9.760   11.703  1.00 56.29 ? 30  HIS A CD2 1 
ATOM   144 C CE1 . HIS A 1 18  ? 5.833   10.286  13.597  1.00 59.19 ? 30  HIS A CE1 1 
ATOM   145 N NE2 . HIS A 1 18  ? 4.814   10.576  12.808  1.00 59.01 ? 30  HIS A NE2 1 
ATOM   146 N N   . VAL A 1 19  ? 7.089   9.103   8.245   1.00 43.52 ? 31  VAL A N   1 
ATOM   147 C CA  . VAL A 1 19  ? 6.945   10.124  7.214   1.00 42.81 ? 31  VAL A CA  1 
ATOM   148 C C   . VAL A 1 19  ? 5.539   10.709  7.240   1.00 43.83 ? 31  VAL A C   1 
ATOM   149 O O   . VAL A 1 19  ? 4.547   9.995   7.072   1.00 41.75 ? 31  VAL A O   1 
ATOM   150 C CB  . VAL A 1 19  ? 7.230   9.540   5.808   1.00 42.17 ? 31  VAL A CB  1 
ATOM   151 C CG1 . VAL A 1 19  ? 7.215   10.647  4.765   1.00 40.33 ? 31  VAL A CG1 1 
ATOM   152 C CG2 . VAL A 1 19  ? 8.569   8.831   5.806   1.00 41.13 ? 31  VAL A CG2 1 
ATOM   153 N N   . LEU A 1 20  ? 5.466   12.019  7.448   1.00 45.60 ? 32  LEU A N   1 
ATOM   154 C CA  . LEU A 1 20  ? 4.190   12.724  7.513   1.00 47.37 ? 32  LEU A CA  1 
ATOM   155 C C   . LEU A 1 20  ? 3.689   13.150  6.140   1.00 48.34 ? 32  LEU A C   1 
ATOM   156 O O   . LEU A 1 20  ? 4.373   13.867  5.410   1.00 47.71 ? 32  LEU A O   1 
ATOM   157 C CB  . LEU A 1 20  ? 4.331   13.951  8.413   1.00 50.48 ? 32  LEU A CB  1 
ATOM   158 C CG  . LEU A 1 20  ? 4.810   13.652  9.838   1.00 52.53 ? 32  LEU A CG  1 
ATOM   159 C CD1 . LEU A 1 20  ? 5.114   14.953  10.575  1.00 54.95 ? 32  LEU A CD1 1 
ATOM   160 C CD2 . LEU A 1 20  ? 3.746   12.845  10.564  1.00 53.28 ? 32  LEU A CD2 1 
ATOM   161 N N   . LEU A 1 21  ? 2.491   12.696  5.794   1.00 48.96 ? 33  LEU A N   1 
ATOM   162 C CA  . LEU A 1 21  ? 1.881   13.032  4.514   1.00 50.90 ? 33  LEU A CA  1 
ATOM   163 C C   . LEU A 1 21  ? 0.967   14.228  4.765   1.00 54.60 ? 33  LEU A C   1 
ATOM   164 O O   . LEU A 1 21  ? -0.154  14.082  5.258   1.00 53.07 ? 33  LEU A O   1 
ATOM   165 C CB  . LEU A 1 21  ? 1.086   11.834  3.989   1.00 46.82 ? 33  LEU A CB  1 
ATOM   166 C CG  . LEU A 1 21  ? 1.918   10.555  3.810   1.00 43.38 ? 33  LEU A CG  1 
ATOM   167 C CD1 . LEU A 1 21  ? 1.016   9.385   3.447   1.00 40.18 ? 33  LEU A CD1 1 
ATOM   168 C CD2 . LEU A 1 21  ? 2.968   10.776  2.732   1.00 42.03 ? 33  LEU A CD2 1 
ATOM   169 N N   . ARG A 1 22  ? 1.466   15.414  4.424   1.00 59.64 ? 34  ARG A N   1 
ATOM   170 C CA  . ARG A 1 22  ? 0.734   16.656  4.646   1.00 63.63 ? 34  ARG A CA  1 
ATOM   171 C C   . ARG A 1 22  ? 0.394   17.415  3.356   1.00 63.72 ? 34  ARG A C   1 
ATOM   172 O O   . ARG A 1 22  ? 0.054   18.596  3.407   1.00 65.17 ? 34  ARG A O   1 
ATOM   173 C CB  . ARG A 1 22  ? 1.564   17.560  5.566   1.00 66.51 ? 34  ARG A CB  1 
ATOM   174 C CG  . ARG A 1 22  ? 0.776   18.640  6.288   1.00 71.91 ? 34  ARG A CG  1 
ATOM   175 C CD  . ARG A 1 22  ? 1.703   19.744  6.793   1.00 76.24 ? 34  ARG A CD  1 
ATOM   176 N NE  . ARG A 1 22  ? 2.369   20.427  5.684   1.00 77.70 ? 34  ARG A NE  1 
ATOM   177 C CZ  . ARG A 1 22  ? 1.730   21.104  4.733   1.00 78.25 ? 34  ARG A CZ  1 
ATOM   178 N NH1 . ARG A 1 22  ? 0.406   21.198  4.753   1.00 77.37 ? 34  ARG A NH1 1 
ATOM   179 N NH2 . ARG A 1 22  ? 2.414   21.677  3.751   1.00 78.81 ? 34  ARG A NH2 1 
ATOM   180 N N   . LYS A 1 23  ? 0.478   16.743  2.211   1.00 64.03 ? 35  LYS A N   1 
ATOM   181 C CA  . LYS A 1 23  ? 0.180   17.380  0.927   1.00 62.85 ? 35  LYS A CA  1 
ATOM   182 C C   . LYS A 1 23  ? -1.016  16.768  0.206   1.00 61.81 ? 35  LYS A C   1 
ATOM   183 O O   . LYS A 1 23  ? -1.908  16.198  0.829   1.00 63.49 ? 35  LYS A O   1 
ATOM   184 C CB  . LYS A 1 23  ? 1.389   17.295  -0.001  1.00 64.27 ? 35  LYS A CB  1 
ATOM   185 C CG  . LYS A 1 23  ? 2.610   18.070  0.438   1.00 66.35 ? 35  LYS A CG  1 
ATOM   186 C CD  . LYS A 1 23  ? 3.672   17.987  -0.654  1.00 65.34 ? 35  LYS A CD  1 
ATOM   187 C CE  . LYS A 1 23  ? 4.869   18.866  -0.360  1.00 66.39 ? 35  LYS A CE  1 
ATOM   188 N NZ  . LYS A 1 23  ? 5.820   18.878  -1.509  1.00 64.18 ? 35  LYS A NZ  1 
ATOM   189 N N   . ARG A 1 24  ? -1.018  16.895  -1.118  1.00 58.67 ? 36  ARG A N   1 
ATOM   190 C CA  . ARG A 1 24  ? -2.082  16.358  -1.961  1.00 55.26 ? 36  ARG A CA  1 
ATOM   191 C C   . ARG A 1 24  ? -1.475  15.387  -2.967  1.00 51.84 ? 36  ARG A C   1 
ATOM   192 O O   . ARG A 1 24  ? -2.132  14.453  -3.432  1.00 48.09 ? 36  ARG A O   1 
ATOM   193 C CB  . ARG A 1 24  ? -2.799  17.493  -2.702  1.00 57.91 ? 36  ARG A CB  1 
ATOM   194 C CG  . ARG A 1 24  ? -3.735  17.016  -3.814  1.00 62.07 ? 36  ARG A CG  1 
ATOM   195 C CD  . ARG A 1 24  ? -4.629  18.128  -4.360  1.00 63.93 ? 36  ARG A CD  1 
ATOM   196 N NE  . ARG A 1 24  ? -5.586  18.605  -3.361  1.00 67.62 ? 36  ARG A NE  1 
ATOM   197 C CZ  . ARG A 1 24  ? -5.326  19.538  -2.448  1.00 65.64 ? 36  ARG A CZ  1 
ATOM   198 N NH1 . ARG A 1 24  ? -4.129  20.109  -2.398  1.00 65.69 ? 36  ARG A NH1 1 
ATOM   199 N NH2 . ARG A 1 24  ? -6.262  19.897  -1.577  1.00 62.36 ? 36  ARG A NH2 1 
ATOM   200 N N   . GLU A 1 25  ? -0.210  15.619  -3.296  1.00 49.46 ? 37  GLU A N   1 
ATOM   201 C CA  . GLU A 1 25  ? 0.507   14.780  -4.240  1.00 45.76 ? 37  GLU A CA  1 
ATOM   202 C C   . GLU A 1 25  ? 1.936   14.584  -3.756  1.00 43.66 ? 37  GLU A C   1 
ATOM   203 O O   . GLU A 1 25  ? 2.814   15.405  -4.028  1.00 43.09 ? 37  GLU A O   1 
ATOM   204 C CB  . GLU A 1 25  ? 0.492   15.411  -5.639  1.00 47.09 ? 37  GLU A CB  1 
ATOM   205 C CG  . GLU A 1 25  ? 1.291   14.634  -6.673  1.00 47.42 ? 37  GLU A CG  1 
ATOM   206 C CD  . GLU A 1 25  ? 1.209   15.233  -8.066  1.00 49.64 ? 37  GLU A CD  1 
ATOM   207 O OE1 . GLU A 1 25  ? 1.357   16.472  -8.209  1.00 49.37 ? 37  GLU A OE1 1 
ATOM   208 O OE2 . GLU A 1 25  ? 1.010   14.452  -9.021  1.00 49.20 ? 37  GLU A OE2 1 
ATOM   209 N N   . TRP A 1 26  ? 2.150   13.487  -3.032  1.00 38.66 ? 38  TRP A N   1 
ATOM   210 C CA  . TRP A 1 26  ? 3.451   13.127  -2.477  1.00 33.58 ? 38  TRP A CA  1 
ATOM   211 C C   . TRP A 1 26  ? 4.225   12.238  -3.457  1.00 32.39 ? 38  TRP A C   1 
ATOM   212 O O   . TRP A 1 26  ? 3.770   11.151  -3.817  1.00 33.25 ? 38  TRP A O   1 
ATOM   213 C CB  . TRP A 1 26  ? 3.237   12.413  -1.139  1.00 32.12 ? 38  TRP A CB  1 
ATOM   214 C CG  . TRP A 1 26  ? 4.482   11.987  -0.439  1.00 29.82 ? 38  TRP A CG  1 
ATOM   215 C CD1 . TRP A 1 26  ? 5.135   10.788  -0.564  1.00 30.09 ? 38  TRP A CD1 1 
ATOM   216 C CD2 . TRP A 1 26  ? 5.237   12.757  0.498   1.00 30.58 ? 38  TRP A CD2 1 
ATOM   217 N NE1 . TRP A 1 26  ? 6.253   10.770  0.241   1.00 27.84 ? 38  TRP A NE1 1 
ATOM   218 C CE2 . TRP A 1 26  ? 6.338   11.967  0.900   1.00 28.25 ? 38  TRP A CE2 1 
ATOM   219 C CE3 . TRP A 1 26  ? 5.094   14.043  1.033   1.00 34.05 ? 38  TRP A CE3 1 
ATOM   220 C CZ2 . TRP A 1 26  ? 7.286   12.418  1.820   1.00 31.87 ? 38  TRP A CZ2 1 
ATOM   221 C CZ3 . TRP A 1 26  ? 6.043   14.496  1.955   1.00 35.66 ? 38  TRP A CZ3 1 
ATOM   222 C CH2 . TRP A 1 26  ? 7.128   13.683  2.332   1.00 35.41 ? 38  TRP A CH2 1 
ATOM   223 N N   . THR A 1 27  ? 5.400   12.701  -3.879  1.00 29.95 ? 39  THR A N   1 
ATOM   224 C CA  . THR A 1 27  ? 6.212   11.964  -4.845  1.00 26.43 ? 39  THR A CA  1 
ATOM   225 C C   . THR A 1 27  ? 7.336   11.147  -4.215  1.00 24.54 ? 39  THR A C   1 
ATOM   226 O O   . THR A 1 27  ? 7.977   11.570  -3.254  1.00 20.97 ? 39  THR A O   1 
ATOM   227 C CB  . THR A 1 27  ? 6.829   12.924  -5.906  1.00 28.86 ? 39  THR A CB  1 
ATOM   228 O OG1 . THR A 1 27  ? 7.791   13.776  -5.277  1.00 31.74 ? 39  THR A OG1 1 
ATOM   229 C CG2 . THR A 1 27  ? 5.739   13.791  -6.545  1.00 28.07 ? 39  THR A CG2 1 
ATOM   230 N N   . ILE A 1 28  ? 7.575   9.975   -4.792  1.00 24.27 ? 40  ILE A N   1 
ATOM   231 C CA  . ILE A 1 28  ? 8.600   9.052   -4.318  1.00 25.64 ? 40  ILE A CA  1 
ATOM   232 C C   . ILE A 1 28  ? 9.440   8.618   -5.517  1.00 26.43 ? 40  ILE A C   1 
ATOM   233 O O   . ILE A 1 28  ? 8.887   8.284   -6.567  1.00 27.55 ? 40  ILE A O   1 
ATOM   234 C CB  . ILE A 1 28  ? 7.959   7.784   -3.688  1.00 22.18 ? 40  ILE A CB  1 
ATOM   235 C CG1 . ILE A 1 28  ? 7.023   8.167   -2.533  1.00 24.50 ? 40  ILE A CG1 1 
ATOM   236 C CG2 . ILE A 1 28  ? 9.049   6.847   -3.194  1.00 20.95 ? 40  ILE A CG2 1 
ATOM   237 C CD1 . ILE A 1 28  ? 6.303   6.960   -1.894  1.00 19.24 ? 40  ILE A CD1 1 
ATOM   238 N N   . GLY A 1 29  ? 10.763  8.621   -5.371  1.00 26.22 ? 41  GLY A N   1 
ATOM   239 C CA  . GLY A 1 29  ? 11.609  8.202   -6.476  1.00 27.30 ? 41  GLY A CA  1 
ATOM   240 C C   . GLY A 1 29  ? 13.103  8.261   -6.192  1.00 30.81 ? 41  GLY A C   1 
ATOM   241 O O   . GLY A 1 29  ? 13.515  8.416   -5.045  1.00 30.71 ? 41  GLY A O   1 
ATOM   242 N N   . ARG A 1 30  ? 13.916  8.153   -7.241  1.00 33.57 ? 42  ARG A N   1 
ATOM   243 C CA  . ARG A 1 30  ? 15.373  8.193   -7.110  1.00 36.72 ? 42  ARG A CA  1 
ATOM   244 C C   . ARG A 1 30  ? 15.862  9.633   -7.329  1.00 36.10 ? 42  ARG A C   1 
ATOM   245 O O   . ARG A 1 30  ? 16.911  10.021  -6.779  1.00 36.48 ? 42  ARG A O   1 
ATOM   246 C CB  . ARG A 1 30  ? 16.020  7.234   -8.137  1.00 39.79 ? 42  ARG A CB  1 
ATOM   247 C CG  . ARG A 1 30  ? 17.485  6.852   -7.857  1.00 44.40 ? 42  ARG A CG  1 
ATOM   248 C CD  . ARG A 1 30  ? 18.116  6.095   -9.039  1.00 47.60 ? 42  ARG A CD  1 
ATOM   249 N NE  . ARG A 1 30  ? 18.182  6.936   -10.235 1.00 55.52 ? 42  ARG A NE  1 
ATOM   250 C CZ  . ARG A 1 30  ? 17.629  6.624   -11.406 1.00 57.45 ? 42  ARG A CZ  1 
ATOM   251 N NH1 . ARG A 1 30  ? 16.969  5.480   -11.547 1.00 61.61 ? 42  ARG A NH1 1 
ATOM   252 N NH2 . ARG A 1 30  ? 17.719  7.461   -12.432 1.00 59.16 ? 42  ARG A NH2 1 
ATOM   253 N N   . ARG A 1 31  ? 15.104  10.422  -8.106  1.00 37.85 ? 43  ARG A N   1 
ATOM   254 C CA  . ARG A 1 31  ? 15.473  11.813  -8.397  1.00 40.28 ? 43  ARG A CA  1 
ATOM   255 C C   . ARG A 1 31  ? 15.540  12.669  -7.113  1.00 41.50 ? 43  ARG A C   1 
ATOM   256 O O   . ARG A 1 31  ? 14.924  12.333  -6.095  1.00 41.87 ? 43  ARG A O   1 
ATOM   257 C CB  . ARG A 1 31  ? 14.481  12.432  -9.392  1.00 44.49 ? 43  ARG A CB  1 
ATOM   258 C CG  . ARG A 1 31  ? 14.296  11.697  -10.771 1.00 47.17 ? 43  ARG A CG  1 
ATOM   259 C CD  . ARG A 1 31  ? 15.277  12.120  -11.900 1.00 50.75 ? 43  ARG A CD  1 
ATOM   260 N NE  . ARG A 1 31  ? 14.823  11.752  -13.255 1.00 53.03 ? 43  ARG A NE  1 
ATOM   261 C CZ  . ARG A 1 31  ? 15.130  10.629  -13.908 1.00 55.07 ? 43  ARG A CZ  1 
ATOM   262 N NH1 . ARG A 1 31  ? 15.914  9.718   -13.351 1.00 57.66 ? 43  ARG A NH1 1 
ATOM   263 N NH2 . ARG A 1 31  ? 14.645  10.408  -15.127 1.00 56.90 ? 43  ARG A NH2 1 
ATOM   264 N N   . ARG A 1 32  ? 16.302  13.763  -7.163  1.00 40.63 ? 44  ARG A N   1 
ATOM   265 C CA  . ARG A 1 32  ? 16.488  14.655  -6.011  1.00 38.82 ? 44  ARG A CA  1 
ATOM   266 C C   . ARG A 1 32  ? 15.263  15.450  -5.560  1.00 37.48 ? 44  ARG A C   1 
ATOM   267 O O   . ARG A 1 32  ? 15.095  15.716  -4.369  1.00 38.62 ? 44  ARG A O   1 
ATOM   268 C CB  . ARG A 1 32  ? 17.645  15.639  -6.307  1.00 42.81 ? 44  ARG A CB  1 
ATOM   269 C CG  . ARG A 1 32  ? 17.835  16.763  -5.279  1.00 44.27 ? 44  ARG A CG  1 
ATOM   270 C CD  . ARG A 1 32  ? 19.062  16.575  -4.378  1.00 45.47 ? 44  ARG A CD  1 
ATOM   271 N NE  . ARG A 1 32  ? 20.342  16.752  -5.069  1.00 46.15 ? 44  ARG A NE  1 
ATOM   272 C CZ  . ARG A 1 32  ? 21.095  15.760  -5.540  1.00 46.64 ? 44  ARG A CZ  1 
ATOM   273 N NH1 . ARG A 1 32  ? 20.699  14.497  -5.399  1.00 49.62 ? 44  ARG A NH1 1 
ATOM   274 N NH2 . ARG A 1 32  ? 22.255  16.026  -6.138  1.00 43.14 ? 44  ARG A NH2 1 
ATOM   275 N N   . GLY A 1 33  ? 14.423  15.841  -6.515  1.00 33.31 ? 45  GLY A N   1 
ATOM   276 C CA  . GLY A 1 33  ? 13.246  16.634  -6.196  1.00 34.59 ? 45  GLY A CA  1 
ATOM   277 C C   . GLY A 1 33  ? 12.043  15.911  -5.618  1.00 33.17 ? 45  GLY A C   1 
ATOM   278 O O   . GLY A 1 33  ? 11.034  16.544  -5.306  1.00 32.56 ? 45  GLY A O   1 
ATOM   279 N N   . CYS A 1 34  ? 12.129  14.591  -5.483  1.00 32.55 ? 46  CYS A N   1 
ATOM   280 C CA  . CYS A 1 34  ? 11.025  13.809  -4.915  1.00 30.07 ? 46  CYS A CA  1 
ATOM   281 C C   . CYS A 1 34  ? 10.935  14.047  -3.407  1.00 26.65 ? 46  CYS A C   1 
ATOM   282 O O   . CYS A 1 34  ? 11.953  14.220  -2.739  1.00 26.20 ? 46  CYS A O   1 
ATOM   283 C CB  . CYS A 1 34  ? 11.239  12.307  -5.162  1.00 30.82 ? 46  CYS A CB  1 
ATOM   284 S SG  . CYS A 1 34  ? 11.269  11.767  -6.909  1.00 33.95 ? 46  CYS A SG  1 
ATOM   285 N N   . ASP A 1 35  ? 9.715   14.061  -2.880  1.00 25.93 ? 47  ASP A N   1 
ATOM   286 C CA  . ASP A 1 35  ? 9.481   14.249  -1.449  1.00 25.91 ? 47  ASP A CA  1 
ATOM   287 C C   . ASP A 1 35  ? 10.185  13.149  -0.653  1.00 24.99 ? 47  ASP A C   1 
ATOM   288 O O   . ASP A 1 35  ? 10.685  13.388  0.440   1.00 28.18 ? 47  ASP A O   1 
ATOM   289 C CB  . ASP A 1 35  ? 7.980   14.238  -1.166  1.00 26.85 ? 47  ASP A CB  1 
ATOM   290 C CG  . ASP A 1 35  ? 7.258   15.413  -1.811  1.00 31.68 ? 47  ASP A CG  1 
ATOM   291 O OD1 . ASP A 1 35  ? 7.464   16.559  -1.348  1.00 31.60 ? 47  ASP A OD1 1 
ATOM   292 O OD2 . ASP A 1 35  ? 6.491   15.186  -2.776  1.00 34.29 ? 47  ASP A OD2 1 
ATOM   293 N N   . LEU A 1 36  ? 10.227  11.939  -1.202  1.00 25.85 ? 48  LEU A N   1 
ATOM   294 C CA  . LEU A 1 36  ? 10.933  10.836  -0.544  1.00 23.31 ? 48  LEU A CA  1 
ATOM   295 C C   . LEU A 1 36  ? 11.819  10.216  -1.626  1.00 23.23 ? 48  LEU A C   1 
ATOM   296 O O   . LEU A 1 36  ? 11.335  9.553   -2.533  1.00 21.46 ? 48  LEU A O   1 
ATOM   297 C CB  . LEU A 1 36  ? 9.948   9.799   -0.001  1.00 23.60 ? 48  LEU A CB  1 
ATOM   298 C CG  . LEU A 1 36  ? 10.480  8.815   1.060   1.00 24.30 ? 48  LEU A CG  1 
ATOM   299 C CD1 . LEU A 1 36  ? 10.699  9.540   2.399   1.00 24.35 ? 48  LEU A CD1 1 
ATOM   300 C CD2 . LEU A 1 36  ? 9.478   7.697   1.255   1.00 26.60 ? 48  LEU A CD2 1 
ATOM   301 N N   . SER A 1 37  ? 13.123  10.429  -1.536  1.00 24.64 ? 49  SER A N   1 
ATOM   302 C CA  . SER A 1 37  ? 13.990  9.889   -2.564  1.00 27.51 ? 49  SER A CA  1 
ATOM   303 C C   . SER A 1 37  ? 15.076  8.954   -2.059  1.00 24.93 ? 49  SER A C   1 
ATOM   304 O O   . SER A 1 37  ? 15.496  9.009   -0.905  1.00 23.82 ? 49  SER A O   1 
ATOM   305 C CB  . SER A 1 37  ? 14.611  11.030  -3.387  1.00 29.56 ? 49  SER A CB  1 
ATOM   306 O OG  . SER A 1 37  ? 15.751  11.568  -2.758  1.00 28.52 ? 49  SER A OG  1 
ATOM   307 N N   . PHE A 1 38  ? 15.507  8.078   -2.954  1.00 25.79 ? 50  PHE A N   1 
ATOM   308 C CA  . PHE A 1 38  ? 16.542  7.089   -2.664  1.00 26.40 ? 50  PHE A CA  1 
ATOM   309 C C   . PHE A 1 38  ? 17.515  7.248   -3.822  1.00 26.49 ? 50  PHE A C   1 
ATOM   310 O O   . PHE A 1 38  ? 17.494  6.486   -4.786  1.00 27.34 ? 50  PHE A O   1 
ATOM   311 C CB  . PHE A 1 38  ? 15.936  5.681   -2.651  1.00 23.26 ? 50  PHE A CB  1 
ATOM   312 C CG  . PHE A 1 38  ? 14.758  5.537   -1.729  1.00 22.93 ? 50  PHE A CG  1 
ATOM   313 C CD1 . PHE A 1 38  ? 13.543  6.145   -2.033  1.00 22.70 ? 50  PHE A CD1 1 
ATOM   314 C CD2 . PHE A 1 38  ? 14.859  4.794   -0.554  1.00 23.36 ? 50  PHE A CD2 1 
ATOM   315 C CE1 . PHE A 1 38  ? 12.447  6.012   -1.184  1.00 22.65 ? 50  PHE A CE1 1 
ATOM   316 C CE2 . PHE A 1 38  ? 13.768  4.653   0.304   1.00 19.71 ? 50  PHE A CE2 1 
ATOM   317 C CZ  . PHE A 1 38  ? 12.563  5.262   -0.007  1.00 21.88 ? 50  PHE A CZ  1 
ATOM   318 N N   . PRO A 1 39  ? 18.389  8.253   -3.732  1.00 27.23 ? 51  PRO A N   1 
ATOM   319 C CA  . PRO A 1 39  ? 19.381  8.567   -4.761  1.00 28.31 ? 51  PRO A CA  1 
ATOM   320 C C   . PRO A 1 39  ? 20.312  7.449   -5.218  1.00 29.11 ? 51  PRO A C   1 
ATOM   321 O O   . PRO A 1 39  ? 20.709  7.408   -6.378  1.00 31.51 ? 51  PRO A O   1 
ATOM   322 C CB  . PRO A 1 39  ? 20.133  9.750   -4.149  1.00 28.72 ? 51  PRO A CB  1 
ATOM   323 C CG  . PRO A 1 39  ? 20.094  9.431   -2.691  1.00 30.87 ? 51  PRO A CG  1 
ATOM   324 C CD  . PRO A 1 39  ? 18.661  9.009   -2.498  1.00 24.16 ? 51  PRO A CD  1 
ATOM   325 N N   . SER A 1 40  ? 20.653  6.535   -4.321  1.00 32.84 ? 52  SER A N   1 
ATOM   326 C CA  . SER A 1 40  ? 21.571  5.464   -4.684  1.00 37.11 ? 52  SER A CA  1 
ATOM   327 C C   . SER A 1 40  ? 20.934  4.118   -5.005  1.00 36.55 ? 52  SER A C   1 
ATOM   328 O O   . SER A 1 40  ? 21.648  3.144   -5.229  1.00 39.31 ? 52  SER A O   1 
ATOM   329 C CB  . SER A 1 40  ? 22.616  5.273   -3.578  1.00 36.36 ? 52  SER A CB  1 
ATOM   330 O OG  . SER A 1 40  ? 22.034  4.703   -2.416  1.00 44.79 ? 52  SER A OG  1 
ATOM   331 N N   . ASN A 1 41  ? 19.607  4.049   -5.044  1.00 34.72 ? 53  ASN A N   1 
ATOM   332 C CA  . ASN A 1 41  ? 18.952  2.773   -5.335  1.00 31.69 ? 53  ASN A CA  1 
ATOM   333 C C   . ASN A 1 41  ? 18.528  2.643   -6.794  1.00 31.28 ? 53  ASN A C   1 
ATOM   334 O O   . ASN A 1 41  ? 17.569  3.270   -7.243  1.00 30.05 ? 53  ASN A O   1 
ATOM   335 C CB  . ASN A 1 41  ? 17.739  2.577   -4.427  1.00 28.71 ? 53  ASN A CB  1 
ATOM   336 C CG  . ASN A 1 41  ? 17.366  1.117   -4.275  1.00 26.20 ? 53  ASN A CG  1 
ATOM   337 O OD1 . ASN A 1 41  ? 17.253  0.395   -5.258  1.00 30.60 ? 53  ASN A OD1 1 
ATOM   338 N ND2 . ASN A 1 41  ? 17.173  0.676   -3.040  1.00 27.15 ? 53  ASN A ND2 1 
ATOM   339 N N   . LYS A 1 42  ? 19.240  1.811   -7.540  1.00 34.54 ? 54  LYS A N   1 
ATOM   340 C CA  . LYS A 1 42  ? 18.932  1.643   -8.957  1.00 37.44 ? 54  LYS A CA  1 
ATOM   341 C C   . LYS A 1 42  ? 17.670  0.835   -9.261  1.00 36.45 ? 54  LYS A C   1 
ATOM   342 O O   . LYS A 1 42  ? 17.197  0.838   -10.399 1.00 36.00 ? 54  LYS A O   1 
ATOM   343 C CB  . LYS A 1 42  ? 20.135  1.043   -9.695  1.00 43.53 ? 54  LYS A CB  1 
ATOM   344 C CG  . LYS A 1 42  ? 21.335  1.978   -9.746  1.00 46.64 ? 54  LYS A CG  1 
ATOM   345 C CD  . LYS A 1 42  ? 22.412  1.469   -10.694 1.00 49.04 ? 54  LYS A CD  1 
ATOM   346 C CE  . LYS A 1 42  ? 23.492  2.523   -10.914 1.00 49.30 ? 54  LYS A CE  1 
ATOM   347 N NZ  . LYS A 1 42  ? 22.929  3.806   -11.438 1.00 48.77 ? 54  LYS A NZ  1 
ATOM   348 N N   . LEU A 1 43  ? 17.117  0.159   -8.257  1.00 33.08 ? 55  LEU A N   1 
ATOM   349 C CA  . LEU A 1 43  ? 15.893  -0.616  -8.468  1.00 32.12 ? 55  LEU A CA  1 
ATOM   350 C C   . LEU A 1 43  ? 14.658  0.289   -8.341  1.00 31.53 ? 55  LEU A C   1 
ATOM   351 O O   . LEU A 1 43  ? 13.517  -0.156  -8.489  1.00 31.07 ? 55  LEU A O   1 
ATOM   352 C CB  . LEU A 1 43  ? 15.816  -1.770  -7.469  1.00 31.13 ? 55  LEU A CB  1 
ATOM   353 C CG  . LEU A 1 43  ? 16.901  -2.844  -7.641  1.00 36.10 ? 55  LEU A CG  1 
ATOM   354 C CD1 . LEU A 1 43  ? 16.785  -3.880  -6.537  1.00 34.66 ? 55  LEU A CD1 1 
ATOM   355 C CD2 . LEU A 1 43  ? 16.774  -3.504  -9.013  1.00 34.46 ? 55  LEU A CD2 1 
ATOM   356 N N   . VAL A 1 44  ? 14.903  1.568   -8.084  1.00 31.24 ? 56  VAL A N   1 
ATOM   357 C CA  . VAL A 1 44  ? 13.841  2.559   -7.943  1.00 30.15 ? 56  VAL A CA  1 
ATOM   358 C C   . VAL A 1 44  ? 13.924  3.570   -9.090  1.00 29.83 ? 56  VAL A C   1 
ATOM   359 O O   . VAL A 1 44  ? 14.985  4.122   -9.347  1.00 29.22 ? 56  VAL A O   1 
ATOM   360 C CB  . VAL A 1 44  ? 13.965  3.333   -6.596  1.00 30.43 ? 56  VAL A CB  1 
ATOM   361 C CG1 . VAL A 1 44  ? 12.900  4.422   -6.539  1.00 27.15 ? 56  VAL A CG1 1 
ATOM   362 C CG2 . VAL A 1 44  ? 13.818  2.382   -5.416  1.00 26.34 ? 56  VAL A CG2 1 
ATOM   363 N N   . SER A 1 45  ? 12.848  3.876   -9.866  1.00 30.32 ? 57  SER A N   1 
ATOM   364 C CA  . SER A 1 45  ? 12.811  4.815   -10.985 1.00 32.16 ? 57  SER A CA  1 
ATOM   365 C C   . SER A 1 45  ? 12.938  6.271   -10.537 1.00 32.74 ? 57  SER A C   1 
ATOM   366 O O   . SER A 1 45  ? 12.665  6.600   -9.369  1.00 32.03 ? 57  SER A O   1 
ATOM   367 C CB  . SER A 1 45  ? 11.507  4.642   -11.780 1.00 33.47 ? 57  SER A CB  1 
ATOM   368 O OG  . SER A 1 45  ? 11.392  3.321   -12.279 1.00 33.36 ? 57  SER A OG  1 
ATOM   369 N N   . GLY A 1 46  ? 13.323  7.092   -11.472 1.00 30.52 ? 58  GLY A N   1 
ATOM   370 C CA  . GLY A 1 46  ? 13.464  8.494   -11.094 1.00 32.58 ? 58  GLY A CA  1 
ATOM   371 C C   . GLY A 1 46  ? 12.209  9.105   -10.495 1.00 32.91 ? 58  GLY A C   1 
ATOM   372 O O   . GLY A 1 46  ? 12.275  9.915   -9.575  1.00 35.50 ? 58  GLY A O   1 
ATOM   373 N N   . ASP A 1 47  ? 11.067  8.722   -11.057 1.00 33.47 ? 59  ASP A N   1 
ATOM   374 C CA  . ASP A 1 47  ? 9.738   9.129   -10.601 1.00 33.72 ? 59  ASP A CA  1 
ATOM   375 C C   . ASP A 1 47  ? 9.034   7.769   -10.545 1.00 32.92 ? 59  ASP A C   1 
ATOM   376 O O   . ASP A 1 47  ? 8.558   7.259   -11.565 1.00 33.16 ? 59  ASP A O   1 
ATOM   377 C CB  . ASP A 1 47  ? 9.053   10.052  -11.614 1.00 36.22 ? 59  ASP A CB  1 
ATOM   378 C CG  . ASP A 1 47  ? 9.576   11.487  -11.555 1.00 44.04 ? 59  ASP A CG  1 
ATOM   379 O OD1 . ASP A 1 47  ? 9.449   12.132  -10.487 1.00 42.78 ? 59  ASP A OD1 1 
ATOM   380 O OD2 . ASP A 1 47  ? 10.116  11.973  -12.578 1.00 46.87 ? 59  ASP A OD2 1 
ATOM   381 N N   . HIS A 1 48  ? 8.996   7.177   -9.356  1.00 27.03 ? 60  HIS A N   1 
ATOM   382 C CA  . HIS A 1 48  ? 8.433   5.843   -9.183  1.00 27.46 ? 60  HIS A CA  1 
ATOM   383 C C   . HIS A 1 48  ? 6.919   5.769   -8.992  1.00 25.62 ? 60  HIS A C   1 
ATOM   384 O O   . HIS A 1 48  ? 6.242   5.041   -9.709  1.00 26.98 ? 60  HIS A O   1 
ATOM   385 C CB  . HIS A 1 48  ? 9.145   5.157   -8.015  1.00 29.50 ? 60  HIS A CB  1 
ATOM   386 C CG  . HIS A 1 48  ? 9.120   3.661   -8.077  1.00 29.02 ? 60  HIS A CG  1 
ATOM   387 N ND1 . HIS A 1 48  ? 10.218  2.916   -8.445  1.00 28.84 ? 60  HIS A ND1 1 
ATOM   388 C CD2 . HIS A 1 48  ? 8.133   2.770   -7.814  1.00 25.85 ? 60  HIS A CD2 1 
ATOM   389 C CE1 . HIS A 1 48  ? 9.912   1.631   -8.404  1.00 30.28 ? 60  HIS A CE1 1 
ATOM   390 N NE2 . HIS A 1 48  ? 8.651   1.515   -8.026  1.00 30.92 ? 60  HIS A NE2 1 
ATOM   391 N N   . CYS A 1 49  ? 6.397   6.519   -8.022  1.00 28.50 ? 61  CYS A N   1 
ATOM   392 C CA  . CYS A 1 49  ? 4.966   6.531   -7.738  1.00 27.63 ? 61  CYS A CA  1 
ATOM   393 C C   . CYS A 1 49  ? 4.589   7.765   -6.923  1.00 27.85 ? 61  CYS A C   1 
ATOM   394 O O   . CYS A 1 49  ? 5.447   8.432   -6.348  1.00 24.36 ? 61  CYS A O   1 
ATOM   395 C CB  . CYS A 1 49  ? 4.553   5.257   -6.968  1.00 28.33 ? 61  CYS A CB  1 
ATOM   396 S SG  . CYS A 1 49  ? 5.243   5.089   -5.299  1.00 28.52 ? 61  CYS A SG  1 
ATOM   397 N N   . ARG A 1 50  ? 3.300   8.076   -6.896  1.00 29.18 ? 62  ARG A N   1 
ATOM   398 C CA  . ARG A 1 50  ? 2.820   9.216   -6.136  1.00 30.27 ? 62  ARG A CA  1 
ATOM   399 C C   . ARG A 1 50  ? 1.569   8.812   -5.368  1.00 30.08 ? 62  ARG A C   1 
ATOM   400 O O   . ARG A 1 50  ? 0.783   7.988   -5.838  1.00 30.11 ? 62  ARG A O   1 
ATOM   401 C CB  . ARG A 1 50  ? 2.525   10.400  -7.069  1.00 31.46 ? 62  ARG A CB  1 
ATOM   402 C CG  . ARG A 1 50  ? 1.271   10.281  -7.940  1.00 37.90 ? 62  ARG A CG  1 
ATOM   403 C CD  . ARG A 1 50  ? 1.178   11.494  -8.878  1.00 43.95 ? 62  ARG A CD  1 
ATOM   404 N NE  . ARG A 1 50  ? -0.179  11.794  -9.329  1.00 44.85 ? 62  ARG A NE  1 
ATOM   405 C CZ  . ARG A 1 50  ? -0.803  11.198  -10.339 1.00 45.61 ? 62  ARG A CZ  1 
ATOM   406 N NH1 . ARG A 1 50  ? -0.202  10.244  -11.038 1.00 46.36 ? 62  ARG A NH1 1 
ATOM   407 N NH2 . ARG A 1 50  ? -2.037  11.569  -10.658 1.00 47.68 ? 62  ARG A NH2 1 
ATOM   408 N N   . ILE A 1 51  ? 1.414   9.379   -4.176  1.00 30.22 ? 63  ILE A N   1 
ATOM   409 C CA  . ILE A 1 51  ? 0.268   9.105   -3.317  1.00 31.64 ? 63  ILE A CA  1 
ATOM   410 C C   . ILE A 1 51  ? -0.564  10.377  -3.264  1.00 34.48 ? 63  ILE A C   1 
ATOM   411 O O   . ILE A 1 51  ? -0.050  11.430  -2.883  1.00 32.85 ? 63  ILE A O   1 
ATOM   412 C CB  . ILE A 1 51  ? 0.713   8.755   -1.871  1.00 30.98 ? 63  ILE A CB  1 
ATOM   413 C CG1 . ILE A 1 51  ? 1.615   7.520   -1.883  1.00 29.72 ? 63  ILE A CG1 1 
ATOM   414 C CG2 . ILE A 1 51  ? -0.515  8.528   -0.984  1.00 29.55 ? 63  ILE A CG2 1 
ATOM   415 C CD1 . ILE A 1 51  ? 2.114   7.107   -0.505  1.00 30.01 ? 63  ILE A CD1 1 
ATOM   416 N N   . VAL A 1 52  ? -1.840  10.284  -3.631  1.00 36.67 ? 64  VAL A N   1 
ATOM   417 C CA  . VAL A 1 52  ? -2.717  11.456  -3.628  1.00 40.52 ? 64  VAL A CA  1 
ATOM   418 C C   . VAL A 1 52  ? -4.002  11.299  -2.817  1.00 43.48 ? 64  VAL A C   1 
ATOM   419 O O   . VAL A 1 52  ? -4.624  10.231  -2.783  1.00 42.31 ? 64  VAL A O   1 
ATOM   420 C CB  . VAL A 1 52  ? -3.105  11.863  -5.062  1.00 42.22 ? 64  VAL A CB  1 
ATOM   421 C CG1 . VAL A 1 52  ? -1.868  12.281  -5.838  1.00 46.17 ? 64  VAL A CG1 1 
ATOM   422 C CG2 . VAL A 1 52  ? -3.792  10.708  -5.760  1.00 44.46 ? 64  VAL A CG2 1 
ATOM   423 N N   . VAL A 1 53  ? -4.407  12.387  -2.173  1.00 45.46 ? 65  VAL A N   1 
ATOM   424 C CA  . VAL A 1 53  ? -5.610  12.379  -1.360  1.00 47.07 ? 65  VAL A CA  1 
ATOM   425 C C   . VAL A 1 53  ? -6.725  13.175  -2.021  1.00 49.83 ? 65  VAL A C   1 
ATOM   426 O O   . VAL A 1 53  ? -6.518  14.305  -2.459  1.00 49.94 ? 65  VAL A O   1 
ATOM   427 C CB  . VAL A 1 53  ? -5.343  12.974  0.031   1.00 47.07 ? 65  VAL A CB  1 
ATOM   428 C CG1 . VAL A 1 53  ? -4.730  14.359  -0.104  1.00 45.91 ? 65  VAL A CG1 1 
ATOM   429 C CG2 . VAL A 1 53  ? -6.639  13.042  0.815   1.00 45.56 ? 65  VAL A CG2 1 
ATOM   430 N N   . ASP A 1 54  ? -7.907  12.577  -2.096  1.00 51.38 ? 66  ASP A N   1 
ATOM   431 C CA  . ASP A 1 54  ? -9.040  13.253  -2.693  1.00 52.35 ? 66  ASP A CA  1 
ATOM   432 C C   . ASP A 1 54  ? -9.528  14.290  -1.700  1.00 53.99 ? 66  ASP A C   1 
ATOM   433 O O   . ASP A 1 54  ? -9.907  13.963  -0.575  1.00 51.25 ? 66  ASP A O   1 
ATOM   434 C CB  . ASP A 1 54  ? -10.168 12.274  -3.002  1.00 53.10 ? 66  ASP A CB  1 
ATOM   435 C CG  . ASP A 1 54  ? -11.247 12.900  -3.853  1.00 53.37 ? 66  ASP A CG  1 
ATOM   436 O OD1 . ASP A 1 54  ? -11.220 12.702  -5.086  1.00 52.53 ? 66  ASP A OD1 1 
ATOM   437 O OD2 . ASP A 1 54  ? -12.109 13.610  -3.287  1.00 54.56 ? 66  ASP A OD2 1 
ATOM   438 N N   . GLU A 1 55  ? -9.513  15.542  -2.140  1.00 57.61 ? 67  GLU A N   1 
ATOM   439 C CA  . GLU A 1 55  ? -9.920  16.685  -1.332  1.00 60.04 ? 67  GLU A CA  1 
ATOM   440 C C   . GLU A 1 55  ? -11.330 16.569  -0.748  1.00 59.81 ? 67  GLU A C   1 
ATOM   441 O O   . GLU A 1 55  ? -11.543 16.892  0.421   1.00 59.60 ? 67  GLU A O   1 
ATOM   442 C CB  . GLU A 1 55  ? -9.820  17.955  -2.180  1.00 63.68 ? 67  GLU A CB  1 
ATOM   443 C CG  . GLU A 1 55  ? -8.601  17.977  -3.103  1.00 67.00 ? 67  GLU A CG  1 
ATOM   444 C CD  . GLU A 1 55  ? -8.632  19.122  -4.099  1.00 69.12 ? 67  GLU A CD  1 
ATOM   445 O OE1 . GLU A 1 55  ? -7.806  19.111  -5.042  1.00 69.55 ? 67  GLU A OE1 1 
ATOM   446 O OE2 . GLU A 1 55  ? -9.478  20.030  -3.938  1.00 68.89 ? 67  GLU A OE2 1 
ATOM   447 N N   . LYS A 1 56  ? -12.287 16.098  -1.546  1.00 60.03 ? 68  LYS A N   1 
ATOM   448 C CA  . LYS A 1 56  ? -13.659 15.988  -1.065  1.00 59.80 ? 68  LYS A CA  1 
ATOM   449 C C   . LYS A 1 56  ? -14.069 14.649  -0.461  1.00 59.03 ? 68  LYS A C   1 
ATOM   450 O O   . LYS A 1 56  ? -14.570 14.610  0.662   1.00 60.26 ? 68  LYS A O   1 
ATOM   451 C CB  . LYS A 1 56  ? -14.649 16.350  -2.174  1.00 62.10 ? 68  LYS A CB  1 
ATOM   452 C CG  . LYS A 1 56  ? -16.082 16.493  -1.662  1.00 63.87 ? 68  LYS A CG  1 
ATOM   453 C CD  . LYS A 1 56  ? -17.078 16.735  -2.784  1.00 66.65 ? 68  LYS A CD  1 
ATOM   454 C CE  . LYS A 1 56  ? -18.499 16.844  -2.238  1.00 68.18 ? 68  LYS A CE  1 
ATOM   455 N NZ  . LYS A 1 56  ? -19.521 16.815  -3.322  1.00 69.92 ? 68  LYS A NZ  1 
ATOM   456 N N   . SER A 1 57  ? -13.884 13.552  -1.190  1.00 57.20 ? 69  SER A N   1 
ATOM   457 C CA  . SER A 1 57  ? -14.280 12.252  -0.656  1.00 55.65 ? 69  SER A CA  1 
ATOM   458 C C   . SER A 1 57  ? -13.296 11.734  0.385   1.00 53.85 ? 69  SER A C   1 
ATOM   459 O O   . SER A 1 57  ? -13.673 10.979  1.274   1.00 53.30 ? 69  SER A O   1 
ATOM   460 C CB  . SER A 1 57  ? -14.431 11.224  -1.780  1.00 55.39 ? 69  SER A CB  1 
ATOM   461 O OG  . SER A 1 57  ? -13.177 10.878  -2.335  1.00 58.40 ? 69  SER A OG  1 
ATOM   462 N N   . GLY A 1 58  ? -12.038 12.149  0.278   1.00 53.01 ? 70  GLY A N   1 
ATOM   463 C CA  . GLY A 1 58  ? -11.033 11.700  1.225   1.00 51.79 ? 70  GLY A CA  1 
ATOM   464 C C   . GLY A 1 58  ? -10.367 10.402  0.797   1.00 51.54 ? 70  GLY A C   1 
ATOM   465 O O   . GLY A 1 58  ? -9.564  9.831   1.536   1.00 51.95 ? 70  GLY A O   1 
ATOM   466 N N   . GLN A 1 59  ? -10.699 9.932   -0.402  1.00 49.15 ? 71  GLN A N   1 
ATOM   467 C CA  . GLN A 1 59  ? -10.122 8.701   -0.918  1.00 47.57 ? 71  GLN A CA  1 
ATOM   468 C C   . GLN A 1 59  ? -8.654  8.895   -1.283  1.00 46.00 ? 71  GLN A C   1 
ATOM   469 O O   . GLN A 1 59  ? -8.310  9.809   -2.030  1.00 45.33 ? 71  GLN A O   1 
ATOM   470 C CB  . GLN A 1 59  ? -10.889 8.227   -2.154  1.00 46.68 ? 71  GLN A CB  1 
ATOM   471 C CG  . GLN A 1 59  ? -10.316 6.955   -2.773  1.00 46.95 ? 71  GLN A CG  1 
ATOM   472 C CD  . GLN A 1 59  ? -10.370 5.768   -1.823  1.00 47.42 ? 71  GLN A CD  1 
ATOM   473 O OE1 . GLN A 1 59  ? -11.442 5.242   -1.536  1.00 50.58 ? 71  GLN A OE1 1 
ATOM   474 N NE2 . GLN A 1 59  ? -9.211  5.349   -1.325  1.00 47.46 ? 71  GLN A NE2 1 
ATOM   475 N N   . VAL A 1 60  ? -7.794  8.031   -0.748  1.00 42.66 ? 72  VAL A N   1 
ATOM   476 C CA  . VAL A 1 60  ? -6.366  8.092   -1.031  1.00 37.55 ? 72  VAL A CA  1 
ATOM   477 C C   . VAL A 1 60  ? -6.050  7.122   -2.161  1.00 36.46 ? 72  VAL A C   1 
ATOM   478 O O   . VAL A 1 60  ? -6.554  5.992   -2.197  1.00 35.38 ? 72  VAL A O   1 
ATOM   479 C CB  . VAL A 1 60  ? -5.533  7.730   0.212   1.00 36.07 ? 72  VAL A CB  1 
ATOM   480 C CG1 . VAL A 1 60  ? -4.049  7.758   -0.130  1.00 39.02 ? 72  VAL A CG1 1 
ATOM   481 C CG2 . VAL A 1 60  ? -5.832  8.711   1.330   1.00 31.76 ? 72  VAL A CG2 1 
ATOM   482 N N   . THR A 1 61  ? -5.220  7.569   -3.095  1.00 33.77 ? 73  THR A N   1 
ATOM   483 C CA  . THR A 1 61  ? -4.865  6.740   -4.234  1.00 33.19 ? 73  THR A CA  1 
ATOM   484 C C   . THR A 1 61  ? -3.373  6.769   -4.542  1.00 33.21 ? 73  THR A C   1 
ATOM   485 O O   . THR A 1 61  ? -2.703  7.788   -4.347  1.00 28.64 ? 73  THR A O   1 
ATOM   486 C CB  . THR A 1 61  ? -5.644  7.186   -5.505  1.00 34.61 ? 73  THR A CB  1 
ATOM   487 O OG1 . THR A 1 61  ? -7.053  7.092   -5.265  1.00 36.39 ? 73  THR A OG1 1 
ATOM   488 C CG2 . THR A 1 61  ? -5.296  6.302   -6.686  1.00 36.90 ? 73  THR A CG2 1 
ATOM   489 N N   . LEU A 1 62  ? -2.861  5.640   -5.022  1.00 34.57 ? 74  LEU A N   1 
ATOM   490 C CA  . LEU A 1 62  ? -1.462  5.533   -5.409  1.00 33.30 ? 74  LEU A CA  1 
ATOM   491 C C   . LEU A 1 62  ? -1.421  5.324   -6.917  1.00 34.33 ? 74  LEU A C   1 
ATOM   492 O O   . LEU A 1 62  ? -2.190  4.531   -7.456  1.00 37.71 ? 74  LEU A O   1 
ATOM   493 C CB  . LEU A 1 62  ? -0.786  4.348   -4.702  1.00 31.91 ? 74  LEU A CB  1 
ATOM   494 C CG  . LEU A 1 62  ? 0.689   4.120   -5.081  1.00 30.98 ? 74  LEU A CG  1 
ATOM   495 C CD1 . LEU A 1 62  ? 1.478   3.649   -3.865  1.00 29.51 ? 74  LEU A CD1 1 
ATOM   496 C CD2 . LEU A 1 62  ? 0.795   3.115   -6.218  1.00 26.01 ? 74  LEU A CD2 1 
ATOM   497 N N   . GLU A 1 63  ? -0.543  6.047   -7.600  1.00 35.44 ? 75  GLU A N   1 
ATOM   498 C CA  . GLU A 1 63  ? -0.404  5.909   -9.052  1.00 37.51 ? 75  GLU A CA  1 
ATOM   499 C C   . GLU A 1 63  ? 1.040   5.537   -9.358  1.00 34.14 ? 75  GLU A C   1 
ATOM   500 O O   . GLU A 1 63  ? 1.964   6.238   -8.942  1.00 34.47 ? 75  GLU A O   1 
ATOM   501 C CB  . GLU A 1 63  ? -0.745  7.225   -9.764  1.00 40.98 ? 75  GLU A CB  1 
ATOM   502 C CG  . GLU A 1 63  ? -2.201  7.679   -9.648  1.00 51.69 ? 75  GLU A CG  1 
ATOM   503 C CD  . GLU A 1 63  ? -3.129  6.993   -10.645 1.00 59.47 ? 75  GLU A CD  1 
ATOM   504 O OE1 . GLU A 1 63  ? -4.326  7.368   -10.707 1.00 58.05 ? 75  GLU A OE1 1 
ATOM   505 O OE2 . GLU A 1 63  ? -2.666  6.079   -11.366 1.00 65.45 ? 75  GLU A OE2 1 
ATOM   506 N N   . ASP A 1 64  ? 1.236   4.430   -10.065 1.00 31.89 ? 76  ASP A N   1 
ATOM   507 C CA  . ASP A 1 64  ? 2.578   3.989   -10.426 1.00 33.50 ? 76  ASP A CA  1 
ATOM   508 C C   . ASP A 1 64  ? 2.998   4.584   -11.775 1.00 35.54 ? 76  ASP A C   1 
ATOM   509 O O   . ASP A 1 64  ? 2.255   4.498   -12.756 1.00 34.72 ? 76  ASP A O   1 
ATOM   510 C CB  . ASP A 1 64  ? 2.637   2.474   -10.530 1.00 30.07 ? 76  ASP A CB  1 
ATOM   511 C CG  . ASP A 1 64  ? 3.987   1.986   -11.019 1.00 30.52 ? 76  ASP A CG  1 
ATOM   512 O OD1 . ASP A 1 64  ? 4.947   1.950   -10.211 1.00 29.29 ? 76  ASP A OD1 1 
ATOM   513 O OD2 . ASP A 1 64  ? 4.091   1.652   -12.220 1.00 33.15 ? 76  ASP A OD2 1 
ATOM   514 N N   . THR A 1 65  ? 4.181   5.195   -11.818 1.00 33.02 ? 77  THR A N   1 
ATOM   515 C CA  . THR A 1 65  ? 4.699   5.785   -13.050 1.00 35.03 ? 77  THR A CA  1 
ATOM   516 C C   . THR A 1 65  ? 6.088   5.225   -13.290 1.00 37.83 ? 77  THR A C   1 
ATOM   517 O O   . THR A 1 65  ? 6.946   5.911   -13.847 1.00 39.81 ? 77  THR A O   1 
ATOM   518 C CB  . THR A 1 65  ? 4.848   7.316   -12.937 1.00 35.30 ? 77  THR A CB  1 
ATOM   519 O OG1 . THR A 1 65  ? 5.691   7.641   -11.822 1.00 35.97 ? 77  THR A OG1 1 
ATOM   520 C CG2 . THR A 1 65  ? 3.505   7.979   -12.771 1.00 31.99 ? 77  THR A CG2 1 
ATOM   521 N N   . SER A 1 66  ? 6.316   3.976   -12.897 1.00 40.52 ? 78  SER A N   1 
ATOM   522 C CA  . SER A 1 66  ? 7.648   3.424   -13.029 1.00 41.04 ? 78  SER A CA  1 
ATOM   523 C C   . SER A 1 66  ? 7.882   2.425   -14.109 1.00 44.37 ? 78  SER A C   1 
ATOM   524 O O   . SER A 1 66  ? 7.010   1.891   -14.771 1.00 44.11 ? 78  SER A O   1 
ATOM   525 C CB  . SER A 1 66  ? 8.102   2.811   -11.690 1.00 40.90 ? 78  SER A CB  1 
ATOM   526 O OG  . SER A 1 66  ? 7.314   1.694   -11.323 1.00 39.86 ? 78  SER A OG  1 
ATOM   527 N N   . THR A 1 67  ? 9.077   1.976   -14.255 1.00 46.27 ? 79  THR A N   1 
ATOM   528 C CA  . THR A 1 67  ? 9.503   0.935   -15.175 1.00 49.49 ? 79  THR A CA  1 
ATOM   529 C C   . THR A 1 67  ? 9.075   -0.385  -14.609 1.00 51.13 ? 79  THR A C   1 
ATOM   530 O O   . THR A 1 67  ? 8.309   -1.095  -15.337 1.00 52.70 ? 79  THR A O   1 
ATOM   531 C CB  . THR A 1 67  ? 10.996  0.953   -15.370 1.00 51.12 ? 79  THR A CB  1 
ATOM   532 O OG1 . THR A 1 67  ? 11.562  2.229   -15.920 1.00 54.44 ? 79  THR A OG1 1 
ATOM   533 C CG2 . THR A 1 67  ? 11.481  -0.134  -16.410 1.00 51.87 ? 79  THR A CG2 1 
ATOM   534 N N   . SER A 1 68  ? 9.494   -0.719  -13.363 1.00 51.23 ? 80  SER A N   1 
ATOM   535 C CA  . SER A 1 68  ? 9.108   -1.988  -12.748 1.00 50.48 ? 80  SER A CA  1 
ATOM   536 C C   . SER A 1 68  ? 7.630   -2.148  -12.243 1.00 48.20 ? 80  SER A C   1 
ATOM   537 O O   . SER A 1 68  ? 6.951   -3.169  -12.462 1.00 52.21 ? 80  SER A O   1 
ATOM   538 C CB  . SER A 1 68  ? 10.027  -2.303  -11.584 1.00 52.40 ? 80  SER A CB  1 
ATOM   539 O OG  . SER A 1 68  ? 9.820   -1.337  -10.547 1.00 51.44 ? 80  SER A OG  1 
ATOM   540 N N   . GLY A 1 69  ? 7.174   -1.142  -11.515 1.00 43.79 ? 81  GLY A N   1 
ATOM   541 C CA  . GLY A 1 69  ? 5.840   -1.155  -10.947 1.00 38.34 ? 81  GLY A CA  1 
ATOM   542 C C   . GLY A 1 69  ? 5.937   -1.095  -9.430  1.00 35.00 ? 81  GLY A C   1 
ATOM   543 O O   . GLY A 1 69  ? 7.046   -1.112  -8.888  1.00 32.18 ? 81  GLY A O   1 
ATOM   544 N N   . THR A 1 70  ? 4.796   -1.019  -8.748  1.00 34.57 ? 82  THR A N   1 
ATOM   545 C CA  . THR A 1 70  ? 4.764   -0.953  -7.282  1.00 32.03 ? 82  THR A CA  1 
ATOM   546 C C   . THR A 1 70  ? 3.830   -2.022  -6.704  1.00 29.83 ? 82  THR A C   1 
ATOM   547 O O   . THR A 1 70  ? 2.719   -2.214  -7.203  1.00 31.54 ? 82  THR A O   1 
ATOM   548 C CB  . THR A 1 70  ? 4.281   0.428   -6.808  1.00 32.55 ? 82  THR A CB  1 
ATOM   549 O OG1 . THR A 1 70  ? 5.138   1.446   -7.333  1.00 34.80 ? 82  THR A OG1 1 
ATOM   550 C CG2 . THR A 1 70  ? 4.298   0.507   -5.295  1.00 35.29 ? 82  THR A CG2 1 
ATOM   551 N N   . VAL A 1 71  ? 4.272   -2.709  -5.653  1.00 26.62 ? 83  VAL A N   1 
ATOM   552 C CA  . VAL A 1 71  ? 3.463   -3.760  -5.032  1.00 26.06 ? 83  VAL A CA  1 
ATOM   553 C C   . VAL A 1 71  ? 2.784   -3.304  -3.736  1.00 26.53 ? 83  VAL A C   1 
ATOM   554 O O   . VAL A 1 71  ? 3.425   -2.716  -2.871  1.00 26.78 ? 83  VAL A O   1 
ATOM   555 C CB  . VAL A 1 71  ? 4.326   -4.996  -4.726  1.00 29.94 ? 83  VAL A CB  1 
ATOM   556 C CG1 . VAL A 1 71  ? 3.484   -6.090  -4.086  1.00 29.90 ? 83  VAL A CG1 1 
ATOM   557 C CG2 . VAL A 1 71  ? 4.979   -5.496  -6.003  1.00 31.52 ? 83  VAL A CG2 1 
ATOM   558 N N   . ILE A 1 72  ? 1.494   -3.600  -3.598  1.00 26.77 ? 84  ILE A N   1 
ATOM   559 C CA  . ILE A 1 72  ? 0.736   -3.208  -2.408  1.00 29.22 ? 84  ILE A CA  1 
ATOM   560 C C   . ILE A 1 72  ? 0.033   -4.381  -1.719  1.00 29.78 ? 84  ILE A C   1 
ATOM   561 O O   . ILE A 1 72  ? -0.598  -5.200  -2.390  1.00 30.62 ? 84  ILE A O   1 
ATOM   562 C CB  . ILE A 1 72  ? -0.357  -2.183  -2.765  1.00 27.20 ? 84  ILE A CB  1 
ATOM   563 C CG1 . ILE A 1 72  ? 0.251   -1.024  -3.550  1.00 28.96 ? 84  ILE A CG1 1 
ATOM   564 C CG2 . ILE A 1 72  ? -1.027  -1.678  -1.497  1.00 24.19 ? 84  ILE A CG2 1 
ATOM   565 C CD1 . ILE A 1 72  ? -0.791  -0.034  -4.043  1.00 33.66 ? 84  ILE A CD1 1 
ATOM   566 N N   . ASN A 1 73  ? 0.129   -4.454  -0.389  1.00 30.78 ? 85  ASN A N   1 
ATOM   567 C CA  . ASN A 1 73  ? -0.541  -5.516  0.368   1.00 28.73 ? 85  ASN A CA  1 
ATOM   568 C C   . ASN A 1 73  ? -1.900  -4.984  0.778   1.00 28.64 ? 85  ASN A C   1 
ATOM   569 O O   . ASN A 1 73  ? -1.997  -4.040  1.567   1.00 27.42 ? 85  ASN A O   1 
ATOM   570 C CB  . ASN A 1 73  ? 0.240   -5.894  1.631   1.00 33.80 ? 85  ASN A CB  1 
ATOM   571 C CG  . ASN A 1 73  ? -0.248  -7.210  2.250   1.00 35.41 ? 85  ASN A CG  1 
ATOM   572 O OD1 . ASN A 1 73  ? 0.268   -8.280  1.938   1.00 41.40 ? 85  ASN A OD1 1 
ATOM   573 N ND2 . ASN A 1 73  ? -1.257  -7.128  3.111   1.00 34.22 ? 85  ASN A ND2 1 
ATOM   574 N N   . LYS A 1 74  ? -2.953  -5.582  0.247   1.00 26.48 ? 86  LYS A N   1 
ATOM   575 C CA  . LYS A 1 74  ? -4.295  -5.117  0.552   1.00 29.34 ? 86  LYS A CA  1 
ATOM   576 C C   . LYS A 1 74  ? -5.202  -6.208  1.098   1.00 29.91 ? 86  LYS A C   1 
ATOM   577 O O   . LYS A 1 74  ? -4.897  -7.404  1.008   1.00 24.67 ? 86  LYS A O   1 
ATOM   578 C CB  . LYS A 1 74  ? -4.935  -4.504  -0.708  1.00 30.48 ? 86  LYS A CB  1 
ATOM   579 C CG  . LYS A 1 74  ? -4.198  -3.270  -1.233  1.00 34.60 ? 86  LYS A CG  1 
ATOM   580 C CD  . LYS A 1 74  ? -4.924  -2.591  -2.385  1.00 34.39 ? 86  LYS A CD  1 
ATOM   581 C CE  . LYS A 1 74  ? -6.255  -1.982  -1.965  1.00 37.15 ? 86  LYS A CE  1 
ATOM   582 N NZ  . LYS A 1 74  ? -6.114  -0.871  -0.984  1.00 36.13 ? 86  LYS A NZ  1 
ATOM   583 N N   . LEU A 1 75  ? -6.328  -5.770  1.650   1.00 30.67 ? 87  LEU A N   1 
ATOM   584 C CA  . LEU A 1 75  ? -7.342  -6.662  2.195   1.00 35.42 ? 87  LEU A CA  1 
ATOM   585 C C   . LEU A 1 75  ? -8.606  -6.339  1.390   1.00 36.35 ? 87  LEU A C   1 
ATOM   586 O O   . LEU A 1 75  ? -9.463  -5.572  1.838   1.00 36.02 ? 87  LEU A O   1 
ATOM   587 C CB  . LEU A 1 75  ? -7.534  -6.359  3.684   1.00 35.29 ? 87  LEU A CB  1 
ATOM   588 C CG  . LEU A 1 75  ? -7.762  -7.551  4.614   1.00 41.86 ? 87  LEU A CG  1 
ATOM   589 C CD1 . LEU A 1 75  ? -6.622  -8.547  4.482   1.00 39.25 ? 87  LEU A CD1 1 
ATOM   590 C CD2 . LEU A 1 75  ? -7.869  -7.054  6.055   1.00 46.70 ? 87  LEU A CD2 1 
ATOM   591 N N   . LYS A 1 76  ? -8.694  -6.909  0.188   1.00 35.84 ? 88  LYS A N   1 
ATOM   592 C CA  . LYS A 1 76  ? -9.808  -6.651  -0.723  1.00 38.64 ? 88  LYS A CA  1 
ATOM   593 C C   . LYS A 1 76  ? -11.148 -7.273  -0.352  1.00 39.51 ? 88  LYS A C   1 
ATOM   594 O O   . LYS A 1 76  ? -11.272 -8.489  -0.212  1.00 37.40 ? 88  LYS A O   1 
ATOM   595 C CB  . LYS A 1 76  ? -9.427  -7.091  -2.142  1.00 41.59 ? 88  LYS A CB  1 
ATOM   596 C CG  . LYS A 1 76  ? -10.452 -6.721  -3.210  1.00 46.81 ? 88  LYS A CG  1 
ATOM   597 C CD  . LYS A 1 76  ? -9.953  -7.058  -4.611  1.00 49.89 ? 88  LYS A CD  1 
ATOM   598 C CE  . LYS A 1 76  ? -10.976 -6.674  -5.673  1.00 53.75 ? 88  LYS A CE  1 
ATOM   599 N NZ  . LYS A 1 76  ? -10.533 -7.040  -7.050  1.00 55.26 ? 88  LYS A NZ  1 
ATOM   600 N N   . VAL A 1 77  ? -12.157 -6.422  -0.214  1.00 40.09 ? 89  VAL A N   1 
ATOM   601 C CA  . VAL A 1 77  ? -13.505 -6.874  0.119   1.00 40.77 ? 89  VAL A CA  1 
ATOM   602 C C   . VAL A 1 77  ? -14.254 -7.162  -1.178  1.00 40.38 ? 89  VAL A C   1 
ATOM   603 O O   . VAL A 1 77  ? -14.499 -6.262  -1.974  1.00 41.92 ? 89  VAL A O   1 
ATOM   604 C CB  . VAL A 1 77  ? -14.278 -5.801  0.906   1.00 39.99 ? 89  VAL A CB  1 
ATOM   605 C CG1 . VAL A 1 77  ? -15.614 -6.365  1.376   1.00 39.37 ? 89  VAL A CG1 1 
ATOM   606 C CG2 . VAL A 1 77  ? -13.447 -5.316  2.083   1.00 38.37 ? 89  VAL A CG2 1 
ATOM   607 N N   . VAL A 1 78  ? -14.602 -8.426  -1.391  1.00 39.80 ? 90  VAL A N   1 
ATOM   608 C CA  . VAL A 1 78  ? -15.312 -8.836  -2.595  1.00 39.85 ? 90  VAL A CA  1 
ATOM   609 C C   . VAL A 1 78  ? -16.779 -9.073  -2.265  1.00 42.07 ? 90  VAL A C   1 
ATOM   610 O O   . VAL A 1 78  ? -17.107 -10.002 -1.525  1.00 38.06 ? 90  VAL A O   1 
ATOM   611 C CB  . VAL A 1 78  ? -14.704 -10.134 -3.177  1.00 38.74 ? 90  VAL A CB  1 
ATOM   612 C CG1 . VAL A 1 78  ? -15.367 -10.472 -4.503  1.00 36.56 ? 90  VAL A CG1 1 
ATOM   613 C CG2 . VAL A 1 78  ? -13.212 -9.968  -3.359  1.00 32.15 ? 90  VAL A CG2 1 
ATOM   614 N N   . LYS A 1 79  ? -17.656 -8.236  -2.822  1.00 45.40 ? 91  LYS A N   1 
ATOM   615 C CA  . LYS A 1 79  ? -19.093 -8.342  -2.560  1.00 48.46 ? 91  LYS A CA  1 
ATOM   616 C C   . LYS A 1 79  ? -19.949 -8.422  -3.837  1.00 49.18 ? 91  LYS A C   1 
ATOM   617 O O   . LYS A 1 79  ? -20.110 -7.439  -4.557  1.00 49.10 ? 91  LYS A O   1 
ATOM   618 C CB  . LYS A 1 79  ? -19.538 -7.150  -1.697  1.00 50.30 ? 91  LYS A CB  1 
ATOM   619 C CG  . LYS A 1 79  ? -20.721 -7.430  -0.762  1.00 51.66 ? 91  LYS A CG  1 
ATOM   620 C CD  . LYS A 1 79  ? -21.059 -6.223  0.120   1.00 51.06 ? 91  LYS A CD  1 
ATOM   621 C CE  . LYS A 1 79  ? -19.902 -5.842  1.040   1.00 53.95 ? 91  LYS A CE  1 
ATOM   622 N NZ  . LYS A 1 79  ? -20.180 -4.630  1.874   1.00 52.16 ? 91  LYS A NZ  1 
ATOM   623 N N   . LYS A 1 80  ? -20.489 -9.605  -4.115  1.00 50.43 ? 92  LYS A N   1 
ATOM   624 C CA  . LYS A 1 80  ? -21.332 -9.805  -5.292  1.00 52.62 ? 92  LYS A CA  1 
ATOM   625 C C   . LYS A 1 80  ? -20.606 -9.483  -6.596  1.00 53.06 ? 92  LYS A C   1 
ATOM   626 O O   . LYS A 1 80  ? -21.205 -8.967  -7.544  1.00 53.38 ? 92  LYS A O   1 
ATOM   627 C CB  . LYS A 1 80  ? -22.599 -8.947  -5.173  1.00 52.78 ? 92  LYS A CB  1 
ATOM   628 C CG  . LYS A 1 80  ? -23.562 -9.417  -4.089  1.00 54.02 ? 92  LYS A CG  1 
ATOM   629 C CD  . LYS A 1 80  ? -24.403 -10.592 -4.576  1.00 54.80 ? 92  LYS A CD  1 
ATOM   630 C CE  . LYS A 1 80  ? -25.143 -11.276 -3.429  1.00 56.56 ? 92  LYS A CE  1 
ATOM   631 N NZ  . LYS A 1 80  ? -25.876 -10.308 -2.556  1.00 55.11 ? 92  LYS A NZ  1 
ATOM   632 N N   . GLN A 1 81  ? -19.315 -9.789  -6.640  1.00 51.65 ? 93  GLN A N   1 
ATOM   633 C CA  . GLN A 1 81  ? -18.509 -9.528  -7.826  1.00 49.19 ? 93  GLN A CA  1 
ATOM   634 C C   . GLN A 1 81  ? -17.410 -10.572 -7.991  1.00 47.77 ? 93  GLN A C   1 
ATOM   635 O O   . GLN A 1 81  ? -17.427 -11.624 -7.352  1.00 48.12 ? 93  GLN A O   1 
ATOM   636 C CB  . GLN A 1 81  ? -17.886 -8.131  -7.743  1.00 49.38 ? 93  GLN A CB  1 
ATOM   637 C CG  . GLN A 1 81  ? -17.354 -7.782  -6.364  1.00 51.23 ? 93  GLN A CG  1 
ATOM   638 C CD  . GLN A 1 81  ? -16.584 -6.481  -6.340  1.00 52.31 ? 93  GLN A CD  1 
ATOM   639 O OE1 . GLN A 1 81  ? -17.083 -5.439  -6.769  1.00 54.97 ? 93  GLN A OE1 1 
ATOM   640 N NE2 . GLN A 1 81  ? -15.359 -6.531  -5.831  1.00 52.70 ? 93  GLN A NE2 1 
ATOM   641 N N   . THR A 1 82  ? -16.446 -10.259 -8.847  1.00 45.04 ? 94  THR A N   1 
ATOM   642 C CA  . THR A 1 82  ? -15.337 -11.158 -9.127  1.00 43.40 ? 94  THR A CA  1 
ATOM   643 C C   . THR A 1 82  ? -13.992 -10.593 -8.654  1.00 41.58 ? 94  THR A C   1 
ATOM   644 O O   . THR A 1 82  ? -13.859 -9.400  -8.381  1.00 40.93 ? 94  THR A O   1 
ATOM   645 C CB  . THR A 1 82  ? -15.257 -11.447 -10.640 1.00 44.69 ? 94  THR A CB  1 
ATOM   646 O OG1 . THR A 1 82  ? -14.182 -12.354 -10.901 1.00 51.92 ? 94  THR A OG1 1 
ATOM   647 C CG2 . THR A 1 82  ? -15.032 -10.161 -11.418 1.00 46.30 ? 94  THR A CG2 1 
ATOM   648 N N   . CYS A 1 83  ? -13.001 -11.469 -8.554  1.00 38.62 ? 95  CYS A N   1 
ATOM   649 C CA  . CYS A 1 83  ? -11.669 -11.078 -8.122  1.00 38.20 ? 95  CYS A CA  1 
ATOM   650 C C   . CYS A 1 83  ? -10.711 -12.225 -8.427  1.00 36.29 ? 95  CYS A C   1 
ATOM   651 O O   . CYS A 1 83  ? -11.007 -13.382 -8.134  1.00 39.29 ? 95  CYS A O   1 
ATOM   652 C CB  . CYS A 1 83  ? -11.672 -10.777 -6.616  1.00 35.38 ? 95  CYS A CB  1 
ATOM   653 S SG  . CYS A 1 83  ? -10.079 -10.192 -5.941  1.00 40.61 ? 95  CYS A SG  1 
ATOM   654 N N   . PRO A 1 84  ? -9.559  -11.927 -9.039  1.00 35.57 ? 96  PRO A N   1 
ATOM   655 C CA  . PRO A 1 84  ? -8.610  -13.002 -9.344  1.00 34.44 ? 96  PRO A CA  1 
ATOM   656 C C   . PRO A 1 84  ? -7.910  -13.520 -8.081  1.00 33.07 ? 96  PRO A C   1 
ATOM   657 O O   . PRO A 1 84  ? -7.769  -12.789 -7.100  1.00 28.98 ? 96  PRO A O   1 
ATOM   658 C CB  . PRO A 1 84  ? -7.645  -12.332 -10.320 1.00 34.82 ? 96  PRO A CB  1 
ATOM   659 C CG  . PRO A 1 84  ? -7.625  -10.926 -9.850  1.00 34.07 ? 96  PRO A CG  1 
ATOM   660 C CD  . PRO A 1 84  ? -9.087  -10.641 -9.588  1.00 35.83 ? 96  PRO A CD  1 
ATOM   661 N N   . LEU A 1 85  ? -7.501  -14.788 -8.109  1.00 32.24 ? 97  LEU A N   1 
ATOM   662 C CA  . LEU A 1 85  ? -6.809  -15.416 -6.990  1.00 32.06 ? 97  LEU A CA  1 
ATOM   663 C C   . LEU A 1 85  ? -5.386  -15.737 -7.407  1.00 34.45 ? 97  LEU A C   1 
ATOM   664 O O   . LEU A 1 85  ? -5.117  -15.956 -8.585  1.00 37.54 ? 97  LEU A O   1 
ATOM   665 C CB  . LEU A 1 85  ? -7.496  -16.714 -6.574  1.00 32.95 ? 97  LEU A CB  1 
ATOM   666 C CG  . LEU A 1 85  ? -8.559  -16.740 -5.475  1.00 32.86 ? 97  LEU A CG  1 
ATOM   667 C CD1 . LEU A 1 85  ? -8.994  -18.189 -5.249  1.00 33.33 ? 97  LEU A CD1 1 
ATOM   668 C CD2 . LEU A 1 85  ? -8.002  -16.154 -4.173  1.00 33.63 ? 97  LEU A CD2 1 
ATOM   669 N N   . GLN A 1 86  ? -4.480  -15.773 -6.438  1.00 33.65 ? 98  GLN A N   1 
ATOM   670 C CA  . GLN A 1 86  ? -3.078  -16.061 -6.713  1.00 34.32 ? 98  GLN A CA  1 
ATOM   671 C C   . GLN A 1 86  ? -2.446  -16.798 -5.548  1.00 32.97 ? 98  GLN A C   1 
ATOM   672 O O   . GLN A 1 86  ? -2.816  -16.575 -4.399  1.00 34.44 ? 98  GLN A O   1 
ATOM   673 C CB  . GLN A 1 86  ? -2.322  -14.755 -6.979  1.00 36.58 ? 98  GLN A CB  1 
ATOM   674 C CG  . GLN A 1 86  ? -2.801  -14.037 -8.237  1.00 46.18 ? 98  GLN A CG  1 
ATOM   675 C CD  . GLN A 1 86  ? -2.513  -12.550 -8.228  1.00 47.19 ? 98  GLN A CD  1 
ATOM   676 O OE1 . GLN A 1 86  ? -3.416  -11.738 -8.434  1.00 48.28 ? 98  GLN A OE1 1 
ATOM   677 N NE2 . GLN A 1 86  ? -1.254  -12.183 -7.995  1.00 51.48 ? 98  GLN A NE2 1 
ATOM   678 N N   . THR A 1 87  ? -1.501  -17.681 -5.851  1.00 31.86 ? 99  THR A N   1 
ATOM   679 C CA  . THR A 1 87  ? -0.807  -18.436 -4.820  1.00 31.74 ? 99  THR A CA  1 
ATOM   680 C C   . THR A 1 87  ? -0.367  -17.498 -3.712  1.00 31.95 ? 99  THR A C   1 
ATOM   681 O O   . THR A 1 87  ? 0.146   -16.414 -3.981  1.00 33.17 ? 99  THR A O   1 
ATOM   682 C CB  . THR A 1 87  ? 0.446   -19.138 -5.373  1.00 33.47 ? 99  THR A CB  1 
ATOM   683 O OG1 . THR A 1 87  ? 0.063   -20.090 -6.370  1.00 37.93 ? 99  THR A OG1 1 
ATOM   684 C CG2 . THR A 1 87  ? 1.184   -19.859 -4.252  1.00 33.77 ? 99  THR A CG2 1 
ATOM   685 N N   . GLY A 1 88  ? -0.574  -17.911 -2.467  1.00 28.87 ? 100 GLY A N   1 
ATOM   686 C CA  . GLY A 1 88  ? -0.175  -17.078 -1.357  1.00 25.83 ? 100 GLY A CA  1 
ATOM   687 C C   . GLY A 1 88  ? -1.287  -16.224 -0.779  1.00 25.69 ? 100 GLY A C   1 
ATOM   688 O O   . GLY A 1 88  ? -1.132  -15.689 0.316   1.00 27.71 ? 100 GLY A O   1 
ATOM   689 N N   . ASP A 1 89  ? -2.392  -16.068 -1.507  1.00 24.65 ? 101 ASP A N   1 
ATOM   690 C CA  . ASP A 1 89  ? -3.511  -15.267 -1.021  1.00 26.42 ? 101 ASP A CA  1 
ATOM   691 C C   . ASP A 1 89  ? -4.193  -15.966 0.164   1.00 27.90 ? 101 ASP A C   1 
ATOM   692 O O   . ASP A 1 89  ? -4.089  -17.180 0.335   1.00 28.94 ? 101 ASP A O   1 
ATOM   693 C CB  . ASP A 1 89  ? -4.568  -15.051 -2.120  1.00 25.50 ? 101 ASP A CB  1 
ATOM   694 C CG  . ASP A 1 89  ? -4.126  -14.082 -3.212  1.00 29.06 ? 101 ASP A CG  1 
ATOM   695 O OD1 . ASP A 1 89  ? -3.098  -13.392 -3.053  1.00 27.51 ? 101 ASP A OD1 1 
ATOM   696 O OD2 . ASP A 1 89  ? -4.835  -13.995 -4.240  1.00 24.28 ? 101 ASP A OD2 1 
ATOM   697 N N   . VAL A 1 90  ? -4.890  -15.189 0.982   1.00 26.17 ? 102 VAL A N   1 
ATOM   698 C CA  . VAL A 1 90  ? -5.606  -15.743 2.125   1.00 23.28 ? 102 VAL A CA  1 
ATOM   699 C C   . VAL A 1 90  ? -7.065  -15.314 2.002   1.00 24.49 ? 102 VAL A C   1 
ATOM   700 O O   . VAL A 1 90  ? -7.357  -14.125 1.811   1.00 24.05 ? 102 VAL A O   1 
ATOM   701 C CB  . VAL A 1 90  ? -4.994  -15.249 3.458   1.00 24.33 ? 102 VAL A CB  1 
ATOM   702 C CG1 . VAL A 1 90  ? -5.846  -15.708 4.647   1.00 20.29 ? 102 VAL A CG1 1 
ATOM   703 C CG2 . VAL A 1 90  ? -3.581  -15.804 3.597   1.00 18.55 ? 102 VAL A CG2 1 
ATOM   704 N N   . ILE A 1 91  ? -7.976  -16.280 2.098   1.00 24.02 ? 103 ILE A N   1 
ATOM   705 C CA  . ILE A 1 91  ? -9.413  -16.010 1.972   1.00 22.22 ? 103 ILE A CA  1 
ATOM   706 C C   . ILE A 1 91  ? -10.131 -16.029 3.323   1.00 22.27 ? 103 ILE A C   1 
ATOM   707 O O   . ILE A 1 91  ? -10.052 -17.017 4.060   1.00 18.83 ? 103 ILE A O   1 
ATOM   708 C CB  . ILE A 1 91  ? -10.072 -17.060 1.018   1.00 22.53 ? 103 ILE A CB  1 
ATOM   709 C CG1 . ILE A 1 91  ? -9.382  -17.007 -0.351  1.00 24.70 ? 103 ILE A CG1 1 
ATOM   710 C CG2 . ILE A 1 91  ? -11.568 -16.800 0.867   1.00 22.96 ? 103 ILE A CG2 1 
ATOM   711 C CD1 . ILE A 1 91  ? -9.483  -18.300 -1.146  1.00 22.31 ? 103 ILE A CD1 1 
ATOM   712 N N   . TYR A 1 92  ? -10.823 -14.930 3.642   1.00 22.12 ? 104 TYR A N   1 
ATOM   713 C CA  . TYR A 1 92  ? -11.566 -14.832 4.896   1.00 26.04 ? 104 TYR A CA  1 
ATOM   714 C C   . TYR A 1 92  ? -13.062 -14.936 4.632   1.00 27.31 ? 104 TYR A C   1 
ATOM   715 O O   . TYR A 1 92  ? -13.684 -13.972 4.163   1.00 24.96 ? 104 TYR A O   1 
ATOM   716 C CB  . TYR A 1 92  ? -11.305 -13.498 5.617   1.00 21.91 ? 104 TYR A CB  1 
ATOM   717 C CG  . TYR A 1 92  ? -9.921  -13.329 6.205   1.00 23.75 ? 104 TYR A CG  1 
ATOM   718 C CD1 . TYR A 1 92  ? -8.818  -13.083 5.389   1.00 21.91 ? 104 TYR A CD1 1 
ATOM   719 C CD2 . TYR A 1 92  ? -9.718  -13.411 7.581   1.00 21.43 ? 104 TYR A CD2 1 
ATOM   720 C CE1 . TYR A 1 92  ? -7.552  -12.929 5.925   1.00 23.42 ? 104 TYR A CE1 1 
ATOM   721 C CE2 . TYR A 1 92  ? -8.461  -13.249 8.129   1.00 21.05 ? 104 TYR A CE2 1 
ATOM   722 C CZ  . TYR A 1 92  ? -7.377  -13.011 7.296   1.00 22.05 ? 104 TYR A CZ  1 
ATOM   723 O OH  . TYR A 1 92  ? -6.121  -12.866 7.828   1.00 25.79 ? 104 TYR A OH  1 
ATOM   724 N N   . LEU A 1 93  ? -13.620 -16.113 4.916   1.00 27.17 ? 105 LEU A N   1 
ATOM   725 C CA  . LEU A 1 93  ? -15.055 -16.354 4.753   1.00 28.02 ? 105 LEU A CA  1 
ATOM   726 C C   . LEU A 1 93  ? -15.826 -15.514 5.779   1.00 25.61 ? 105 LEU A C   1 
ATOM   727 O O   . LEU A 1 93  ? -16.957 -15.082 5.532   1.00 26.03 ? 105 LEU A O   1 
ATOM   728 C CB  . LEU A 1 93  ? -15.361 -17.835 4.974   1.00 21.39 ? 105 LEU A CB  1 
ATOM   729 C CG  . LEU A 1 93  ? -14.768 -18.754 3.906   1.00 27.10 ? 105 LEU A CG  1 
ATOM   730 C CD1 . LEU A 1 93  ? -14.987 -20.222 4.280   1.00 29.64 ? 105 LEU A CD1 1 
ATOM   731 C CD2 . LEU A 1 93  ? -15.415 -18.427 2.573   1.00 28.00 ? 105 LEU A CD2 1 
ATOM   732 N N   . VAL A 1 94  ? -15.205 -15.333 6.942   1.00 25.24 ? 106 VAL A N   1 
ATOM   733 C CA  . VAL A 1 94  ? -15.767 -14.548 8.042   1.00 23.83 ? 106 VAL A CA  1 
ATOM   734 C C   . VAL A 1 94  ? -14.647 -13.638 8.510   1.00 23.32 ? 106 VAL A C   1 
ATOM   735 O O   . VAL A 1 94  ? -13.554 -14.105 8.816   1.00 21.53 ? 106 VAL A O   1 
ATOM   736 C CB  . VAL A 1 94  ? -16.198 -15.441 9.240   1.00 26.98 ? 106 VAL A CB  1 
ATOM   737 C CG1 . VAL A 1 94  ? -16.772 -14.584 10.349  1.00 19.74 ? 106 VAL A CG1 1 
ATOM   738 C CG2 . VAL A 1 94  ? -17.230 -16.480 8.794   1.00 22.59 ? 106 VAL A CG2 1 
ATOM   739 N N   . TYR A 1 95  ? -14.916 -12.343 8.566   1.00 23.82 ? 107 TYR A N   1 
ATOM   740 C CA  . TYR A 1 95  ? -13.907 -11.375 8.989   1.00 23.59 ? 107 TYR A CA  1 
ATOM   741 C C   . TYR A 1 95  ? -14.537 -10.327 9.912   1.00 27.22 ? 107 TYR A C   1 
ATOM   742 O O   . TYR A 1 95  ? -15.330 -9.488  9.457   1.00 22.52 ? 107 TYR A O   1 
ATOM   743 C CB  . TYR A 1 95  ? -13.313 -10.692 7.751   1.00 23.72 ? 107 TYR A CB  1 
ATOM   744 C CG  . TYR A 1 95  ? -12.232 -9.693  8.069   1.00 28.94 ? 107 TYR A CG  1 
ATOM   745 C CD1 . TYR A 1 95  ? -10.911 -10.099 8.265   1.00 26.62 ? 107 TYR A CD1 1 
ATOM   746 C CD2 . TYR A 1 95  ? -12.540 -8.337  8.214   1.00 27.71 ? 107 TYR A CD2 1 
ATOM   747 C CE1 . TYR A 1 95  ? -9.925  -9.175  8.594   1.00 29.67 ? 107 TYR A CE1 1 
ATOM   748 C CE2 . TYR A 1 95  ? -11.572 -7.412  8.549   1.00 29.79 ? 107 TYR A CE2 1 
ATOM   749 C CZ  . TYR A 1 95  ? -10.265 -7.829  8.735   1.00 30.88 ? 107 TYR A CZ  1 
ATOM   750 O OH  . TYR A 1 95  ? -9.310  -6.895  9.052   1.00 28.20 ? 107 TYR A OH  1 
ATOM   751 N N   . ARG A 1 96  ? -14.188 -10.386 11.199  1.00 27.96 ? 108 ARG A N   1 
ATOM   752 C CA  . ARG A 1 96  ? -14.731 -9.456  12.181  1.00 30.82 ? 108 ARG A CA  1 
ATOM   753 C C   . ARG A 1 96  ? -13.667 -8.581  12.829  1.00 30.06 ? 108 ARG A C   1 
ATOM   754 O O   . ARG A 1 96  ? -12.922 -9.025  13.702  1.00 31.48 ? 108 ARG A O   1 
ATOM   755 C CB  . ARG A 1 96  ? -15.500 -10.223 13.261  1.00 31.54 ? 108 ARG A CB  1 
ATOM   756 C CG  . ARG A 1 96  ? -16.692 -11.002 12.716  1.00 36.64 ? 108 ARG A CG  1 
ATOM   757 C CD  . ARG A 1 96  ? -17.690 -10.060 12.070  1.00 42.62 ? 108 ARG A CD  1 
ATOM   758 N NE  . ARG A 1 96  ? -18.513 -10.722 11.061  1.00 50.62 ? 108 ARG A NE  1 
ATOM   759 C CZ  . ARG A 1 96  ? -19.170 -10.078 10.096  1.00 54.90 ? 108 ARG A CZ  1 
ATOM   760 N NH1 . ARG A 1 96  ? -19.096 -8.752  10.003  1.00 56.11 ? 108 ARG A NH1 1 
ATOM   761 N NH2 . ARG A 1 96  ? -19.901 -10.755 9.219   1.00 53.07 ? 108 ARG A NH2 1 
ATOM   762 N N   . LYS A 1 97  ? -13.613 -7.329  12.390  1.00 29.77 ? 109 LYS A N   1 
ATOM   763 C CA  . LYS A 1 97  ? -12.670 -6.339  12.910  1.00 29.20 ? 109 LYS A CA  1 
ATOM   764 C C   . LYS A 1 97  ? -12.660 -6.229  14.429  1.00 27.06 ? 109 LYS A C   1 
ATOM   765 O O   . LYS A 1 97  ? -11.617 -5.989  15.029  1.00 28.17 ? 109 LYS A O   1 
ATOM   766 C CB  . LYS A 1 97  ? -12.990 -4.954  12.326  1.00 32.88 ? 109 LYS A CB  1 
ATOM   767 C CG  . LYS A 1 97  ? -12.853 -4.882  10.818  1.00 39.81 ? 109 LYS A CG  1 
ATOM   768 C CD  . LYS A 1 97  ? -13.195 -3.499  10.261  1.00 43.03 ? 109 LYS A CD  1 
ATOM   769 C CE  . LYS A 1 97  ? -14.652 -3.119  10.487  1.00 45.91 ? 109 LYS A CE  1 
ATOM   770 N NZ  . LYS A 1 97  ? -14.927 -2.671  11.882  1.00 47.46 ? 109 LYS A NZ  1 
ATOM   771 N N   . ASN A 1 98  ? -13.822 -6.397  15.049  1.00 27.43 ? 110 ASN A N   1 
ATOM   772 C CA  . ASN A 1 98  ? -13.925 -6.284  16.504  1.00 30.74 ? 110 ASN A CA  1 
ATOM   773 C C   . ASN A 1 98  ? -13.925 -7.624  17.250  1.00 30.41 ? 110 ASN A C   1 
ATOM   774 O O   . ASN A 1 98  ? -13.669 -7.670  18.456  1.00 29.46 ? 110 ASN A O   1 
ATOM   775 C CB  . ASN A 1 98  ? -15.191 -5.503  16.895  1.00 30.31 ? 110 ASN A CB  1 
ATOM   776 C CG  . ASN A 1 98  ? -15.139 -4.039  16.474  1.00 35.83 ? 110 ASN A CG  1 
ATOM   777 O OD1 . ASN A 1 98  ? -14.224 -3.307  16.854  1.00 38.47 ? 110 ASN A OD1 1 
ATOM   778 N ND2 . ASN A 1 98  ? -16.126 -3.607  15.691  1.00 36.56 ? 110 ASN A ND2 1 
ATOM   779 N N   . GLU A 1 99  ? -14.240 -8.706  16.546  1.00 29.63 ? 111 GLU A N   1 
ATOM   780 C CA  . GLU A 1 99  ? -14.252 -10.028 17.166  1.00 29.35 ? 111 GLU A CA  1 
ATOM   781 C C   . GLU A 1 99  ? -13.350 -10.939 16.351  1.00 27.25 ? 111 GLU A C   1 
ATOM   782 O O   . GLU A 1 99  ? -13.806 -11.924 15.788  1.00 26.18 ? 111 GLU A O   1 
ATOM   783 C CB  . GLU A 1 99  ? -15.667 -10.620 17.186  1.00 29.51 ? 111 GLU A CB  1 
ATOM   784 C CG  . GLU A 1 99  ? -16.740 -9.827  17.924  1.00 34.24 ? 111 GLU A CG  1 
ATOM   785 C CD  . GLU A 1 99  ? -17.287 -8.658  17.115  1.00 40.56 ? 111 GLU A CD  1 
ATOM   786 O OE1 . GLU A 1 99  ? -17.521 -8.819  15.894  1.00 39.31 ? 111 GLU A OE1 1 
ATOM   787 O OE2 . GLU A 1 99  ? -17.501 -7.577  17.705  1.00 42.35 ? 111 GLU A OE2 1 
ATOM   788 N N   . PRO A 1 100 ? -12.051 -10.612 16.266  1.00 27.53 ? 112 PRO A N   1 
ATOM   789 C CA  . PRO A 1 100 ? -11.142 -11.459 15.483  1.00 27.34 ? 112 PRO A CA  1 
ATOM   790 C C   . PRO A 1 100 ? -11.193 -12.967 15.780  1.00 27.93 ? 112 PRO A C   1 
ATOM   791 O O   . PRO A 1 100 ? -10.805 -13.774 14.932  1.00 28.13 ? 112 PRO A O   1 
ATOM   792 C CB  . PRO A 1 100 ? -9.766  -10.833 15.743  1.00 27.83 ? 112 PRO A CB  1 
ATOM   793 C CG  . PRO A 1 100 ? -9.952  -10.086 17.077  1.00 28.11 ? 112 PRO A CG  1 
ATOM   794 C CD  . PRO A 1 100 ? -11.324 -9.517  16.937  1.00 27.63 ? 112 PRO A CD  1 
ATOM   795 N N   . GLU A 1 101 ? -11.686 -13.337 16.965  1.00 28.84 ? 113 GLU A N   1 
ATOM   796 C CA  . GLU A 1 101 ? -11.816 -14.747 17.358  1.00 28.71 ? 113 GLU A CA  1 
ATOM   797 C C   . GLU A 1 101 ? -12.746 -15.500 16.410  1.00 26.55 ? 113 GLU A C   1 
ATOM   798 O O   . GLU A 1 101 ? -12.670 -16.724 16.297  1.00 26.21 ? 113 GLU A O   1 
ATOM   799 C CB  . GLU A 1 101 ? -12.409 -14.894 18.769  1.00 29.34 ? 113 GLU A CB  1 
ATOM   800 C CG  . GLU A 1 101 ? -12.002 -13.840 19.770  1.00 37.74 ? 113 GLU A CG  1 
ATOM   801 C CD  . GLU A 1 101 ? -12.774 -12.548 19.608  1.00 32.42 ? 113 GLU A CD  1 
ATOM   802 O OE1 . GLU A 1 101 ? -13.960 -12.480 20.016  1.00 34.95 ? 113 GLU A OE1 1 
ATOM   803 O OE2 . GLU A 1 101 ? -12.186 -11.600 19.067  1.00 39.62 ? 113 GLU A OE2 1 
ATOM   804 N N   . HIS A 1 102 ? -13.653 -14.771 15.766  1.00 26.01 ? 114 HIS A N   1 
ATOM   805 C CA  . HIS A 1 102 ? -14.596 -15.375 14.832  1.00 26.14 ? 114 HIS A CA  1 
ATOM   806 C C   . HIS A 1 102 ? -14.082 -15.500 13.404  1.00 24.71 ? 114 HIS A C   1 
ATOM   807 O O   . HIS A 1 102 ? -14.770 -16.050 12.549  1.00 24.53 ? 114 HIS A O   1 
ATOM   808 C CB  . HIS A 1 102 ? -15.921 -14.599 14.819  1.00 27.55 ? 114 HIS A CB  1 
ATOM   809 C CG  . HIS A 1 102 ? -16.773 -14.839 16.029  1.00 32.92 ? 114 HIS A CG  1 
ATOM   810 N ND1 . HIS A 1 102 ? -16.524 -14.243 17.247  1.00 35.11 ? 114 HIS A ND1 1 
ATOM   811 C CD2 . HIS A 1 102 ? -17.846 -15.644 16.220  1.00 34.09 ? 114 HIS A CD2 1 
ATOM   812 C CE1 . HIS A 1 102 ? -17.403 -14.669 18.135  1.00 33.97 ? 114 HIS A CE1 1 
ATOM   813 N NE2 . HIS A 1 102 ? -18.217 -15.521 17.537  1.00 34.62 ? 114 HIS A NE2 1 
ATOM   814 N N   . ASN A 1 103 ? -12.892 -14.973 13.134  1.00 24.96 ? 115 ASN A N   1 
ATOM   815 C CA  . ASN A 1 103 ? -12.335 -15.059 11.781  1.00 24.11 ? 115 ASN A CA  1 
ATOM   816 C C   . ASN A 1 103 ? -12.232 -16.526 11.318  1.00 23.40 ? 115 ASN A C   1 
ATOM   817 O O   . ASN A 1 103 ? -11.839 -17.395 12.092  1.00 21.16 ? 115 ASN A O   1 
ATOM   818 C CB  . ASN A 1 103 ? -10.934 -14.407 11.722  1.00 21.21 ? 115 ASN A CB  1 
ATOM   819 C CG  . ASN A 1 103 ? -10.986 -12.867 11.707  1.00 25.04 ? 115 ASN A CG  1 
ATOM   820 O OD1 . ASN A 1 103 ? -12.057 -12.271 11.820  1.00 18.21 ? 115 ASN A OD1 1 
ATOM   821 N ND2 . ASN A 1 103 ? -9.821  -12.228 11.570  1.00 19.04 ? 115 ASN A ND2 1 
ATOM   822 N N   . VAL A 1 104 ? -12.627 -16.788 10.069  1.00 24.12 ? 116 VAL A N   1 
ATOM   823 C CA  . VAL A 1 104 ? -12.547 -18.125 9.459   1.00 22.93 ? 116 VAL A CA  1 
ATOM   824 C C   . VAL A 1 104 ? -11.745 -17.894 8.173   1.00 22.62 ? 116 VAL A C   1 
ATOM   825 O O   . VAL A 1 104 ? -12.239 -17.294 7.218   1.00 19.37 ? 116 VAL A O   1 
ATOM   826 C CB  . VAL A 1 104 ? -13.953 -18.687 9.124   1.00 23.99 ? 116 VAL A CB  1 
ATOM   827 C CG1 . VAL A 1 104 ? -13.837 -19.945 8.245   1.00 24.06 ? 116 VAL A CG1 1 
ATOM   828 C CG2 . VAL A 1 104 ? -14.692 -19.028 10.425  1.00 20.23 ? 116 VAL A CG2 1 
ATOM   829 N N   . ALA A 1 105 ? -10.502 -18.363 8.151   1.00 22.26 ? 117 ALA A N   1 
ATOM   830 C CA  . ALA A 1 105 ? -9.650  -18.118 6.993   1.00 24.21 ? 117 ALA A CA  1 
ATOM   831 C C   . ALA A 1 105 ? -8.850  -19.295 6.459   1.00 25.40 ? 117 ALA A C   1 
ATOM   832 O O   . ALA A 1 105 ? -8.433  -20.185 7.217   1.00 23.72 ? 117 ALA A O   1 
ATOM   833 C CB  . ALA A 1 105 ? -8.694  -16.966 7.310   1.00 24.48 ? 117 ALA A CB  1 
ATOM   834 N N   . TYR A 1 106 ? -8.621  -19.261 5.146   1.00 24.60 ? 118 TYR A N   1 
ATOM   835 C CA  . TYR A 1 106 ? -7.864  -20.290 4.459   1.00 24.36 ? 118 TYR A CA  1 
ATOM   836 C C   . TYR A 1 106 ? -6.823  -19.721 3.492   1.00 27.91 ? 118 TYR A C   1 
ATOM   837 O O   . TYR A 1 106 ? -7.113  -18.819 2.688   1.00 28.39 ? 118 TYR A O   1 
ATOM   838 C CB  . TYR A 1 106 ? -8.799  -21.225 3.669   1.00 24.68 ? 118 TYR A CB  1 
ATOM   839 C CG  . TYR A 1 106 ? -9.735  -22.042 4.523   1.00 21.02 ? 118 TYR A CG  1 
ATOM   840 C CD1 . TYR A 1 106 ? -10.920 -21.490 5.014   1.00 21.62 ? 118 TYR A CD1 1 
ATOM   841 C CD2 . TYR A 1 106 ? -9.424  -23.362 4.864   1.00 17.89 ? 118 TYR A CD2 1 
ATOM   842 C CE1 . TYR A 1 106 ? -11.783 -22.225 5.824   1.00 24.25 ? 118 TYR A CE1 1 
ATOM   843 C CE2 . TYR A 1 106 ? -10.279 -24.119 5.687   1.00 23.82 ? 118 TYR A CE2 1 
ATOM   844 C CZ  . TYR A 1 106 ? -11.462 -23.539 6.160   1.00 23.79 ? 118 TYR A CZ  1 
ATOM   845 O OH  . TYR A 1 106 ? -12.330 -24.258 6.952   1.00 29.45 ? 118 TYR A OH  1 
ATOM   846 N N   . LEU A 1 107 ? -5.610  -20.257 3.586   1.00 25.74 ? 119 LEU A N   1 
ATOM   847 C CA  . LEU A 1 107 ? -4.531  -19.874 2.700   1.00 28.53 ? 119 LEU A CA  1 
ATOM   848 C C   . LEU A 1 107 ? -4.747  -20.648 1.398   1.00 28.83 ? 119 LEU A C   1 
ATOM   849 O O   . LEU A 1 107 ? -5.042  -21.847 1.418   1.00 25.99 ? 119 LEU A O   1 
ATOM   850 C CB  . LEU A 1 107 ? -3.184  -20.263 3.309   1.00 30.62 ? 119 LEU A CB  1 
ATOM   851 C CG  . LEU A 1 107 ? -1.971  -20.232 2.372   1.00 35.02 ? 119 LEU A CG  1 
ATOM   852 C CD1 . LEU A 1 107 ? -1.702  -18.813 1.887   1.00 36.62 ? 119 LEU A CD1 1 
ATOM   853 C CD2 . LEU A 1 107 ? -0.762  -20.775 3.109   1.00 34.12 ? 119 LEU A CD2 1 
ATOM   854 N N   . TYR A 1 108 ? -4.627  -19.960 0.270   1.00 29.63 ? 120 TYR A N   1 
ATOM   855 C CA  . TYR A 1 108 ? -4.795  -20.609 -1.024  1.00 29.92 ? 120 TYR A CA  1 
ATOM   856 C C   . TYR A 1 108 ? -3.429  -20.778 -1.684  1.00 31.14 ? 120 TYR A C   1 
ATOM   857 O O   . TYR A 1 108 ? -2.610  -19.850 -1.691  1.00 29.46 ? 120 TYR A O   1 
ATOM   858 C CB  . TYR A 1 108 ? -5.700  -19.781 -1.948  1.00 29.44 ? 120 TYR A CB  1 
ATOM   859 C CG  . TYR A 1 108 ? -5.665  -20.269 -3.385  1.00 30.90 ? 120 TYR A CG  1 
ATOM   860 C CD1 . TYR A 1 108 ? -6.227  -21.497 -3.737  1.00 31.10 ? 120 TYR A CD1 1 
ATOM   861 C CD2 . TYR A 1 108 ? -4.971  -19.559 -4.365  1.00 27.91 ? 120 TYR A CD2 1 
ATOM   862 C CE1 . TYR A 1 108 ? -6.087  -22.014 -5.029  1.00 35.25 ? 120 TYR A CE1 1 
ATOM   863 C CE2 . TYR A 1 108 ? -4.824  -20.064 -5.662  1.00 31.44 ? 120 TYR A CE2 1 
ATOM   864 C CZ  . TYR A 1 108 ? -5.380  -21.293 -5.984  1.00 34.53 ? 120 TYR A CZ  1 
ATOM   865 O OH  . TYR A 1 108 ? -5.210  -21.824 -7.241  1.00 36.20 ? 120 TYR A OH  1 
ATOM   866 N N   . GLU A 1 109 ? -3.183  -21.962 -2.228  1.00 31.95 ? 121 GLU A N   1 
ATOM   867 C CA  . GLU A 1 109 ? -1.924  -22.222 -2.902  1.00 37.04 ? 121 GLU A CA  1 
ATOM   868 C C   . GLU A 1 109 ? -2.170  -23.019 -4.177  1.00 40.62 ? 121 GLU A C   1 
ATOM   869 O O   . GLU A 1 109 ? -2.902  -24.011 -4.184  1.00 36.63 ? 121 GLU A O   1 
ATOM   870 C CB  . GLU A 1 109 ? -0.955  -22.964 -1.969  1.00 39.46 ? 121 GLU A CB  1 
ATOM   871 C CG  . GLU A 1 109 ? -0.560  -22.157 -0.730  1.00 43.55 ? 121 GLU A CG  1 
ATOM   872 C CD  . GLU A 1 109 ? 0.478   -22.847 0.144   1.00 44.44 ? 121 GLU A CD  1 
ATOM   873 O OE1 . GLU A 1 109 ? 0.254   -24.006 0.538   1.00 46.18 ? 121 GLU A OE1 1 
ATOM   874 O OE2 . GLU A 1 109 ? 1.517   -22.227 0.447   1.00 44.85 ? 121 GLU A OE2 1 
ATOM   875 N N   . SER A 1 110 ? -1.559  -22.562 -5.263  1.00 45.11 ? 122 SER A N   1 
ATOM   876 C CA  . SER A 1 110 ? -1.698  -23.223 -6.549  1.00 50.15 ? 122 SER A CA  1 
ATOM   877 C C   . SER A 1 110 ? -0.739  -24.399 -6.667  1.00 52.59 ? 122 SER A C   1 
ATOM   878 O O   . SER A 1 110 ? 0.380   -24.355 -6.160  1.00 53.38 ? 122 SER A O   1 
ATOM   879 C CB  . SER A 1 110 ? -1.425  -22.238 -7.683  1.00 49.39 ? 122 SER A CB  1 
ATOM   880 O OG  . SER A 1 110 ? -1.526  -22.878 -8.940  1.00 49.90 ? 122 SER A OG  1 
ATOM   881 N N   . LEU A 1 111 ? -1.195  -25.448 -7.339  1.00 57.29 ? 123 LEU A N   1 
ATOM   882 C CA  . LEU A 1 111 ? -0.394  -26.645 -7.561  1.00 63.18 ? 123 LEU A CA  1 
ATOM   883 C C   . LEU A 1 111 ? 0.119   -26.646 -9.003  1.00 66.48 ? 123 LEU A C   1 
ATOM   884 O O   . LEU A 1 111 ? -0.153  -27.558 -9.783  1.00 67.04 ? 123 LEU A O   1 
ATOM   885 C CB  . LEU A 1 111 ? -1.241  -27.890 -7.287  1.00 62.81 ? 123 LEU A CB  1 
ATOM   886 C CG  . LEU A 1 111 ? -1.789  -27.970 -5.858  1.00 62.67 ? 123 LEU A CG  1 
ATOM   887 C CD1 . LEU A 1 111 ? -2.880  -29.015 -5.781  1.00 63.11 ? 123 LEU A CD1 1 
ATOM   888 C CD2 . LEU A 1 111 ? -0.662  -28.293 -4.893  1.00 62.46 ? 123 LEU A CD2 1 
ATOM   889 N N   . SER A 1 112 ? 0.855   -25.592 -9.338  1.00 70.89 ? 124 SER A N   1 
ATOM   890 C CA  . SER A 1 112 ? 1.436   -25.402 -10.664 1.00 74.69 ? 124 SER A CA  1 
ATOM   891 C C   . SER A 1 112 ? 2.602   -24.429 -10.489 1.00 77.30 ? 124 SER A C   1 
ATOM   892 O O   . SER A 1 112 ? 3.771   -24.819 -10.544 1.00 77.52 ? 124 SER A O   1 
ATOM   893 C CB  . SER A 1 112 ? 0.391   -24.809 -11.614 1.00 74.71 ? 124 SER A CB  1 
ATOM   894 O OG  . SER A 1 112 ? 0.921   -24.606 -12.911 1.00 75.72 ? 124 SER A OG  1 
ATOM   895 N N   . GLU A 1 113 ? 2.266   -23.161 -10.262 1.00 79.82 ? 125 GLU A N   1 
ATOM   896 C CA  . GLU A 1 113 ? 3.260   -22.113 -10.054 1.00 82.41 ? 125 GLU A CA  1 
ATOM   897 C C   . GLU A 1 113 ? 2.822   -21.248 -8.870  1.00 83.62 ? 125 GLU A C   1 
ATOM   898 O O   . GLU A 1 113 ? 3.578   -21.178 -7.874  1.00 84.24 ? 125 GLU A O   1 
ATOM   899 C CB  . GLU A 1 113 ? 3.393   -21.238 -11.309 1.00 82.81 ? 125 GLU A CB  1 
ATOM   900 C CG  . GLU A 1 113 ? 3.931   -21.957 -12.542 1.00 82.73 ? 125 GLU A CG  1 
ATOM   901 C CD  . GLU A 1 113 ? 5.404   -22.313 -12.428 1.00 83.25 ? 125 GLU A CD  1 
ATOM   902 O OE1 . GLU A 1 113 ? 6.232   -21.386 -12.275 1.00 81.37 ? 125 GLU A OE1 1 
ATOM   903 O OE2 . GLU A 1 113 ? 5.731   -23.519 -12.495 1.00 82.92 ? 125 GLU A OE2 1 
HETATM 904 W W   . WO4 B 2 .   ? 14.246  5.830   -15.097 0.47 71.17 ? 201 WO4 A W   1 
HETATM 905 O O1  . WO4 B 2 .   ? 14.496  5.749   -13.377 0.47 70.45 ? 201 WO4 A O1  1 
HETATM 906 O O2  . WO4 B 2 .   ? 15.761  5.575   -15.909 0.47 70.30 ? 201 WO4 A O2  1 
HETATM 907 O O3  . WO4 B 2 .   ? 13.625  7.385   -15.511 0.47 70.97 ? 201 WO4 A O3  1 
HETATM 908 O O4  . WO4 B 2 .   ? 13.104  4.612   -15.589 0.47 70.46 ? 201 WO4 A O4  1 
HETATM 909 O O   . HOH C 3 .   ? -11.159 -3.443  15.545  1.00 30.00 ? 202 HOH A O   1 
HETATM 910 O O   . HOH C 3 .   ? -9.659  -19.287 10.587  1.00 30.35 ? 203 HOH A O   1 
HETATM 911 O O   . HOH C 3 .   ? -2.125  -11.656 -5.003  1.00 33.53 ? 204 HOH A O   1 
HETATM 912 O O   . HOH C 3 .   ? 15.676  16.425  -9.303  1.00 31.42 ? 205 HOH A O   1 
HETATM 913 O O   . HOH C 3 .   ? 12.554  17.713  -2.936  1.00 37.36 ? 206 HOH A O   1 
HETATM 914 O O   . HOH C 3 .   ? -19.760 -8.521  13.909  1.00 48.63 ? 207 HOH A O   1 
HETATM 915 O O   . HOH C 3 .   ? -7.586  -13.922 11.672  1.00 31.03 ? 208 HOH A O   1 
HETATM 916 O O   . HOH C 3 .   ? -9.186  20.226  -7.136  1.00 38.41 ? 209 HOH A O   1 
HETATM 917 O O   . HOH C 3 .   ? -16.736 -6.798  14.021  1.00 33.82 ? 210 HOH A O   1 
HETATM 918 O O   . HOH C 3 .   ? -17.588 -11.608 7.916   1.00 41.64 ? 211 HOH A O   1 
HETATM 919 O O   . HOH C 3 .   ? 14.029  14.656  -1.160  1.00 35.31 ? 212 HOH A O   1 
HETATM 920 O O   . HOH C 3 .   ? -1.019  -8.871  5.596   1.00 34.25 ? 213 HOH A O   1 
HETATM 921 O O   . HOH C 3 .   ? 21.832  18.677  -6.105  1.00 48.61 ? 214 HOH A O   1 
HETATM 922 O O   . HOH C 3 .   ? -18.904 -13.603 6.535   1.00 31.29 ? 215 HOH A O   1 
HETATM 923 O O   . HOH C 3 .   ? -15.404 -6.792  10.092  1.00 33.59 ? 216 HOH A O   1 
HETATM 924 O O   . HOH C 3 .   ? 17.836  14.852  -9.223  1.00 36.71 ? 217 HOH A O   1 
HETATM 925 O O   . HOH C 3 .   ? 7.585   -2.957  -6.543  1.00 44.68 ? 218 HOH A O   1 
HETATM 926 O O   . HOH C 3 .   ? 1.865   -27.765 -12.688 1.00 43.75 ? 219 HOH A O   1 
HETATM 927 O O   . HOH C 3 .   ? -4.415  -17.622 -10.700 1.00 34.81 ? 220 HOH A O   1 
HETATM 928 O O   . HOH C 3 .   ? 19.711  11.363  -7.339  1.00 43.41 ? 221 HOH A O   1 
HETATM 929 O O   . HOH C 3 .   ? 0.485   5.615   -14.555 1.00 45.09 ? 222 HOH A O   1 
HETATM 930 O O   . HOH C 3 .   ? -5.311  -12.963 10.732  1.00 47.47 ? 223 HOH A O   1 
HETATM 931 O O   . HOH C 3 .   ? 13.991  12.319  0.735   1.00 26.70 ? 224 HOH A O   1 
HETATM 932 O O   . HOH C 3 .   ? 1.582   -19.418 0.669   1.00 56.15 ? 225 HOH A O   1 
HETATM 933 O O   . HOH C 3 .   ? 14.406  5.831   -18.424 1.00 53.76 ? 226 HOH A O   1 
HETATM 934 O O   . HOH C 3 .   ? 11.569  0.695   -11.305 1.00 40.74 ? 227 HOH A O   1 
HETATM 935 O O   . HOH C 3 .   ? 2.587   2.425   21.775  1.00 53.97 ? 228 HOH A O   1 
HETATM 936 O O   . HOH C 3 .   ? 10.194  4.271   9.852   1.00 40.24 ? 229 HOH A O   1 
HETATM 937 O O   . HOH C 3 .   ? -0.744  -17.729 -8.912  1.00 43.40 ? 230 HOH A O   1 
HETATM 938 O O   . HOH C 3 .   ? 16.851  11.608  0.298   1.00 40.19 ? 231 HOH A O   1 
HETATM 939 O O   . HOH C 3 .   ? -16.849 -17.768 13.052  1.00 31.21 ? 232 HOH A O   1 
HETATM 940 O O   . HOH C 3 .   ? -11.951 -11.071 -11.648 1.00 38.01 ? 233 HOH A O   1 
HETATM 941 O O   . HOH C 3 .   ? -7.269  -7.220  -7.469  1.00 45.01 ? 234 HOH A O   1 
HETATM 942 O O   . HOH C 3 .   ? 5.787   -3.152  11.028  1.00 41.98 ? 235 HOH A O   1 
HETATM 943 O O   . HOH C 3 .   ? 5.241   9.560   -9.693  1.00 41.76 ? 236 HOH A O   1 
HETATM 944 O O   . HOH C 3 .   ? -16.663 -12.679 20.844  1.00 52.70 ? 237 HOH A O   1 
HETATM 945 O O   . HOH C 3 .   ? 18.561  3.934   -15.141 1.00 43.93 ? 238 HOH A O   1 
HETATM 946 O O   . HOH C 3 .   ? 11.417  -2.844  6.311   1.00 61.12 ? 239 HOH A O   1 
HETATM 947 O O   . HOH C 3 .   ? -0.787  8.239   -13.323 1.00 47.00 ? 240 HOH A O   1 
HETATM 948 O O   . HOH C 3 .   ? 2.497   -14.720 -3.869  1.00 70.80 ? 241 HOH A O   1 
HETATM 949 O O   . HOH C 3 .   ? -7.076  18.311  -7.645  1.00 44.71 ? 242 HOH A O   1 
HETATM 950 O O   . HOH C 3 .   ? -1.852  -13.490 1.886   1.00 37.38 ? 243 HOH A O   1 
HETATM 951 O O   . HOH C 3 .   ? 7.151   15.467  5.662   1.00 53.35 ? 244 HOH A O   1 
HETATM 952 O O   . HOH C 3 .   ? -9.646  -16.811 14.150  1.00 52.95 ? 245 HOH A O   1 
HETATM 953 O O   . HOH C 3 .   ? 7.920   16.586  -6.084  1.00 45.42 ? 246 HOH A O   1 
HETATM 954 O O   . HOH C 3 .   ? 6.477   -1.665  20.848  1.00 64.25 ? 247 HOH A O   1 
HETATM 955 O O   . HOH C 3 .   ? 3.242   -16.782 -5.433  1.00 42.54 ? 248 HOH A O   1 
HETATM 956 O O   . HOH C 3 .   ? -8.102  -13.649 14.301  1.00 51.00 ? 249 HOH A O   1 
HETATM 957 O O   . HOH C 3 .   ? 10.756  15.850  1.797   1.00 44.07 ? 250 HOH A O   1 
HETATM 958 O O   . HOH C 3 .   ? -12.170 -3.827  18.712  1.00 63.11 ? 251 HOH A O   1 
HETATM 959 O O   . HOH C 3 .   ? 21.399  0.287   -6.228  1.00 47.84 ? 252 HOH A O   1 
HETATM 960 O O   . HOH C 3 .   ? -6.415  15.740  10.358  1.00 60.46 ? 253 HOH A O   1 
HETATM 961 O O   . HOH C 3 .   ? -19.821 -5.657  17.035  1.00 43.04 ? 254 HOH A O   1 
HETATM 962 O O   . HOH C 3 .   ? -7.753  9.609   -4.631  1.00 51.86 ? 255 HOH A O   1 
HETATM 963 O O   . HOH C 3 .   ? 3.227   20.962  1.242   1.00 59.00 ? 256 HOH A O   1 
HETATM 964 O O   . HOH C 3 .   ? -6.950  -7.664  10.258  1.00 39.07 ? 257 HOH A O   1 
HETATM 965 O O   . HOH C 3 .   ? 6.368   -0.356  11.202  1.00 61.71 ? 258 HOH A O   1 
HETATM 966 O O   . HOH C 3 .   ? -5.688  -10.300 7.717   1.00 33.21 ? 259 HOH A O   1 
HETATM 967 O O   . HOH C 3 .   ? 3.568   0.186   20.724  1.00 41.72 ? 260 HOH A O   1 
HETATM 968 O O   . HOH C 3 .   ? 2.859   -23.820 -5.343  1.00 49.84 ? 261 HOH A O   1 
HETATM 969 O O   . HOH C 3 .   ? 5.624   -19.521 -7.579  1.00 61.53 ? 262 HOH A O   1 
HETATM 970 O O   . HOH C 3 .   ? 9.120   13.471  8.039   1.00 60.27 ? 263 HOH A O   1 
HETATM 971 O O   . HOH C 3 .   ? -15.330 -7.289  -10.463 1.00 49.46 ? 264 HOH A O   1 
# 
